data_4ELM
#
_entry.id   4ELM
#
_cell.length_a   98.514
_cell.length_b   126.996
_cell.length_c   104.349
_cell.angle_alpha   90.00
_cell.angle_beta   110.53
_cell.angle_gamma   90.00
#
_symmetry.space_group_name_H-M   'P 1 21 1'
#
loop_
_entity.id
_entity.type
_entity.pdbx_description
1 polymer 'Antigen-presenting glycoprotein CD1d1'
2 polymer 'Beta-2 microglobulin'
3 polymer 'Hy19.3 TCR alpha chain (mouse variable domain, human constant domain)'
4 polymer 'Hy19.3 TCR beta chain (mouse variable domain, human constant domain)'
5 branched 2-acetamido-2-deoxy-beta-D-glucopyranose-(1-4)-2-acetamido-2-deoxy-beta-D-glucopyranose
6 branched beta-D-mannopyranose-(1-4)-2-acetamido-2-deoxy-beta-D-glucopyranose-(1-4)-[alpha-L-fucopyranose-(1-6)]2-acetamido-2-deoxy-beta-D-glucopyranose
7 non-polymer 2-acetamido-2-deoxy-beta-D-glucopyranose
8 non-polymer '(2S,3R,4E)-2-amino-3-hydroxyoctadec-4-en-1-yl 3-O-sulfo-beta-D-galactopyranoside'
9 non-polymer 'PALMITIC ACID'
#
loop_
_entity_poly.entity_id
_entity_poly.type
_entity_poly.pdbx_seq_one_letter_code
_entity_poly.pdbx_strand_id
1 'polypeptide(L)'
;SEAQQKNYTFRCLQMSSFANRSWSRTDSVVWLGDLQTHRWSNDSATISFTKPWSQGKLSNQQWEKLQHMFQVYRVSFTRD
IQELVKMMSPKEDYPIEIQLSAGCEMYPGNASESFLHVAFQGKYVVRFWGTSWQTVPGAPSWLDLPIKVLNADQGTSATV
QMLLNDTCPLFVRGLLEAGKSDLEKQEKPVAWLSSVPSSAHGHRQLVCHVSGFYPKPVWVMWMRGDQEQQGTHRGDFLPN
ADETWYLQATLDVEAGEEAGLACRVKHSSLGGQDIILYWHHHHHH
;
A,C
2 'polypeptide(L)'
;IQKTPQIQVYSRHPPENGKPNILNCYVTQFHPPHIEIQMLKNGKKIPKVEMSDMSFSKDWSFYILAHTEFTPTETDTYAC
RVKHASMAEPKTVYWDRDM
;
B,D
3 'polypeptide(L)'
;MQQKVQQSPESLSVPEGGMASLNCTSSDRNFQYFWWYRQHSGEGPKALMSIFSDGDKKEGRFTAHLNKASLHVSLHIRDS
QPSDSALYFCAASEQNNYAQGLTFGLGTRVSVFPYIQNPDPAVYQLRDSKSSDKSVCLFTDFDSQTNVSQSKDSDVYITD
KCVLDMRSMDFKSNSAVAWSNKSDFACANAFNNSIIPEDTFFPSPESS
;
E,G
4 'polypeptide(L)'
;MGPKVLQIPSHQIIDMGQMVTLNCDPVSNHLYFYWYKQILGQQMEFLVNFYNGKVMEKSKLFKDQFSVERPDGSYFTLKI
QPTALEDSAVYFCASSFWGAYAEQFFGPGTRLTVLEDLRNVTPPKVSLFEPSKAEISHTQKATLVCLATGFYPDHVELSW
WVNGKEVHSGVCTDPQPLKEQPALNDSRYSLSSRLRVSATFWQNPRNHFRCQVQFYGLSENDEWTQDRAKPVTQIVSAEA
WGRA
;
F,H
#
loop_
_chem_comp.id
_chem_comp.type
_chem_comp.name
_chem_comp.formula
BMA D-saccharide, beta linking beta-D-mannopyranose 'C6 H12 O6'
FUC L-saccharide, alpha linking alpha-L-fucopyranose 'C6 H12 O5'
NAG D-saccharide, beta linking 2-acetamido-2-deoxy-beta-D-glucopyranose 'C8 H15 N O6'
PLM non-polymer 'PALMITIC ACID' 'C16 H32 O2'
SGF non-polymer '(2S,3R,4E)-2-amino-3-hydroxyoctadec-4-en-1-yl 3-O-sulfo-beta-D-galactopyranoside' 'C24 H47 N O10 S'
#
# COMPACT_ATOMS: atom_id res chain seq x y z
N ASN A 7 -4.66 -11.15 3.46
CA ASN A 7 -5.07 -12.12 2.41
C ASN A 7 -4.27 -13.43 2.47
N TYR A 8 -4.97 -14.55 2.56
CA TYR A 8 -4.32 -15.85 2.74
C TYR A 8 -4.52 -16.79 1.56
N THR A 9 -3.45 -17.47 1.17
CA THR A 9 -3.53 -18.51 0.14
C THR A 9 -3.33 -19.89 0.76
N PHE A 10 -4.39 -20.69 0.67
CA PHE A 10 -4.37 -22.09 1.07
C PHE A 10 -3.76 -22.89 -0.07
N ARG A 11 -2.82 -23.77 0.26
CA ARG A 11 -2.08 -24.51 -0.77
C ARG A 11 -1.84 -25.97 -0.40
N CYS A 12 -2.48 -26.87 -1.15
CA CYS A 12 -2.16 -28.31 -1.12
C CYS A 12 -1.15 -28.64 -2.22
N LEU A 13 0.07 -29.00 -1.84
CA LEU A 13 1.11 -29.35 -2.80
C LEU A 13 1.35 -30.84 -2.82
N GLN A 14 1.25 -31.44 -4.00
CA GLN A 14 1.43 -32.88 -4.14
C GLN A 14 2.66 -33.20 -4.99
N MET A 15 3.54 -34.03 -4.43
CA MET A 15 4.79 -34.39 -5.09
C MET A 15 4.80 -35.87 -5.40
N SER A 16 4.73 -36.22 -6.68
CA SER A 16 4.69 -37.61 -7.11
C SER A 16 5.87 -37.96 -8.01
N SER A 17 6.57 -39.03 -7.65
CA SER A 17 7.72 -39.51 -8.42
C SER A 17 7.45 -40.89 -9.02
N PHE A 18 7.93 -41.08 -10.24
CA PHE A 18 7.81 -42.35 -10.94
C PHE A 18 9.15 -42.75 -11.55
N ALA A 19 9.90 -43.59 -10.85
CA ALA A 19 11.22 -44.00 -11.30
C ALA A 19 11.13 -45.03 -12.41
N ASN A 20 10.30 -46.05 -12.19
CA ASN A 20 10.03 -47.11 -13.17
C ASN A 20 8.63 -47.69 -12.92
N ARG A 21 8.31 -48.79 -13.59
CA ARG A 21 7.13 -49.56 -13.23
C ARG A 21 7.47 -50.34 -11.97
N SER A 22 6.66 -50.14 -10.93
CA SER A 22 6.84 -50.75 -9.59
C SER A 22 7.26 -49.71 -8.54
N TRP A 23 8.20 -48.83 -8.89
CA TRP A 23 8.67 -47.83 -7.94
C TRP A 23 8.06 -46.47 -8.16
N SER A 24 7.28 -46.04 -7.16
CA SER A 24 6.58 -44.76 -7.19
C SER A 24 6.24 -44.32 -5.78
N ARG A 25 6.20 -43.00 -5.56
CA ARG A 25 5.84 -42.46 -4.24
C ARG A 25 5.19 -41.09 -4.35
N THR A 26 4.08 -40.92 -3.64
CA THR A 26 3.38 -39.64 -3.62
C THR A 26 3.44 -39.06 -2.20
N ASP A 27 4.03 -37.88 -2.08
CA ASP A 27 4.08 -37.16 -0.83
C ASP A 27 3.36 -35.83 -0.99
N SER A 28 2.79 -35.32 0.10
CA SER A 28 2.04 -34.06 0.06
C SER A 28 2.12 -33.23 1.34
N VAL A 29 2.07 -31.91 1.19
CA VAL A 29 2.08 -30.95 2.30
C VAL A 29 1.06 -29.85 2.07
N VAL A 30 0.33 -29.47 3.13
CA VAL A 30 -0.69 -28.42 3.04
C VAL A 30 -0.28 -27.15 3.78
N TRP A 31 -0.34 -26.01 3.07
CA TRP A 31 0.06 -24.73 3.62
C TRP A 31 -1.08 -23.76 3.65
N LEU A 32 -1.29 -23.14 4.82
CA LEU A 32 -2.13 -21.94 4.93
C LEU A 32 -1.19 -20.77 5.14
N GLY A 33 -1.15 -19.87 4.16
CA GLY A 33 -0.16 -18.82 4.13
C GLY A 33 1.21 -19.45 4.20
N ASP A 34 1.96 -19.07 5.23
CA ASP A 34 3.34 -19.52 5.39
C ASP A 34 3.47 -20.59 6.47
N LEU A 35 2.35 -21.14 6.92
CA LEU A 35 2.36 -22.17 7.96
C LEU A 35 1.90 -23.51 7.44
N GLN A 36 2.60 -24.57 7.85
CA GLN A 36 2.22 -25.91 7.46
C GLN A 36 1.06 -26.38 8.33
N THR A 37 0.07 -27.02 7.71
CA THR A 37 -1.05 -27.58 8.44
C THR A 37 -1.16 -29.11 8.29
N HIS A 38 -0.82 -29.63 7.13
CA HIS A 38 -0.89 -31.07 6.91
C HIS A 38 0.34 -31.61 6.23
N ARG A 39 0.66 -32.86 6.54
CA ARG A 39 1.61 -33.65 5.75
C ARG A 39 1.01 -35.03 5.44
N TRP A 40 1.35 -35.58 4.29
CA TRP A 40 0.87 -36.90 3.92
C TRP A 40 1.86 -37.67 3.11
N SER A 41 2.67 -38.46 3.82
CA SER A 41 3.73 -39.25 3.23
C SER A 41 3.19 -40.44 2.42
N ASN A 42 4.01 -40.98 1.52
CA ASN A 42 3.63 -42.20 0.81
C ASN A 42 3.40 -43.32 1.80
N ASP A 43 4.09 -43.23 2.92
CA ASP A 43 4.12 -44.27 3.94
C ASP A 43 2.85 -44.36 4.78
N SER A 44 2.21 -43.21 5.01
CA SER A 44 1.07 -43.13 5.94
C SER A 44 -0.26 -43.42 5.27
N ALA A 45 -1.13 -44.08 6.02
CA ALA A 45 -2.49 -44.37 5.57
C ALA A 45 -3.41 -43.15 5.72
N THR A 46 -3.24 -42.40 6.81
CA THR A 46 -4.01 -41.17 7.06
C THR A 46 -3.15 -39.93 6.85
N ILE A 47 -3.80 -38.82 6.52
CA ILE A 47 -3.15 -37.51 6.54
C ILE A 47 -2.91 -37.13 8.00
N SER A 48 -1.73 -36.57 8.28
CA SER A 48 -1.38 -36.15 9.63
C SER A 48 -1.65 -34.66 9.78
N PHE A 49 -2.03 -34.23 10.98
CA PHE A 49 -2.10 -32.79 11.30
C PHE A 49 -0.77 -32.33 11.87
N THR A 50 -0.26 -31.20 11.40
CA THR A 50 0.94 -30.61 11.98
C THR A 50 0.57 -29.63 13.08
N LYS A 51 -0.54 -28.93 12.89
CA LYS A 51 -1.05 -28.03 13.89
C LYS A 51 -2.15 -28.70 14.71
N PRO A 52 -2.40 -28.22 15.95
CA PRO A 52 -3.57 -28.63 16.73
C PRO A 52 -4.92 -28.25 16.09
N TRP A 53 -4.90 -27.33 15.13
CA TRP A 53 -6.15 -26.83 14.54
C TRP A 53 -6.34 -27.20 13.09
N SER A 54 -5.55 -28.13 12.59
CA SER A 54 -5.57 -28.47 11.16
C SER A 54 -6.89 -29.05 10.67
N GLN A 55 -7.74 -29.50 11.60
CA GLN A 55 -9.04 -30.03 11.21
C GLN A 55 -10.03 -28.91 10.90
N GLY A 56 -9.67 -27.69 11.29
CA GLY A 56 -10.51 -26.51 11.07
C GLY A 56 -11.77 -26.58 11.91
N LYS A 57 -12.91 -26.42 11.24
CA LYS A 57 -14.19 -26.50 11.90
C LYS A 57 -15.04 -27.61 11.29
N LEU A 58 -14.42 -28.50 10.51
CA LEU A 58 -15.09 -29.72 10.03
C LEU A 58 -15.33 -30.66 11.18
N SER A 59 -16.45 -31.37 11.15
CA SER A 59 -16.71 -32.38 12.17
C SER A 59 -15.80 -33.55 11.94
N ASN A 60 -15.77 -34.50 12.87
CA ASN A 60 -14.99 -35.72 12.70
C ASN A 60 -15.43 -36.55 11.50
N GLN A 61 -16.75 -36.70 11.35
CA GLN A 61 -17.34 -37.40 10.21
C GLN A 61 -17.05 -36.63 8.90
N GLN A 62 -17.28 -35.32 8.92
CA GLN A 62 -16.94 -34.42 7.81
C GLN A 62 -15.56 -34.74 7.25
N TRP A 63 -14.60 -34.87 8.17
CA TRP A 63 -13.19 -35.08 7.84
C TRP A 63 -12.89 -36.48 7.43
N GLU A 64 -13.42 -37.46 8.17
CA GLU A 64 -13.16 -38.86 7.89
C GLU A 64 -13.61 -39.26 6.48
N LYS A 65 -14.74 -38.71 6.03
CA LYS A 65 -15.27 -38.90 4.67
C LYS A 65 -14.35 -38.31 3.61
N LEU A 66 -13.82 -37.12 3.92
CA LEU A 66 -12.86 -36.42 3.07
C LEU A 66 -11.50 -37.16 3.03
N GLN A 67 -11.08 -37.66 4.19
CA GLN A 67 -9.88 -38.50 4.34
C GLN A 67 -9.90 -39.72 3.43
N HIS A 68 -11.09 -40.34 3.29
CA HIS A 68 -11.27 -41.51 2.44
C HIS A 68 -11.15 -41.18 0.99
N MET A 69 -11.83 -40.12 0.58
CA MET A 69 -11.80 -39.65 -0.81
C MET A 69 -10.37 -39.46 -1.37
N PHE A 70 -9.46 -38.94 -0.53
CA PHE A 70 -8.09 -38.75 -0.95
C PHE A 70 -7.30 -40.04 -0.99
N GLN A 71 -7.66 -40.99 -0.13
CA GLN A 71 -7.03 -42.30 -0.16
C GLN A 71 -7.37 -42.99 -1.47
N VAL A 72 -8.65 -42.90 -1.83
CA VAL A 72 -9.17 -43.45 -3.07
C VAL A 72 -8.57 -42.72 -4.28
N TYR A 73 -8.17 -41.46 -4.06
CA TYR A 73 -7.51 -40.67 -5.10
C TYR A 73 -6.04 -41.02 -5.27
N ARG A 74 -5.31 -41.07 -4.16
CA ARG A 74 -3.85 -41.27 -4.19
C ARG A 74 -3.50 -42.56 -4.90
N VAL A 75 -4.22 -43.62 -4.58
CA VAL A 75 -3.99 -44.93 -5.20
C VAL A 75 -4.40 -44.92 -6.68
N SER A 76 -5.50 -44.24 -6.99
CA SER A 76 -6.00 -44.10 -8.36
C SER A 76 -5.10 -43.23 -9.21
N PHE A 77 -4.55 -42.18 -8.62
CA PHE A 77 -3.65 -41.27 -9.32
C PHE A 77 -2.38 -41.98 -9.79
N THR A 78 -1.90 -42.93 -8.98
CA THR A 78 -0.69 -43.67 -9.29
C THR A 78 -0.93 -44.67 -10.43
N ARG A 79 -1.91 -45.55 -10.26
CA ARG A 79 -2.24 -46.57 -11.26
C ARG A 79 -2.55 -45.96 -12.62
N ASP A 80 -3.23 -44.81 -12.62
CA ASP A 80 -3.60 -44.09 -13.84
C ASP A 80 -2.38 -43.53 -14.57
N ILE A 81 -1.53 -42.80 -13.85
CA ILE A 81 -0.33 -42.21 -14.44
C ILE A 81 0.59 -43.30 -15.00
N GLN A 82 0.71 -44.41 -14.29
CA GLN A 82 1.54 -45.52 -14.76
C GLN A 82 0.91 -46.26 -15.92
N GLU A 83 -0.41 -46.11 -16.07
CA GLU A 83 -1.13 -46.61 -17.24
C GLU A 83 -0.91 -45.69 -18.43
N LEU A 84 -0.82 -44.39 -18.15
CA LEU A 84 -0.63 -43.36 -19.17
C LEU A 84 0.74 -43.45 -19.82
N VAL A 85 1.70 -44.04 -19.11
CA VAL A 85 3.07 -44.21 -19.62
C VAL A 85 3.21 -45.53 -20.37
N LYS A 86 2.56 -46.57 -19.87
CA LYS A 86 2.54 -47.89 -20.53
C LYS A 86 1.89 -47.79 -21.91
N MET A 87 0.87 -46.96 -22.02
CA MET A 87 0.17 -46.72 -23.28
C MET A 87 0.90 -45.70 -24.16
N MET A 88 1.80 -44.93 -23.55
CA MET A 88 2.54 -43.89 -24.26
C MET A 88 3.69 -44.51 -25.06
N SER A 89 4.88 -43.90 -24.97
CA SER A 89 6.10 -44.36 -25.66
C SER A 89 6.07 -44.21 -27.19
N PRO A 90 7.18 -43.72 -27.77
CA PRO A 90 8.39 -43.33 -27.04
C PRO A 90 8.42 -41.85 -26.63
N LYS A 91 7.29 -41.17 -26.76
CA LYS A 91 7.17 -39.75 -26.42
C LYS A 91 7.45 -39.50 -24.93
N GLU A 92 7.05 -40.46 -24.09
CA GLU A 92 7.34 -40.42 -22.67
C GLU A 92 8.06 -41.70 -22.21
N ASP A 93 8.93 -41.54 -21.23
CA ASP A 93 9.65 -42.64 -20.60
C ASP A 93 10.09 -42.22 -19.19
N TYR A 94 10.54 -43.18 -18.39
CA TYR A 94 11.00 -42.92 -17.04
C TYR A 94 12.40 -42.26 -17.04
N PRO A 95 12.76 -41.52 -15.97
CA PRO A 95 11.97 -41.21 -14.77
C PRO A 95 11.00 -40.06 -15.02
N ILE A 96 9.91 -40.03 -14.25
CA ILE A 96 8.87 -39.02 -14.41
C ILE A 96 8.58 -38.31 -13.10
N GLU A 97 8.49 -36.98 -13.17
CA GLU A 97 8.11 -36.17 -12.00
C GLU A 97 6.81 -35.41 -12.26
N ILE A 98 5.87 -35.53 -11.32
CA ILE A 98 4.61 -34.80 -11.40
C ILE A 98 4.41 -34.00 -10.11
N GLN A 99 4.13 -32.72 -10.29
CA GLN A 99 3.78 -31.82 -9.20
C GLN A 99 2.38 -31.25 -9.42
N LEU A 100 1.65 -31.06 -8.33
CA LEU A 100 0.27 -30.60 -8.39
C LEU A 100 0.03 -29.58 -7.28
N SER A 101 -0.50 -28.43 -7.65
CA SER A 101 -0.77 -27.35 -6.71
C SER A 101 -2.23 -26.93 -6.77
N ALA A 102 -2.93 -27.07 -5.65
CA ALA A 102 -4.36 -26.76 -5.59
C ALA A 102 -4.73 -26.14 -4.25
N GLY A 103 -5.65 -25.18 -4.30
CA GLY A 103 -6.13 -24.52 -3.09
C GLY A 103 -7.00 -23.35 -3.46
N CYS A 104 -7.03 -22.32 -2.62
CA CYS A 104 -7.83 -21.12 -2.86
C CYS A 104 -7.35 -19.88 -2.11
N GLU A 105 -7.41 -18.73 -2.78
CA GLU A 105 -7.03 -17.45 -2.20
C GLU A 105 -8.24 -16.77 -1.53
N MET A 106 -7.98 -15.97 -0.49
CA MET A 106 -9.05 -15.41 0.35
C MET A 106 -9.21 -13.87 0.31
N TYR A 107 -10.44 -13.42 0.09
CA TYR A 107 -10.77 -12.00 0.07
C TYR A 107 -11.94 -11.71 1.02
N PRO A 108 -12.18 -10.42 1.37
CA PRO A 108 -13.20 -10.04 2.37
C PRO A 108 -14.63 -10.50 2.07
N ALA A 111 -15.96 -14.13 -0.63
CA ALA A 111 -15.17 -13.88 -1.83
C ALA A 111 -13.87 -14.69 -1.87
N SER A 112 -13.69 -15.45 -2.95
CA SER A 112 -12.49 -16.28 -3.14
C SER A 112 -12.27 -16.70 -4.60
N GLU A 113 -11.13 -17.33 -4.87
CA GLU A 113 -10.84 -17.92 -6.17
C GLU A 113 -9.99 -19.18 -5.97
N SER A 114 -10.52 -20.33 -6.40
CA SER A 114 -9.82 -21.60 -6.28
C SER A 114 -9.00 -21.90 -7.51
N PHE A 115 -8.01 -22.79 -7.36
CA PHE A 115 -7.11 -23.12 -8.47
C PHE A 115 -6.67 -24.57 -8.44
N LEU A 116 -6.31 -25.10 -9.60
CA LEU A 116 -5.65 -26.40 -9.70
C LEU A 116 -4.65 -26.37 -10.85
N HIS A 117 -3.38 -26.59 -10.54
CA HIS A 117 -2.32 -26.55 -11.54
C HIS A 117 -1.52 -27.80 -11.51
N VAL A 118 -1.27 -28.38 -12.68
CA VAL A 118 -0.45 -29.57 -12.81
C VAL A 118 0.83 -29.24 -13.59
N ALA A 119 1.94 -29.76 -13.10
CA ALA A 119 3.23 -29.55 -13.75
C ALA A 119 3.96 -30.88 -13.93
N PHE A 120 4.49 -31.07 -15.12
CA PHE A 120 5.08 -32.35 -15.53
C PHE A 120 6.53 -32.17 -15.93
N GLN A 121 7.41 -32.76 -15.12
CA GLN A 121 8.85 -32.62 -15.27
C GLN A 121 9.31 -31.18 -15.03
N GLY A 122 8.60 -30.47 -14.17
CA GLY A 122 8.96 -29.10 -13.82
C GLY A 122 8.21 -28.01 -14.58
N LYS A 123 7.75 -28.33 -15.80
CA LYS A 123 7.01 -27.37 -16.61
C LYS A 123 5.51 -27.51 -16.37
N TYR A 124 4.83 -26.36 -16.29
CA TYR A 124 3.40 -26.30 -16.02
C TYR A 124 2.62 -26.62 -17.28
N VAL A 125 1.89 -27.74 -17.26
CA VAL A 125 1.19 -28.20 -18.47
C VAL A 125 -0.34 -28.21 -18.40
N VAL A 126 -0.90 -28.49 -17.22
CA VAL A 126 -2.35 -28.67 -17.11
C VAL A 126 -2.94 -27.91 -15.92
N ARG A 127 -4.11 -27.31 -16.16
CA ARG A 127 -4.91 -26.71 -15.09
C ARG A 127 -6.36 -27.17 -15.21
N PHE A 128 -7.05 -27.22 -14.08
CA PHE A 128 -8.49 -27.41 -14.09
C PHE A 128 -9.14 -26.05 -13.97
N TRP A 129 -10.21 -25.85 -14.75
CA TRP A 129 -10.85 -24.54 -14.82
C TRP A 129 -12.31 -24.63 -15.14
N GLY A 130 -13.14 -24.22 -14.19
CA GLY A 130 -14.58 -24.20 -14.37
C GLY A 130 -15.20 -25.57 -14.23
N THR A 131 -15.25 -26.31 -15.35
CA THR A 131 -15.90 -27.62 -15.39
C THR A 131 -15.03 -28.69 -16.07
N SER A 132 -13.77 -28.36 -16.32
CA SER A 132 -12.93 -29.19 -17.19
C SER A 132 -11.44 -28.96 -17.05
N TRP A 133 -10.66 -30.00 -17.34
CA TRP A 133 -9.22 -29.90 -17.45
C TRP A 133 -8.85 -29.31 -18.77
N GLN A 134 -7.80 -28.50 -18.78
CA GLN A 134 -7.30 -27.94 -20.03
C GLN A 134 -5.80 -27.76 -20.05
N THR A 135 -5.18 -28.16 -21.17
CA THR A 135 -3.76 -27.98 -21.40
C THR A 135 -3.44 -26.48 -21.46
N VAL A 136 -2.27 -26.10 -20.96
CA VAL A 136 -1.85 -24.71 -20.91
C VAL A 136 -0.82 -24.37 -22.00
N PRO A 137 -0.94 -23.19 -22.64
CA PRO A 137 -0.08 -22.75 -23.74
C PRO A 137 1.33 -23.32 -23.71
N GLY A 138 1.72 -23.97 -24.80
CA GLY A 138 3.06 -24.54 -24.95
C GLY A 138 3.22 -25.98 -24.48
N ALA A 139 2.24 -26.49 -23.75
CA ALA A 139 2.26 -27.86 -23.25
C ALA A 139 2.30 -28.87 -24.41
N PRO A 140 2.84 -30.07 -24.16
CA PRO A 140 3.01 -31.10 -25.20
C PRO A 140 1.71 -31.50 -25.88
N SER A 141 1.73 -31.55 -27.22
CA SER A 141 0.54 -31.84 -28.02
C SER A 141 -0.08 -33.19 -27.65
N TRP A 142 0.74 -34.13 -27.22
CA TRP A 142 0.24 -35.48 -26.93
C TRP A 142 -0.66 -35.57 -25.72
N LEU A 143 -0.76 -34.49 -24.94
CA LEU A 143 -1.63 -34.46 -23.76
C LEU A 143 -3.12 -34.33 -24.10
N ASP A 144 -3.41 -33.95 -25.33
CA ASP A 144 -4.79 -33.66 -25.75
C ASP A 144 -5.79 -34.83 -25.61
N LEU A 145 -5.53 -35.94 -26.30
CA LEU A 145 -6.38 -37.13 -26.16
C LEU A 145 -6.54 -37.56 -24.69
N PRO A 146 -5.42 -37.68 -23.95
CA PRO A 146 -5.48 -37.95 -22.52
C PRO A 146 -6.41 -37.02 -21.72
N ILE A 147 -6.32 -35.71 -21.98
CA ILE A 147 -7.19 -34.73 -21.30
C ILE A 147 -8.66 -34.89 -21.71
N LYS A 148 -8.90 -35.16 -23.01
CA LYS A 148 -10.24 -35.45 -23.53
C LYS A 148 -10.89 -36.60 -22.76
N VAL A 149 -10.16 -37.72 -22.67
CA VAL A 149 -10.60 -38.89 -21.90
C VAL A 149 -10.95 -38.50 -20.46
N LEU A 150 -10.06 -37.75 -19.81
CA LEU A 150 -10.24 -37.35 -18.42
C LEU A 150 -11.50 -36.52 -18.21
N ASN A 151 -11.90 -35.78 -19.25
CA ASN A 151 -13.08 -34.92 -19.21
C ASN A 151 -14.40 -35.62 -19.56
N ALA A 152 -14.30 -36.78 -20.20
CA ALA A 152 -15.48 -37.64 -20.45
C ALA A 152 -15.86 -38.40 -19.17
N ASP A 153 -15.01 -38.30 -18.16
CA ASP A 153 -15.27 -38.83 -16.83
C ASP A 153 -15.95 -37.75 -16.03
N GLN A 154 -17.23 -37.92 -15.73
CA GLN A 154 -17.99 -36.91 -15.00
C GLN A 154 -17.75 -36.94 -13.50
N GLY A 155 -17.65 -38.15 -12.95
CA GLY A 155 -17.44 -38.33 -11.50
C GLY A 155 -16.22 -37.64 -10.93
N THR A 156 -15.11 -37.75 -11.66
CA THR A 156 -13.87 -37.08 -11.29
C THR A 156 -14.01 -35.56 -11.46
N SER A 157 -14.41 -35.14 -12.66
CA SER A 157 -14.73 -33.74 -12.94
C SER A 157 -15.58 -33.15 -11.81
N ALA A 158 -16.58 -33.90 -11.36
CA ALA A 158 -17.52 -33.47 -10.33
C ALA A 158 -16.90 -33.39 -8.94
N THR A 159 -16.04 -34.35 -8.59
CA THR A 159 -15.39 -34.31 -7.29
C THR A 159 -14.42 -33.12 -7.23
N VAL A 160 -13.62 -32.96 -8.28
CA VAL A 160 -12.68 -31.83 -8.34
C VAL A 160 -13.45 -30.52 -8.23
N GLN A 161 -14.56 -30.42 -8.95
CA GLN A 161 -15.44 -29.24 -8.90
C GLN A 161 -15.99 -28.96 -7.51
N MET A 162 -16.44 -30.01 -6.82
CA MET A 162 -17.00 -29.86 -5.50
C MET A 162 -15.95 -29.43 -4.49
N LEU A 163 -14.76 -30.01 -4.60
CA LEU A 163 -13.62 -29.63 -3.77
C LEU A 163 -13.18 -28.19 -3.97
N LEU A 164 -13.23 -27.72 -5.22
CA LEU A 164 -12.75 -26.39 -5.54
C LEU A 164 -13.76 -25.31 -5.29
N ASN A 165 -15.02 -25.55 -5.68
CA ASN A 165 -16.09 -24.58 -5.48
C ASN A 165 -16.62 -24.55 -4.06
N ASP A 166 -16.83 -25.73 -3.46
CA ASP A 166 -17.54 -25.85 -2.18
C ASP A 166 -16.64 -26.00 -0.97
N THR A 167 -15.74 -26.99 -1.00
CA THR A 167 -15.00 -27.37 0.20
C THR A 167 -13.85 -26.43 0.55
N CYS A 168 -12.91 -26.24 -0.37
CA CYS A 168 -11.73 -25.37 -0.13
C CYS A 168 -12.10 -24.08 0.62
N PRO A 169 -13.02 -23.27 0.06
CA PRO A 169 -13.41 -22.03 0.74
C PRO A 169 -13.97 -22.25 2.13
N LEU A 170 -14.91 -23.19 2.27
CA LEU A 170 -15.49 -23.54 3.57
C LEU A 170 -14.41 -24.02 4.52
N PHE A 171 -13.61 -24.97 4.07
CA PHE A 171 -12.54 -25.51 4.87
C PHE A 171 -11.60 -24.43 5.38
N VAL A 172 -11.25 -23.48 4.50
CA VAL A 172 -10.27 -22.42 4.81
C VAL A 172 -10.77 -21.42 5.85
N ARG A 173 -12.02 -20.99 5.71
CA ARG A 173 -12.64 -20.03 6.63
C ARG A 173 -12.67 -20.59 8.06
N GLY A 174 -12.74 -21.92 8.18
CA GLY A 174 -12.66 -22.63 9.45
C GLY A 174 -11.28 -22.52 10.08
N LEU A 175 -10.26 -22.86 9.31
CA LEU A 175 -8.86 -22.73 9.74
C LEU A 175 -8.52 -21.31 10.17
N LEU A 176 -8.99 -20.33 9.39
CA LEU A 176 -8.72 -18.94 9.72
C LEU A 176 -9.31 -18.56 11.07
N GLU A 177 -10.43 -19.19 11.44
CA GLU A 177 -11.02 -18.98 12.76
C GLU A 177 -10.24 -19.77 13.82
N ALA A 178 -9.91 -21.01 13.49
CA ALA A 178 -9.31 -21.96 14.42
C ALA A 178 -7.88 -21.59 14.79
N GLY A 179 -7.07 -21.26 13.78
CA GLY A 179 -5.67 -20.93 14.00
C GLY A 179 -5.39 -19.47 14.29
N LYS A 180 -6.42 -18.72 14.68
CA LYS A 180 -6.30 -17.28 14.94
C LYS A 180 -5.17 -16.97 15.91
N SER A 181 -5.05 -17.81 16.94
CA SER A 181 -4.00 -17.70 17.96
C SER A 181 -2.58 -17.92 17.39
N ASP A 182 -2.46 -18.68 16.31
CA ASP A 182 -1.15 -18.98 15.70
C ASP A 182 -0.80 -18.08 14.52
N LEU A 183 -1.83 -17.60 13.83
CA LEU A 183 -1.65 -16.81 12.62
C LEU A 183 -1.37 -15.36 12.96
N GLU A 184 -1.88 -14.92 14.11
CA GLU A 184 -1.74 -13.54 14.56
C GLU A 184 -0.70 -13.38 15.68
N LYS A 185 0.06 -14.45 15.96
CA LYS A 185 1.17 -14.38 16.91
C LYS A 185 2.13 -13.29 16.45
N GLN A 186 2.89 -12.73 17.39
CA GLN A 186 3.88 -11.72 17.04
C GLN A 186 5.24 -12.09 17.62
N GLU A 187 6.22 -12.22 16.76
CA GLU A 187 7.57 -12.58 17.19
C GLU A 187 8.57 -11.47 16.89
N LYS A 188 9.33 -11.10 17.91
CA LYS A 188 10.32 -10.04 17.79
C LYS A 188 11.60 -10.56 17.14
N PRO A 189 12.20 -9.75 16.25
CA PRO A 189 13.49 -10.10 15.65
C PRO A 189 14.71 -9.59 16.45
N VAL A 190 15.69 -10.48 16.67
CA VAL A 190 17.01 -10.10 17.18
C VAL A 190 17.95 -9.91 15.98
N ALA A 191 18.79 -8.87 16.06
CA ALA A 191 19.63 -8.48 14.93
C ALA A 191 21.08 -8.22 15.31
N TRP A 192 22.00 -8.53 14.40
CA TRP A 192 23.42 -8.31 14.61
C TRP A 192 24.13 -7.93 13.35
N LEU A 193 25.26 -7.25 13.48
CA LEU A 193 26.01 -6.75 12.34
C LEU A 193 27.29 -7.54 12.10
N SER A 194 27.64 -7.71 10.83
CA SER A 194 28.90 -8.33 10.43
C SER A 194 29.43 -7.71 9.14
N SER A 195 30.69 -7.97 8.83
CA SER A 195 31.30 -7.49 7.57
C SER A 195 32.13 -8.59 6.91
N VAL A 196 32.32 -8.47 5.59
CA VAL A 196 33.08 -9.44 4.81
C VAL A 196 33.60 -8.79 3.54
N PRO A 197 34.93 -8.83 3.31
CA PRO A 197 35.52 -8.28 2.08
C PRO A 197 34.76 -8.69 0.80
N SER A 198 34.39 -7.70 0.00
CA SER A 198 33.63 -7.91 -1.24
C SER A 198 34.53 -8.36 -2.41
N ARG A 204 34.86 -3.64 0.93
CA ARG A 204 34.26 -4.22 2.13
C ARG A 204 32.74 -4.24 2.01
N GLN A 205 32.11 -5.21 2.66
CA GLN A 205 30.64 -5.39 2.62
C GLN A 205 30.04 -5.54 4.02
N LEU A 206 28.99 -4.78 4.29
CA LEU A 206 28.38 -4.75 5.60
C LEU A 206 27.02 -5.45 5.63
N VAL A 207 26.96 -6.56 6.36
CA VAL A 207 25.76 -7.38 6.44
C VAL A 207 24.98 -7.09 7.71
N CYS A 208 23.67 -6.92 7.58
CA CYS A 208 22.82 -6.74 8.74
C CYS A 208 21.86 -7.91 8.89
N HIS A 209 22.13 -8.75 9.89
CA HIS A 209 21.35 -9.95 10.14
C HIS A 209 20.13 -9.63 10.94
N VAL A 210 18.99 -10.18 10.53
CA VAL A 210 17.73 -10.05 11.28
C VAL A 210 17.09 -11.42 11.38
N SER A 211 16.85 -11.90 12.60
CA SER A 211 16.30 -13.24 12.77
C SER A 211 15.23 -13.37 13.84
N GLY A 212 14.29 -14.28 13.61
CA GLY A 212 13.28 -14.64 14.60
C GLY A 212 11.96 -13.88 14.56
N PHE A 213 11.68 -13.21 13.45
CA PHE A 213 10.49 -12.37 13.35
C PHE A 213 9.31 -13.07 12.71
N TYR A 214 8.12 -12.78 13.24
CA TYR A 214 6.85 -13.22 12.66
C TYR A 214 5.78 -12.17 13.00
N PRO A 215 4.87 -11.87 12.05
CA PRO A 215 4.78 -12.38 10.68
C PRO A 215 5.86 -11.85 9.73
N LYS A 216 5.77 -12.29 8.47
CA LYS A 216 6.81 -12.12 7.45
C LYS A 216 7.18 -10.69 7.03
N PRO A 217 6.23 -9.72 7.06
CA PRO A 217 6.61 -8.36 6.62
C PRO A 217 7.54 -7.64 7.61
N VAL A 218 8.70 -7.23 7.12
CA VAL A 218 9.71 -6.57 7.93
C VAL A 218 10.37 -5.49 7.08
N TRP A 219 10.78 -4.40 7.72
CA TRP A 219 11.43 -3.30 7.05
C TRP A 219 12.84 -3.19 7.56
N VAL A 220 13.82 -3.45 6.69
CA VAL A 220 15.24 -3.36 7.07
C VAL A 220 16.01 -2.51 6.08
N MET A 221 16.79 -1.57 6.63
CA MET A 221 17.52 -0.58 5.84
C MET A 221 18.81 -0.16 6.52
N TRP A 222 19.82 0.17 5.71
CA TRP A 222 21.02 0.80 6.22
C TRP A 222 20.88 2.28 6.14
N MET A 223 21.36 2.98 7.17
CA MET A 223 21.08 4.40 7.35
C MET A 223 22.34 5.20 7.62
N ARG A 224 22.27 6.48 7.27
CA ARG A 224 23.18 7.48 7.80
C ARG A 224 22.28 8.64 8.24
N GLY A 225 21.75 8.54 9.46
CA GLY A 225 20.80 9.53 9.97
C GLY A 225 19.50 9.44 9.21
N ASP A 226 18.92 10.60 8.88
CA ASP A 226 17.64 10.69 8.16
C ASP A 226 17.63 9.86 6.88
N GLN A 227 18.84 9.58 6.37
CA GLN A 227 19.03 9.05 5.03
C GLN A 227 19.09 7.53 4.98
N GLU A 228 18.11 6.94 4.30
CA GLU A 228 18.15 5.53 3.96
C GLU A 228 19.15 5.36 2.83
N GLN A 229 20.08 4.41 2.99
CA GLN A 229 21.06 4.16 1.94
C GLN A 229 20.42 3.36 0.81
N GLN A 230 20.29 4.00 -0.35
CA GLN A 230 19.65 3.40 -1.51
C GLN A 230 20.42 2.19 -2.06
N GLY A 231 21.63 1.97 -1.53
CA GLY A 231 22.49 0.88 -1.98
C GLY A 231 22.32 -0.42 -1.20
N THR A 232 21.34 -0.46 -0.31
CA THR A 232 21.08 -1.63 0.52
C THR A 232 20.57 -2.81 -0.31
N HIS A 233 21.26 -3.95 -0.25
CA HIS A 233 20.80 -5.19 -0.87
C HIS A 233 20.09 -6.06 0.13
N ARG A 234 18.80 -6.26 -0.05
CA ARG A 234 18.01 -7.07 0.85
C ARG A 234 17.99 -8.50 0.34
N GLY A 235 18.39 -9.46 1.17
CA GLY A 235 18.46 -10.87 0.76
C GLY A 235 17.09 -11.53 0.58
N ASP A 236 17.07 -12.84 0.49
CA ASP A 236 15.82 -13.59 0.44
C ASP A 236 15.39 -13.99 1.84
N PHE A 237 14.09 -14.05 2.08
CA PHE A 237 13.58 -14.52 3.36
C PHE A 237 13.97 -15.97 3.55
N LEU A 238 14.58 -16.29 4.69
CA LEU A 238 14.98 -17.66 4.96
C LEU A 238 14.26 -18.21 6.19
N PRO A 239 13.76 -19.45 6.11
CA PRO A 239 13.01 -20.04 7.21
C PRO A 239 13.91 -20.49 8.36
N ASN A 240 13.50 -20.16 9.59
CA ASN A 240 14.13 -20.73 10.77
C ASN A 240 13.44 -22.06 11.06
N ALA A 241 14.02 -22.84 11.97
CA ALA A 241 13.45 -24.15 12.33
C ALA A 241 12.09 -24.06 13.03
N ASP A 242 11.86 -22.95 13.75
CA ASP A 242 10.70 -22.80 14.64
C ASP A 242 9.57 -21.93 14.10
N GLU A 243 9.43 -21.86 12.77
CA GLU A 243 8.40 -21.04 12.13
C GLU A 243 8.56 -19.54 12.40
N THR A 244 9.81 -19.08 12.39
CA THR A 244 10.11 -17.66 12.34
C THR A 244 10.96 -17.41 11.09
N TRP A 245 11.27 -16.15 10.83
CA TRP A 245 11.99 -15.79 9.61
C TRP A 245 13.35 -15.20 9.85
N TYR A 246 14.25 -15.46 8.91
CA TYR A 246 15.58 -14.88 8.90
C TYR A 246 15.75 -14.06 7.61
N LEU A 247 16.39 -12.91 7.75
CA LEU A 247 16.66 -12.04 6.62
C LEU A 247 17.99 -11.36 6.83
N GLN A 248 18.63 -10.96 5.74
CA GLN A 248 19.87 -10.17 5.81
C GLN A 248 19.81 -8.98 4.87
N ALA A 249 20.50 -7.91 5.27
CA ALA A 249 20.64 -6.73 4.43
C ALA A 249 22.11 -6.38 4.30
N THR A 250 22.52 -5.91 3.13
CA THR A 250 23.91 -5.60 2.87
C THR A 250 24.07 -4.23 2.23
N LEU A 251 25.31 -3.72 2.25
CA LEU A 251 25.67 -2.45 1.63
C LEU A 251 27.17 -2.43 1.38
N ASP A 252 27.56 -2.37 0.11
CA ASP A 252 28.98 -2.25 -0.23
C ASP A 252 29.45 -0.86 0.15
N VAL A 253 30.57 -0.80 0.89
CA VAL A 253 31.08 0.47 1.39
C VAL A 253 32.46 0.81 0.86
N GLU A 254 32.78 2.10 0.90
CA GLU A 254 34.09 2.60 0.52
C GLU A 254 35.04 2.49 1.71
N ALA A 255 36.31 2.83 1.49
CA ALA A 255 37.35 2.84 2.52
C ALA A 255 36.88 3.36 3.87
N GLY A 256 36.74 4.67 4.00
CA GLY A 256 36.32 5.28 5.26
C GLY A 256 34.82 5.28 5.49
N GLU A 257 34.05 5.04 4.44
CA GLU A 257 32.60 5.26 4.44
C GLU A 257 31.77 4.48 5.46
N GLU A 258 32.33 3.45 6.08
CA GLU A 258 31.56 2.59 6.99
C GLU A 258 31.33 3.20 8.38
N ALA A 259 32.17 4.16 8.76
CA ALA A 259 32.04 4.85 10.04
C ALA A 259 30.91 5.88 10.01
N GLY A 260 29.89 5.65 10.84
CA GLY A 260 28.73 6.53 10.89
C GLY A 260 27.45 5.91 10.35
N LEU A 261 27.54 4.67 9.89
CA LEU A 261 26.40 3.94 9.32
C LEU A 261 25.65 3.14 10.37
N ALA A 262 24.36 2.93 10.15
CA ALA A 262 23.54 2.18 11.10
C ALA A 262 22.54 1.27 10.40
N CYS A 263 22.12 0.23 11.10
CA CYS A 263 21.07 -0.66 10.59
C CYS A 263 19.79 -0.46 11.40
N ARG A 264 18.73 -0.09 10.70
CA ARG A 264 17.43 0.10 11.33
C ARG A 264 16.45 -1.01 10.92
N VAL A 265 15.74 -1.57 11.90
CA VAL A 265 14.80 -2.66 11.67
C VAL A 265 13.43 -2.26 12.22
N LYS A 266 12.42 -2.31 11.37
CA LYS A 266 11.04 -2.05 11.76
C LYS A 266 10.23 -3.31 11.56
N HIS A 267 9.48 -3.70 12.60
CA HIS A 267 8.61 -4.88 12.55
C HIS A 267 7.38 -4.68 13.39
N SER A 268 6.32 -5.43 13.07
CA SER A 268 5.03 -5.32 13.75
C SER A 268 5.09 -5.72 15.22
N SER A 269 6.11 -6.48 15.58
CA SER A 269 6.26 -7.01 16.93
C SER A 269 6.84 -6.00 17.90
N LEU A 270 7.49 -4.97 17.37
CA LEU A 270 8.18 -3.96 18.17
C LEU A 270 7.28 -2.80 18.58
N GLY A 271 6.47 -2.31 17.64
CA GLY A 271 5.48 -1.27 17.88
C GLY A 271 6.11 0.06 18.24
N GLY A 272 6.75 0.70 17.26
CA GLY A 272 7.47 1.95 17.47
C GLY A 272 8.91 1.73 17.91
N GLN A 273 9.13 0.66 18.69
CA GLN A 273 10.44 0.31 19.20
C GLN A 273 11.36 -0.26 18.11
N ASP A 274 11.77 0.60 17.18
CA ASP A 274 12.62 0.18 16.08
C ASP A 274 14.02 -0.23 16.55
N ILE A 275 14.54 -1.32 15.99
CA ILE A 275 15.89 -1.78 16.31
C ILE A 275 16.90 -0.97 15.51
N ILE A 276 17.76 -0.23 16.21
CA ILE A 276 18.81 0.55 15.56
C ILE A 276 20.19 0.10 16.04
N LEU A 277 20.98 -0.40 15.11
CA LEU A 277 22.32 -0.88 15.44
C LEU A 277 23.34 0.02 14.78
N TYR A 278 24.23 0.57 15.59
CA TYR A 278 25.28 1.44 15.08
C TYR A 278 26.54 0.62 14.84
N TRP A 279 27.18 0.87 13.70
CA TRP A 279 28.41 0.20 13.30
C TRP A 279 29.60 0.64 14.13
N LYS B 6 -2.00 9.43 -4.59
CA LYS B 6 -1.41 10.76 -4.90
C LYS B 6 -0.58 11.29 -3.73
N ASN B 7 0.67 10.82 -3.65
CA ASN B 7 1.57 11.09 -2.52
C ASN B 7 2.86 11.79 -3.01
N TYR B 8 2.77 13.11 -3.25
CA TYR B 8 3.82 13.84 -3.99
C TYR B 8 5.00 14.36 -3.16
N THR B 9 6.15 14.54 -3.82
CA THR B 9 7.35 15.07 -3.16
C THR B 9 8.03 16.18 -3.96
N PHE B 10 8.10 17.35 -3.32
CA PHE B 10 8.68 18.54 -3.91
C PHE B 10 10.17 18.62 -3.56
N ARG B 11 11.01 18.89 -4.58
CA ARG B 11 12.46 18.96 -4.41
C ARG B 11 13.04 20.19 -5.09
N CYS B 12 13.96 20.87 -4.43
CA CYS B 12 14.76 21.93 -5.03
C CYS B 12 16.23 21.53 -5.04
N LEU B 13 16.66 20.92 -6.14
CA LEU B 13 18.02 20.43 -6.25
C LEU B 13 18.99 21.54 -6.65
N GLN B 14 20.02 21.75 -5.83
CA GLN B 14 21.07 22.72 -6.12
C GLN B 14 22.44 22.02 -6.30
N MET B 15 23.16 22.39 -7.36
CA MET B 15 24.47 21.82 -7.67
C MET B 15 25.48 22.94 -7.77
N SER B 16 26.48 22.94 -6.89
CA SER B 16 27.52 23.97 -6.94
C SER B 16 28.90 23.38 -7.08
N SER B 17 29.56 23.73 -8.17
CA SER B 17 30.90 23.24 -8.47
C SER B 17 31.92 24.36 -8.28
N PHE B 18 32.89 24.12 -7.41
CA PHE B 18 33.99 25.04 -7.21
C PHE B 18 35.28 24.41 -7.73
N ALA B 19 35.79 24.99 -8.82
CA ALA B 19 36.96 24.46 -9.49
C ALA B 19 38.24 25.07 -8.94
N ASN B 20 38.32 26.39 -8.97
CA ASN B 20 39.47 27.10 -8.44
C ASN B 20 39.08 28.43 -7.80
N ARG B 21 40.08 29.18 -7.37
CA ARG B 21 39.88 30.46 -6.67
C ARG B 21 38.99 31.42 -7.45
N SER B 22 38.94 31.23 -8.76
CA SER B 22 38.18 32.10 -9.65
C SER B 22 37.31 31.32 -10.65
N TRP B 23 36.84 30.15 -10.25
CA TRP B 23 35.87 29.39 -11.05
C TRP B 23 34.86 28.72 -10.18
N SER B 24 33.60 29.04 -10.40
CA SER B 24 32.51 28.50 -9.61
C SER B 24 31.20 28.69 -10.35
N ARG B 25 30.32 27.70 -10.24
CA ARG B 25 28.97 27.83 -10.79
C ARG B 25 27.92 27.09 -9.98
N THR B 26 26.72 27.66 -9.95
CA THR B 26 25.61 27.10 -9.21
C THR B 26 24.44 26.90 -10.18
N ASP B 27 23.96 25.68 -10.29
CA ASP B 27 22.83 25.36 -11.13
C ASP B 27 21.73 24.63 -10.33
N SER B 28 20.48 25.03 -10.56
CA SER B 28 19.34 24.49 -9.80
C SER B 28 18.23 23.97 -10.70
N VAL B 29 17.61 22.86 -10.31
CA VAL B 29 16.35 22.38 -10.92
C VAL B 29 15.36 22.02 -9.84
N VAL B 30 14.07 22.03 -10.20
CA VAL B 30 12.98 21.83 -9.25
C VAL B 30 11.99 20.78 -9.76
N TRP B 31 11.62 19.85 -8.88
CA TRP B 31 10.68 18.79 -9.25
C TRP B 31 9.55 18.67 -8.27
N LEU B 32 8.33 18.62 -8.78
CA LEU B 32 7.16 18.20 -8.02
C LEU B 32 6.75 16.85 -8.58
N GLY B 33 6.85 15.82 -7.75
CA GLY B 33 6.72 14.44 -8.23
C GLY B 33 7.89 14.14 -9.14
N ASP B 34 7.57 13.63 -10.32
CA ASP B 34 8.60 13.38 -11.34
C ASP B 34 8.56 14.42 -12.46
N LEU B 35 7.87 15.52 -12.22
CA LEU B 35 7.77 16.59 -13.23
C LEU B 35 8.63 17.80 -12.89
N GLN B 36 9.38 18.28 -13.89
CA GLN B 36 10.23 19.45 -13.71
C GLN B 36 9.40 20.73 -13.83
N THR B 37 9.60 21.63 -12.88
CA THR B 37 8.86 22.89 -12.86
C THR B 37 9.75 24.13 -12.99
N HIS B 38 10.95 24.09 -12.43
CA HIS B 38 11.85 25.24 -12.52
C HIS B 38 13.26 24.84 -12.90
N ARG B 39 13.94 25.73 -13.60
CA ARG B 39 15.39 25.68 -13.79
C ARG B 39 15.99 27.04 -13.47
N TRP B 40 17.21 27.04 -12.94
CA TRP B 40 17.93 28.27 -12.65
C TRP B 40 19.38 28.07 -12.90
N SER B 41 19.81 28.40 -14.11
CA SER B 41 21.19 28.18 -14.55
C SER B 41 22.10 29.31 -14.07
N ASN B 42 23.34 28.95 -13.69
CA ASN B 42 24.29 29.92 -13.14
C ASN B 42 24.24 31.27 -13.84
N ASP B 43 24.20 31.22 -15.16
CA ASP B 43 24.15 32.40 -16.01
C ASP B 43 22.71 32.77 -16.35
N SER B 44 21.98 33.22 -15.33
CA SER B 44 20.62 33.72 -15.46
C SER B 44 20.22 34.38 -14.14
N ALA B 45 19.87 35.67 -14.20
CA ALA B 45 19.49 36.41 -13.00
C ALA B 45 18.20 35.89 -12.36
N THR B 46 17.32 35.33 -13.18
CA THR B 46 16.01 34.87 -12.72
C THR B 46 15.75 33.38 -12.97
N ILE B 47 15.05 32.77 -12.01
CA ILE B 47 14.54 31.40 -12.11
C ILE B 47 13.51 31.29 -13.23
N SER B 48 13.55 30.18 -13.97
CA SER B 48 12.73 30.02 -15.17
C SER B 48 11.62 28.99 -15.00
N PHE B 49 10.42 29.33 -15.47
CA PHE B 49 9.28 28.43 -15.38
C PHE B 49 9.32 27.39 -16.50
N THR B 50 9.51 26.12 -16.16
CA THR B 50 9.54 25.07 -17.19
C THR B 50 8.16 24.47 -17.46
N LYS B 51 7.15 24.91 -16.71
CA LYS B 51 5.77 24.52 -16.97
C LYS B 51 4.87 25.74 -16.89
N PRO B 52 3.82 25.78 -17.73
CA PRO B 52 2.81 26.85 -17.75
C PRO B 52 2.32 27.29 -16.37
N TRP B 53 2.31 26.36 -15.41
CA TRP B 53 1.75 26.59 -14.07
C TRP B 53 2.76 26.63 -12.96
N SER B 54 4.01 26.95 -13.28
CA SER B 54 5.10 26.87 -12.31
C SER B 54 5.07 27.94 -11.22
N GLN B 55 4.30 29.01 -11.44
CA GLN B 55 4.13 30.00 -10.39
C GLN B 55 3.18 29.49 -9.31
N GLY B 56 2.37 28.49 -9.68
CA GLY B 56 1.43 27.89 -8.75
C GLY B 56 0.31 28.87 -8.50
N LYS B 57 -0.02 29.09 -7.23
CA LYS B 57 -1.04 30.06 -6.87
C LYS B 57 -0.43 31.19 -6.02
N LEU B 58 0.84 31.50 -6.28
CA LEU B 58 1.50 32.66 -5.69
C LEU B 58 1.22 33.86 -6.56
N SER B 59 1.07 35.03 -5.94
CA SER B 59 0.88 36.26 -6.72
C SER B 59 2.20 36.75 -7.31
N ASN B 60 2.13 37.65 -8.28
CA ASN B 60 3.32 38.20 -8.92
C ASN B 60 4.29 38.79 -7.91
N GLN B 61 3.77 39.61 -7.00
CA GLN B 61 4.59 40.21 -5.94
C GLN B 61 5.12 39.13 -5.02
N GLN B 62 4.23 38.22 -4.60
CA GLN B 62 4.59 37.07 -3.78
C GLN B 62 5.81 36.37 -4.37
N TRP B 63 5.73 36.06 -5.66
CA TRP B 63 6.79 35.35 -6.36
C TRP B 63 8.01 36.21 -6.51
N GLU B 64 7.81 37.48 -6.92
CA GLU B 64 8.90 38.43 -7.08
C GLU B 64 9.76 38.53 -5.84
N LYS B 65 9.14 38.69 -4.67
CA LYS B 65 9.84 38.78 -3.39
C LYS B 65 10.72 37.56 -3.17
N LEU B 66 10.17 36.38 -3.46
CA LEU B 66 10.86 35.11 -3.32
C LEU B 66 12.05 35.03 -4.29
N GLN B 67 11.81 35.45 -5.53
CA GLN B 67 12.83 35.54 -6.59
C GLN B 67 14.08 36.30 -6.14
N HIS B 68 13.87 37.41 -5.45
CA HIS B 68 14.95 38.27 -4.97
C HIS B 68 15.68 37.65 -3.83
N MET B 69 14.93 37.16 -2.84
CA MET B 69 15.53 36.45 -1.71
C MET B 69 16.54 35.40 -2.21
N PHE B 70 16.14 34.58 -3.18
CA PHE B 70 17.00 33.53 -3.72
C PHE B 70 18.21 34.10 -4.45
N GLN B 71 18.04 35.25 -5.10
CA GLN B 71 19.13 35.90 -5.78
C GLN B 71 20.21 36.29 -4.78
N VAL B 72 19.77 36.86 -3.66
CA VAL B 72 20.65 37.25 -2.58
C VAL B 72 21.33 36.01 -1.99
N TYR B 73 20.58 34.92 -1.90
CA TYR B 73 21.11 33.66 -1.38
C TYR B 73 22.23 33.12 -2.24
N ARG B 74 21.96 32.97 -3.54
CA ARG B 74 22.91 32.31 -4.42
C ARG B 74 24.24 33.00 -4.40
N VAL B 75 24.22 34.33 -4.39
CA VAL B 75 25.45 35.13 -4.36
C VAL B 75 26.19 34.97 -3.04
N SER B 76 25.44 34.84 -1.94
CA SER B 76 26.01 34.64 -0.62
C SER B 76 26.68 33.28 -0.51
N PHE B 77 25.99 32.27 -1.00
CA PHE B 77 26.43 30.88 -0.90
C PHE B 77 27.82 30.72 -1.52
N THR B 78 27.94 31.16 -2.78
CA THR B 78 29.18 31.06 -3.52
C THR B 78 30.33 31.74 -2.78
N ARG B 79 30.09 32.96 -2.29
CA ARG B 79 31.08 33.75 -1.58
C ARG B 79 31.47 33.12 -0.25
N ASP B 80 30.49 32.50 0.41
CA ASP B 80 30.74 31.86 1.70
C ASP B 80 31.61 30.61 1.60
N ILE B 81 31.25 29.70 0.70
CA ILE B 81 32.02 28.46 0.52
C ILE B 81 33.46 28.78 0.18
N GLN B 82 33.66 29.71 -0.77
CA GLN B 82 34.99 30.04 -1.26
C GLN B 82 35.89 30.60 -0.18
N GLU B 83 35.31 31.38 0.74
CA GLU B 83 36.06 31.90 1.87
C GLU B 83 36.09 30.91 3.04
N LEU B 84 35.27 29.87 2.97
CA LEU B 84 35.35 28.76 3.91
C LEU B 84 36.53 27.85 3.56
N VAL B 85 36.89 27.82 2.28
CA VAL B 85 38.06 27.08 1.80
C VAL B 85 39.35 27.85 2.11
N LYS B 86 39.31 29.17 1.94
CA LYS B 86 40.47 30.03 2.17
C LYS B 86 40.87 30.05 3.64
N MET B 87 39.92 29.76 4.53
CA MET B 87 40.20 29.62 5.95
C MET B 87 40.87 28.29 6.25
N MET B 88 40.54 27.27 5.44
CA MET B 88 41.04 25.90 5.62
C MET B 88 42.54 25.74 5.34
N SER B 89 43.14 24.74 6.00
CA SER B 89 44.60 24.50 6.00
C SER B 89 45.30 24.37 4.64
N PRO B 90 44.67 23.69 3.65
CA PRO B 90 43.39 22.98 3.67
C PRO B 90 43.50 21.46 3.78
N LYS B 91 42.67 20.87 4.61
CA LYS B 91 42.38 19.44 4.54
C LYS B 91 41.30 19.25 3.47
N GLU B 92 40.74 20.37 3.00
CA GLU B 92 39.76 20.41 1.91
C GLU B 92 40.19 21.37 0.80
N ASP B 93 40.93 20.85 -0.18
CA ASP B 93 41.41 21.64 -1.31
C ASP B 93 40.66 21.34 -2.61
N TYR B 94 40.67 22.30 -3.54
CA TYR B 94 40.00 22.23 -4.83
C TYR B 94 40.32 20.97 -5.65
N PRO B 95 39.37 20.46 -6.45
CA PRO B 95 37.98 20.93 -6.68
C PRO B 95 36.99 20.52 -5.59
N ILE B 96 35.97 21.35 -5.39
CA ILE B 96 34.97 21.16 -4.34
C ILE B 96 33.56 21.10 -4.93
N GLU B 97 32.85 20.02 -4.60
CA GLU B 97 31.49 19.80 -5.09
C GLU B 97 30.45 19.80 -3.96
N ILE B 98 29.52 20.75 -4.01
CA ILE B 98 28.44 20.80 -3.02
C ILE B 98 27.07 20.61 -3.66
N GLN B 99 26.34 19.63 -3.12
CA GLN B 99 24.96 19.39 -3.52
C GLN B 99 24.01 19.73 -2.39
N LEU B 100 22.81 20.18 -2.76
CA LEU B 100 21.83 20.60 -1.77
C LEU B 100 20.43 20.21 -2.24
N SER B 101 19.73 19.46 -1.38
CA SER B 101 18.42 18.90 -1.72
C SER B 101 17.38 19.24 -0.65
N ALA B 102 16.48 20.16 -1.00
CA ALA B 102 15.53 20.74 -0.04
C ALA B 102 14.11 20.69 -0.57
N GLY B 103 13.14 20.56 0.33
CA GLY B 103 11.73 20.57 -0.05
C GLY B 103 10.84 19.93 0.99
N CYS B 104 9.64 19.52 0.59
CA CYS B 104 8.70 18.91 1.51
C CYS B 104 7.87 17.81 0.87
N GLU B 105 7.47 16.84 1.68
CA GLU B 105 6.70 15.68 1.23
C GLU B 105 5.23 15.88 1.59
N MET B 106 4.32 15.52 0.68
CA MET B 106 2.89 15.80 0.84
C MET B 106 2.05 14.64 1.39
N TYR B 107 1.28 14.92 2.44
CA TYR B 107 0.35 13.95 3.01
C TYR B 107 -1.06 14.54 3.13
N PRO B 108 -2.12 13.69 3.08
CA PRO B 108 -3.48 14.21 3.25
C PRO B 108 -3.81 14.54 4.70
N ALA B 111 -1.10 18.22 6.38
CA ALA B 111 0.02 17.53 7.01
C ALA B 111 1.16 17.30 6.03
N SER B 112 2.38 17.68 6.43
CA SER B 112 3.59 17.51 5.60
C SER B 112 4.87 17.56 6.45
N GLU B 113 5.97 17.07 5.87
CA GLU B 113 7.28 17.17 6.51
C GLU B 113 8.29 17.71 5.50
N SER B 114 9.01 18.75 5.91
CA SER B 114 10.04 19.38 5.07
C SER B 114 11.43 18.79 5.33
N PHE B 115 12.35 19.06 4.41
CA PHE B 115 13.73 18.58 4.51
C PHE B 115 14.74 19.54 3.88
N LEU B 116 15.95 19.59 4.45
CA LEU B 116 17.07 20.26 3.80
C LEU B 116 18.35 19.47 4.02
N HIS B 117 18.89 18.90 2.95
CA HIS B 117 20.10 18.09 3.01
C HIS B 117 21.21 18.70 2.22
N VAL B 118 22.41 18.67 2.79
CA VAL B 118 23.60 19.18 2.13
C VAL B 118 24.64 18.08 2.04
N ALA B 119 25.18 17.87 0.84
CA ALA B 119 26.23 16.86 0.62
C ALA B 119 27.53 17.45 0.04
N PHE B 120 28.65 16.94 0.53
CA PHE B 120 29.96 17.48 0.21
C PHE B 120 30.85 16.43 -0.43
N GLN B 121 31.14 16.64 -1.72
CA GLN B 121 31.87 15.69 -2.56
C GLN B 121 31.06 14.41 -2.78
N GLY B 122 29.74 14.53 -2.74
CA GLY B 122 28.87 13.38 -2.94
C GLY B 122 28.40 12.69 -1.67
N LYS B 123 29.10 12.93 -0.56
CA LYS B 123 28.72 12.34 0.74
C LYS B 123 27.86 13.29 1.55
N TYR B 124 26.78 12.73 2.11
CA TYR B 124 25.83 13.48 2.94
C TYR B 124 26.49 13.88 4.26
N VAL B 125 26.50 15.18 4.55
CA VAL B 125 27.18 15.71 5.73
C VAL B 125 26.33 16.59 6.66
N VAL B 126 25.56 17.52 6.09
CA VAL B 126 24.77 18.46 6.89
C VAL B 126 23.27 18.37 6.61
N ARG B 127 22.47 18.68 7.62
CA ARG B 127 21.03 18.83 7.45
C ARG B 127 20.51 20.03 8.26
N PHE B 128 19.40 20.62 7.81
CA PHE B 128 18.69 21.55 8.67
C PHE B 128 17.51 20.87 9.33
N TRP B 129 17.43 21.02 10.66
CA TRP B 129 16.41 20.33 11.43
C TRP B 129 15.96 21.16 12.60
N GLY B 130 14.65 21.40 12.68
CA GLY B 130 14.07 22.18 13.77
C GLY B 130 14.42 23.65 13.69
N THR B 131 15.41 24.05 14.49
CA THR B 131 15.80 25.46 14.61
C THR B 131 17.30 25.66 14.32
N SER B 132 17.93 24.67 13.69
CA SER B 132 19.39 24.65 13.57
C SER B 132 19.93 23.71 12.49
N TRP B 133 21.17 23.98 12.07
CA TRP B 133 21.95 23.07 11.23
C TRP B 133 22.58 22.04 12.10
N GLN B 134 22.89 20.88 11.54
CA GLN B 134 23.65 19.88 12.28
C GLN B 134 24.43 18.95 11.38
N THR B 135 25.58 18.52 11.86
CA THR B 135 26.43 17.59 11.14
C THR B 135 25.85 16.18 11.29
N VAL B 136 25.66 15.50 10.17
CA VAL B 136 25.08 14.18 10.17
C VAL B 136 26.15 13.09 10.30
N PRO B 137 25.89 12.03 11.11
CA PRO B 137 26.81 10.93 11.40
C PRO B 137 27.87 10.62 10.33
N GLY B 138 29.13 10.69 10.73
CA GLY B 138 30.25 10.42 9.84
C GLY B 138 30.84 11.66 9.19
N ALA B 139 30.26 12.82 9.48
CA ALA B 139 30.70 14.09 8.91
C ALA B 139 32.09 14.45 9.41
N PRO B 140 32.94 14.96 8.50
CA PRO B 140 34.26 15.45 8.81
C PRO B 140 34.23 16.36 10.04
N SER B 141 35.19 16.16 10.94
CA SER B 141 35.25 16.89 12.20
C SER B 141 35.40 18.39 12.00
N TRP B 142 36.05 18.78 10.90
CA TRP B 142 36.34 20.19 10.66
C TRP B 142 35.12 21.02 10.35
N LEU B 143 34.03 20.36 9.96
CA LEU B 143 32.73 20.99 9.70
C LEU B 143 32.07 21.59 10.94
N ASP B 144 32.48 21.11 12.12
CA ASP B 144 31.83 21.44 13.39
C ASP B 144 31.79 22.93 13.73
N LEU B 145 32.93 23.60 13.63
CA LEU B 145 33.01 25.04 13.88
C LEU B 145 32.22 25.86 12.85
N PRO B 146 32.48 25.65 11.54
CA PRO B 146 31.70 26.28 10.49
C PRO B 146 30.19 26.25 10.75
N ILE B 147 29.67 25.08 11.15
CA ILE B 147 28.25 24.93 11.47
C ILE B 147 27.87 25.79 12.69
N LYS B 148 28.65 25.68 13.77
CA LYS B 148 28.41 26.44 15.03
C LYS B 148 28.32 27.94 14.79
N VAL B 149 29.13 28.42 13.85
CA VAL B 149 29.10 29.82 13.43
C VAL B 149 27.86 30.10 12.59
N LEU B 150 27.58 29.20 11.65
CA LEU B 150 26.44 29.34 10.77
C LEU B 150 25.12 29.30 11.55
N ASN B 151 25.09 28.51 12.63
CA ASN B 151 23.93 28.44 13.50
C ASN B 151 23.70 29.71 14.30
N ALA B 152 24.79 30.43 14.58
CA ALA B 152 24.76 31.67 15.35
C ALA B 152 24.08 32.82 14.60
N ASP B 153 24.01 32.67 13.28
CA ASP B 153 23.35 33.64 12.41
C ASP B 153 21.84 33.43 12.43
N GLN B 154 21.15 34.20 13.27
CA GLN B 154 19.71 34.07 13.45
C GLN B 154 18.89 34.38 12.20
N GLY B 155 19.31 35.39 11.44
CA GLY B 155 18.60 35.79 10.22
C GLY B 155 18.41 34.69 9.21
N THR B 156 19.50 34.00 8.87
CA THR B 156 19.47 32.88 7.94
C THR B 156 18.63 31.75 8.51
N SER B 157 18.99 31.30 9.71
CA SER B 157 18.26 30.26 10.41
C SER B 157 16.75 30.54 10.36
N ALA B 158 16.37 31.79 10.54
CA ALA B 158 14.98 32.23 10.45
C ALA B 158 14.40 32.11 9.03
N THR B 159 15.16 32.51 8.02
CA THR B 159 14.70 32.42 6.63
C THR B 159 14.43 30.96 6.23
N VAL B 160 15.38 30.09 6.56
CA VAL B 160 15.28 28.68 6.23
C VAL B 160 14.06 28.04 6.89
N GLN B 161 13.82 28.37 8.16
CA GLN B 161 12.60 27.90 8.85
C GLN B 161 11.33 28.33 8.13
N MET B 162 11.25 29.61 7.76
CA MET B 162 10.07 30.14 7.06
C MET B 162 9.80 29.41 5.75
N LEU B 163 10.86 29.16 5.00
CA LEU B 163 10.74 28.44 3.74
C LEU B 163 10.30 27.00 3.97
N LEU B 164 10.87 26.36 4.99
CA LEU B 164 10.59 24.95 5.24
C LEU B 164 9.26 24.74 5.95
N ASN B 165 9.01 25.53 6.98
CA ASN B 165 7.79 25.38 7.76
C ASN B 165 6.56 25.93 7.04
N ASP B 166 6.68 27.13 6.48
CA ASP B 166 5.51 27.83 5.95
C ASP B 166 5.39 27.82 4.43
N THR B 167 6.48 28.14 3.74
CA THR B 167 6.38 28.41 2.31
C THR B 167 6.25 27.16 1.45
N CYS B 168 7.21 26.24 1.58
CA CYS B 168 7.18 24.97 0.87
C CYS B 168 5.77 24.36 0.86
N PRO B 169 5.19 24.09 2.05
CA PRO B 169 3.83 23.51 2.11
C PRO B 169 2.78 24.32 1.35
N LEU B 170 2.58 25.58 1.74
CA LEU B 170 1.60 26.44 1.06
C LEU B 170 1.84 26.47 -0.43
N PHE B 171 3.10 26.62 -0.82
CA PHE B 171 3.47 26.72 -2.23
C PHE B 171 3.10 25.46 -2.99
N VAL B 172 3.42 24.30 -2.43
CA VAL B 172 3.15 23.02 -3.09
C VAL B 172 1.65 22.78 -3.26
N ARG B 173 0.88 23.06 -2.21
CA ARG B 173 -0.58 22.97 -2.26
C ARG B 173 -1.15 23.76 -3.44
N GLY B 174 -0.54 24.92 -3.71
CA GLY B 174 -0.92 25.74 -4.85
C GLY B 174 -0.59 25.06 -6.16
N LEU B 175 0.66 24.58 -6.27
CA LEU B 175 1.12 23.87 -7.46
C LEU B 175 0.26 22.66 -7.81
N LEU B 176 -0.09 21.87 -6.79
CA LEU B 176 -0.91 20.70 -7.00
C LEU B 176 -2.28 21.04 -7.57
N GLU B 177 -2.77 22.24 -7.22
CA GLU B 177 -4.03 22.72 -7.76
C GLU B 177 -3.85 23.23 -9.18
N ALA B 178 -2.83 24.05 -9.37
CA ALA B 178 -2.55 24.65 -10.68
C ALA B 178 -2.21 23.60 -11.72
N GLY B 179 -1.42 22.60 -11.33
CA GLY B 179 -0.96 21.57 -12.24
C GLY B 179 -1.87 20.38 -12.41
N LYS B 180 -2.98 20.36 -11.68
CA LYS B 180 -3.94 19.24 -11.70
C LYS B 180 -4.17 18.67 -13.10
N SER B 181 -4.02 19.52 -14.11
CA SER B 181 -4.17 19.13 -15.50
C SER B 181 -3.06 18.18 -15.94
N ASP B 182 -1.81 18.58 -15.72
CA ASP B 182 -0.67 17.81 -16.20
C ASP B 182 -0.32 16.62 -15.32
N LEU B 183 -0.58 16.77 -14.02
CA LEU B 183 -0.22 15.75 -13.03
C LEU B 183 -1.04 14.48 -13.22
N GLU B 184 -2.31 14.67 -13.55
CA GLU B 184 -3.25 13.57 -13.67
C GLU B 184 -3.37 13.02 -15.10
N LYS B 185 -2.55 13.54 -16.01
CA LYS B 185 -2.55 13.08 -17.41
C LYS B 185 -2.33 11.58 -17.47
N GLN B 186 -2.98 10.92 -18.41
CA GLN B 186 -2.86 9.47 -18.55
C GLN B 186 -2.45 9.08 -19.96
N GLU B 187 -1.20 8.66 -20.10
CA GLU B 187 -0.62 8.32 -21.40
C GLU B 187 -0.42 6.82 -21.53
N LYS B 188 -0.91 6.26 -22.62
CA LYS B 188 -0.87 4.81 -22.81
C LYS B 188 0.51 4.27 -23.22
N PRO B 189 0.92 3.14 -22.62
CA PRO B 189 2.15 2.47 -23.04
C PRO B 189 2.01 1.79 -24.40
N VAL B 190 3.13 1.58 -25.07
CA VAL B 190 3.20 0.70 -26.24
C VAL B 190 4.27 -0.36 -25.94
N ALA B 191 4.06 -1.56 -26.47
CA ALA B 191 4.98 -2.67 -26.19
C ALA B 191 5.48 -3.32 -27.46
N TRP B 192 6.65 -3.94 -27.37
CA TRP B 192 7.13 -4.84 -28.40
C TRP B 192 8.07 -5.87 -27.83
N LEU B 193 8.13 -7.04 -28.45
CA LEU B 193 8.99 -8.11 -27.95
C LEU B 193 10.24 -8.26 -28.80
N SER B 194 11.29 -8.78 -28.18
CA SER B 194 12.57 -9.04 -28.84
C SER B 194 13.37 -10.01 -27.97
N SER B 195 14.51 -10.47 -28.47
CA SER B 195 15.36 -11.38 -27.72
C SER B 195 16.84 -11.22 -28.04
N VAL B 196 17.68 -11.70 -27.14
CA VAL B 196 19.13 -11.69 -27.29
C VAL B 196 19.77 -12.80 -26.44
N PRO B 197 20.65 -13.61 -27.06
CA PRO B 197 21.26 -14.78 -26.40
C PRO B 197 22.08 -14.44 -25.14
N SER B 198 22.22 -15.42 -24.25
CA SER B 198 23.07 -15.32 -23.06
C SER B 198 24.10 -16.44 -23.03
N GLY B 202 22.56 -22.74 -23.64
CA GLY B 202 21.41 -22.83 -24.51
C GLY B 202 20.22 -22.01 -24.03
N HIS B 203 20.52 -20.86 -23.41
CA HIS B 203 19.49 -20.02 -22.83
C HIS B 203 19.47 -18.66 -23.46
N ARG B 204 18.55 -18.46 -24.39
CA ARG B 204 18.26 -17.12 -24.92
C ARG B 204 17.45 -16.35 -23.87
N GLN B 205 17.57 -15.03 -23.91
CA GLN B 205 16.89 -14.16 -22.94
C GLN B 205 15.84 -13.29 -23.65
N LEU B 206 14.59 -13.43 -23.24
CA LEU B 206 13.47 -12.69 -23.84
C LEU B 206 13.34 -11.30 -23.24
N VAL B 207 12.91 -10.33 -24.05
CA VAL B 207 12.71 -8.96 -23.57
C VAL B 207 11.36 -8.40 -23.99
N CYS B 208 10.67 -7.79 -23.03
CA CYS B 208 9.41 -7.08 -23.28
C CYS B 208 9.54 -5.58 -23.01
N HIS B 209 9.50 -4.81 -24.09
CA HIS B 209 9.67 -3.35 -24.07
C HIS B 209 8.36 -2.66 -23.85
N VAL B 210 8.34 -1.67 -22.96
CA VAL B 210 7.12 -0.94 -22.65
C VAL B 210 7.42 0.55 -22.60
N SER B 211 6.82 1.32 -23.51
CA SER B 211 7.17 2.72 -23.65
C SER B 211 6.01 3.64 -23.99
N GLY B 212 6.07 4.85 -23.45
CA GLY B 212 5.07 5.88 -23.73
C GLY B 212 4.10 6.13 -22.58
N PHE B 213 4.26 5.39 -21.48
CA PHE B 213 3.27 5.43 -20.41
C PHE B 213 3.50 6.52 -19.38
N TYR B 214 2.40 7.02 -18.82
CA TYR B 214 2.38 8.02 -17.76
C TYR B 214 1.03 7.94 -17.05
N PRO B 215 0.99 8.02 -15.69
CA PRO B 215 2.04 8.22 -14.71
C PRO B 215 2.91 6.99 -14.54
N LYS B 216 3.79 7.03 -13.54
CA LYS B 216 4.87 6.04 -13.41
C LYS B 216 4.42 4.60 -13.09
N PRO B 217 3.46 4.43 -12.16
CA PRO B 217 3.15 3.05 -11.76
C PRO B 217 2.68 2.16 -12.91
N VAL B 218 3.35 1.02 -13.09
CA VAL B 218 3.03 0.07 -14.15
C VAL B 218 3.31 -1.36 -13.68
N TRP B 219 2.80 -2.34 -14.43
CA TRP B 219 2.88 -3.75 -14.06
C TRP B 219 3.09 -4.55 -15.29
N VAL B 220 4.31 -5.05 -15.47
CA VAL B 220 4.66 -5.87 -16.63
C VAL B 220 5.16 -7.24 -16.20
N MET B 221 4.61 -8.29 -16.81
CA MET B 221 4.89 -9.64 -16.39
C MET B 221 4.98 -10.60 -17.56
N TRP B 222 5.90 -11.57 -17.43
CA TRP B 222 5.97 -12.66 -18.40
C TRP B 222 5.09 -13.78 -17.95
N MET B 223 4.32 -14.32 -18.89
CA MET B 223 3.23 -15.21 -18.57
C MET B 223 3.22 -16.47 -19.44
N ARG B 224 2.84 -17.58 -18.82
CA ARG B 224 2.43 -18.77 -19.56
C ARG B 224 1.03 -19.08 -19.08
N GLY B 225 0.04 -18.57 -19.80
CA GLY B 225 -1.35 -18.66 -19.36
C GLY B 225 -1.59 -17.92 -18.05
N ASP B 226 -2.12 -18.61 -17.06
CA ASP B 226 -2.38 -18.05 -15.73
C ASP B 226 -1.08 -17.69 -15.01
N GLN B 227 -0.02 -18.43 -15.32
CA GLN B 227 1.19 -18.40 -14.52
C GLN B 227 2.06 -17.16 -14.74
N GLU B 228 2.34 -16.46 -13.66
CA GLU B 228 3.33 -15.39 -13.64
C GLU B 228 4.71 -16.04 -13.52
N GLN B 229 5.55 -15.85 -14.54
CA GLN B 229 6.90 -16.40 -14.54
C GLN B 229 7.79 -15.64 -13.54
N GLN B 230 8.26 -16.38 -12.54
CA GLN B 230 8.94 -15.80 -11.40
C GLN B 230 10.29 -15.19 -11.75
N GLY B 231 10.87 -15.59 -12.88
CA GLY B 231 12.16 -15.06 -13.32
C GLY B 231 12.09 -13.80 -14.16
N THR B 232 11.01 -13.04 -14.03
CA THR B 232 10.82 -11.80 -14.77
C THR B 232 11.60 -10.66 -14.14
N HIS B 233 12.71 -10.29 -14.76
CA HIS B 233 13.52 -9.19 -14.27
C HIS B 233 13.03 -7.90 -14.86
N ARG B 234 12.60 -7.00 -13.98
CA ARG B 234 12.24 -5.65 -14.39
C ARG B 234 13.47 -4.75 -14.34
N GLY B 235 13.66 -3.92 -15.36
CA GLY B 235 14.75 -2.94 -15.38
C GLY B 235 14.37 -1.71 -14.56
N ASP B 236 15.21 -0.68 -14.62
CA ASP B 236 14.87 0.60 -14.00
C ASP B 236 13.97 1.37 -14.94
N PHE B 237 13.17 2.29 -14.40
CA PHE B 237 12.35 3.15 -15.24
C PHE B 237 13.24 4.13 -15.96
N LEU B 238 13.21 4.10 -17.28
CA LEU B 238 13.99 5.01 -18.09
C LEU B 238 13.11 6.18 -18.56
N PRO B 239 13.63 7.41 -18.44
CA PRO B 239 12.87 8.60 -18.84
C PRO B 239 12.88 8.87 -20.34
N ASN B 240 11.69 8.99 -20.93
CA ASN B 240 11.54 9.47 -22.31
C ASN B 240 11.67 10.98 -22.28
N ALA B 241 11.99 11.58 -23.42
CA ALA B 241 12.19 13.04 -23.48
C ALA B 241 10.90 13.85 -23.33
N ASP B 242 9.78 13.24 -23.68
CA ASP B 242 8.47 13.92 -23.63
C ASP B 242 7.79 13.72 -22.28
N GLU B 243 8.59 13.38 -21.28
CA GLU B 243 8.11 13.14 -19.92
C GLU B 243 7.12 11.99 -19.83
N THR B 244 7.36 10.93 -20.58
CA THR B 244 6.74 9.65 -20.32
C THR B 244 7.84 8.71 -19.87
N TRP B 245 7.50 7.44 -19.67
CA TRP B 245 8.47 6.49 -19.17
C TRP B 245 8.69 5.34 -20.11
N TYR B 246 9.81 4.66 -19.92
CA TYR B 246 10.13 3.48 -20.69
C TYR B 246 10.59 2.40 -19.72
N LEU B 247 10.11 1.18 -19.92
CA LEU B 247 10.46 0.06 -19.05
C LEU B 247 10.66 -1.19 -19.85
N GLN B 248 11.49 -2.10 -19.33
CA GLN B 248 11.75 -3.38 -19.99
C GLN B 248 11.67 -4.52 -18.99
N ALA B 249 11.08 -5.63 -19.41
CA ALA B 249 11.04 -6.82 -18.59
C ALA B 249 11.64 -7.99 -19.34
N THR B 250 12.51 -8.75 -18.68
CA THR B 250 13.20 -9.89 -19.30
C THR B 250 12.92 -11.20 -18.58
N LEU B 251 13.19 -12.30 -19.27
CA LEU B 251 13.05 -13.64 -18.70
C LEU B 251 13.97 -14.61 -19.43
N ASP B 252 14.97 -15.12 -18.72
CA ASP B 252 15.91 -16.07 -19.31
C ASP B 252 15.25 -17.44 -19.46
N VAL B 253 15.01 -17.85 -20.70
CA VAL B 253 14.30 -19.09 -21.00
C VAL B 253 15.23 -20.16 -21.55
N GLU B 254 14.76 -21.40 -21.55
CA GLU B 254 15.55 -22.55 -22.00
C GLU B 254 15.47 -22.73 -23.52
N ALA B 255 15.94 -23.88 -23.99
CA ALA B 255 15.97 -24.22 -25.41
C ALA B 255 14.62 -24.02 -26.08
N GLY B 256 13.69 -24.95 -25.87
CA GLY B 256 12.34 -24.88 -26.45
C GLY B 256 11.32 -24.38 -25.46
N GLU B 257 11.70 -23.37 -24.67
CA GLU B 257 10.81 -22.82 -23.65
C GLU B 257 10.12 -21.53 -24.09
N GLU B 258 10.37 -21.08 -25.31
CA GLU B 258 9.78 -19.85 -25.83
C GLU B 258 8.28 -20.02 -26.04
N ALA B 259 7.92 -21.14 -26.68
CA ALA B 259 6.53 -21.43 -27.09
C ALA B 259 5.54 -21.33 -25.94
N GLY B 260 4.57 -20.43 -26.09
CA GLY B 260 3.47 -20.29 -25.14
C GLY B 260 3.66 -19.19 -24.12
N LEU B 261 4.79 -18.49 -24.18
CA LEU B 261 5.04 -17.39 -23.27
C LEU B 261 4.46 -16.09 -23.81
N ALA B 262 3.94 -15.27 -22.92
CA ALA B 262 3.30 -14.02 -23.31
C ALA B 262 3.68 -12.89 -22.36
N CYS B 263 3.81 -11.69 -22.89
CA CYS B 263 4.08 -10.52 -22.06
C CYS B 263 2.78 -9.75 -21.80
N ARG B 264 2.52 -9.46 -20.53
CA ARG B 264 1.30 -8.78 -20.14
C ARG B 264 1.60 -7.45 -19.47
N VAL B 265 0.96 -6.39 -19.97
CA VAL B 265 1.14 -5.02 -19.45
C VAL B 265 -0.17 -4.41 -18.96
N LYS B 266 -0.21 -4.10 -17.67
CA LYS B 266 -1.34 -3.40 -17.07
C LYS B 266 -0.88 -2.00 -16.71
N HIS B 267 -1.70 -1.00 -17.03
CA HIS B 267 -1.42 0.39 -16.66
C HIS B 267 -2.69 1.17 -16.49
N SER B 268 -2.61 2.23 -15.69
CA SER B 268 -3.77 3.05 -15.32
C SER B 268 -4.51 3.66 -16.52
N SER B 269 -3.83 3.76 -17.66
CA SER B 269 -4.40 4.40 -18.85
C SER B 269 -5.06 3.41 -19.80
N LEU B 270 -4.91 2.12 -19.53
CA LEU B 270 -5.47 1.09 -20.39
C LEU B 270 -6.89 0.70 -19.99
N GLY B 271 -7.32 1.19 -18.83
CA GLY B 271 -8.69 0.99 -18.33
C GLY B 271 -9.19 -0.44 -18.47
N GLY B 272 -8.37 -1.40 -18.04
CA GLY B 272 -8.76 -2.80 -18.03
C GLY B 272 -8.32 -3.59 -19.24
N GLN B 273 -8.23 -2.93 -20.39
CA GLN B 273 -7.74 -3.58 -21.60
C GLN B 273 -6.23 -3.71 -21.55
N ASP B 274 -5.76 -4.74 -20.85
CA ASP B 274 -4.33 -5.01 -20.69
C ASP B 274 -3.69 -5.39 -22.02
N ILE B 275 -2.43 -5.01 -22.19
CA ILE B 275 -1.72 -5.33 -23.41
C ILE B 275 -1.06 -6.69 -23.28
N ILE B 276 -1.53 -7.66 -24.05
CA ILE B 276 -0.95 -9.01 -24.02
C ILE B 276 -0.27 -9.33 -25.34
N LEU B 277 1.06 -9.42 -25.30
CA LEU B 277 1.84 -9.80 -26.45
C LEU B 277 2.24 -11.25 -26.35
N TYR B 278 1.92 -12.01 -27.39
CA TYR B 278 2.27 -13.42 -27.42
C TYR B 278 3.55 -13.59 -28.21
N TRP B 279 4.50 -14.34 -27.65
CA TRP B 279 5.79 -14.56 -28.30
C TRP B 279 5.69 -15.57 -29.41
N GLN C 2 15.71 -30.09 -14.86
CA GLN C 2 16.95 -30.39 -14.10
C GLN C 2 17.65 -29.13 -13.60
N LYS C 3 17.37 -28.75 -12.35
CA LYS C 3 17.93 -27.54 -11.76
C LYS C 3 18.89 -27.80 -10.60
N THR C 4 20.03 -27.12 -10.64
CA THR C 4 21.07 -27.23 -9.61
C THR C 4 20.69 -26.47 -8.34
N PRO C 5 20.87 -27.11 -7.17
CA PRO C 5 20.47 -26.55 -5.87
C PRO C 5 21.34 -25.39 -5.37
N GLN C 6 20.70 -24.44 -4.68
CA GLN C 6 21.39 -23.39 -3.95
C GLN C 6 21.37 -23.68 -2.46
N ILE C 7 22.53 -23.63 -1.82
CA ILE C 7 22.63 -23.95 -0.40
C ILE C 7 22.99 -22.71 0.41
N GLN C 8 22.30 -22.54 1.54
CA GLN C 8 22.54 -21.40 2.44
C GLN C 8 22.62 -21.88 3.89
N VAL C 9 23.66 -21.45 4.61
CA VAL C 9 23.94 -21.88 6.00
C VAL C 9 24.00 -20.70 6.96
N TYR C 10 23.14 -20.70 7.97
CA TYR C 10 22.97 -19.54 8.85
C TYR C 10 22.46 -19.93 10.24
N SER C 11 23.01 -19.31 11.28
CA SER C 11 22.59 -19.55 12.66
C SER C 11 21.23 -18.91 12.98
N ARG C 12 20.50 -19.53 13.91
CA ARG C 12 19.20 -19.04 14.36
C ARG C 12 19.34 -17.77 15.19
N HIS C 13 20.34 -17.75 16.07
CA HIS C 13 20.60 -16.62 16.97
C HIS C 13 21.95 -16.04 16.67
N PRO C 14 22.24 -14.82 17.19
CA PRO C 14 23.57 -14.23 17.06
C PRO C 14 24.62 -15.17 17.62
N PRO C 15 25.61 -15.56 16.79
CA PRO C 15 26.60 -16.57 17.17
C PRO C 15 27.59 -16.09 18.24
N GLU C 16 27.35 -16.52 19.48
CA GLU C 16 28.24 -16.24 20.61
C GLU C 16 29.04 -17.51 20.89
N ASN C 17 30.36 -17.40 20.87
CA ASN C 17 31.22 -18.56 21.09
C ASN C 17 30.93 -19.28 22.39
N GLY C 18 30.63 -20.57 22.31
CA GLY C 18 30.29 -21.37 23.48
C GLY C 18 28.80 -21.53 23.73
N LYS C 19 28.04 -20.45 23.49
CA LYS C 19 26.58 -20.44 23.69
C LYS C 19 25.86 -21.42 22.75
N PRO C 20 24.78 -22.07 23.25
CA PRO C 20 24.02 -23.03 22.43
C PRO C 20 23.17 -22.36 21.35
N ASN C 21 23.38 -22.77 20.10
CA ASN C 21 22.70 -22.18 18.94
C ASN C 21 22.23 -23.28 17.97
N ILE C 22 21.23 -22.99 17.16
CA ILE C 22 20.75 -23.93 16.14
C ILE C 22 21.29 -23.55 14.76
N LEU C 23 21.94 -24.50 14.08
CA LEU C 23 22.50 -24.25 12.74
C LEU C 23 21.60 -24.73 11.62
N ASN C 24 21.15 -23.77 10.81
CA ASN C 24 20.27 -24.03 9.66
C ASN C 24 21.04 -24.24 8.36
N CYS C 25 20.56 -25.18 7.56
CA CYS C 25 20.97 -25.32 6.18
C CYS C 25 19.74 -25.40 5.28
N TYR C 26 19.55 -24.36 4.49
CA TYR C 26 18.35 -24.22 3.68
C TYR C 26 18.72 -24.52 2.22
N VAL C 27 18.11 -25.57 1.68
CA VAL C 27 18.38 -26.00 0.31
C VAL C 27 17.21 -25.68 -0.63
N THR C 28 17.49 -24.85 -1.63
CA THR C 28 16.47 -24.28 -2.49
C THR C 28 16.84 -24.38 -3.96
N GLN C 29 15.84 -24.31 -4.83
CA GLN C 29 16.02 -24.16 -6.28
C GLN C 29 16.52 -25.41 -7.01
N PHE C 30 15.99 -26.58 -6.64
CA PHE C 30 16.45 -27.83 -7.25
C PHE C 30 15.33 -28.69 -7.82
N HIS C 31 15.71 -29.57 -8.75
CA HIS C 31 14.81 -30.49 -9.43
C HIS C 31 15.64 -31.52 -10.14
N PRO C 32 15.27 -32.81 -10.05
CA PRO C 32 14.13 -33.41 -9.34
C PRO C 32 14.40 -33.51 -7.84
N PRO C 33 13.36 -33.80 -7.03
CA PRO C 33 13.45 -33.74 -5.57
C PRO C 33 14.43 -34.73 -4.92
N HIS C 34 14.89 -35.73 -5.67
CA HIS C 34 15.95 -36.64 -5.21
C HIS C 34 17.14 -35.85 -4.72
N ILE C 35 17.30 -35.77 -3.40
CA ILE C 35 18.44 -35.05 -2.79
C ILE C 35 18.91 -35.69 -1.48
N GLU C 36 20.20 -35.56 -1.20
CA GLU C 36 20.80 -36.04 0.06
C GLU C 36 21.65 -34.96 0.73
N ILE C 37 21.14 -34.41 1.84
CA ILE C 37 21.78 -33.32 2.56
C ILE C 37 22.40 -33.81 3.87
N GLN C 38 23.59 -33.32 4.19
CA GLN C 38 24.29 -33.68 5.43
C GLN C 38 24.93 -32.48 6.10
N MET C 39 24.82 -32.42 7.43
CA MET C 39 25.43 -31.35 8.21
C MET C 39 26.69 -31.89 8.87
N LEU C 40 27.81 -31.22 8.63
CA LEU C 40 29.12 -31.72 9.03
C LEU C 40 29.82 -30.80 10.02
N LYS C 41 30.28 -31.36 11.13
CA LYS C 41 31.16 -30.67 12.06
C LYS C 41 32.57 -31.25 11.92
N ASN C 42 33.50 -30.41 11.49
CA ASN C 42 34.91 -30.78 11.30
C ASN C 42 35.15 -31.92 10.31
N GLY C 43 34.12 -32.30 9.56
CA GLY C 43 34.25 -33.33 8.55
C GLY C 43 33.25 -34.46 8.72
N LYS C 44 33.19 -35.02 9.92
CA LYS C 44 32.25 -36.10 10.20
C LYS C 44 30.83 -35.56 10.34
N LYS C 45 29.85 -36.36 9.93
CA LYS C 45 28.44 -35.97 9.90
C LYS C 45 27.82 -35.87 11.30
N ILE C 46 27.08 -34.80 11.53
CA ILE C 46 26.40 -34.57 12.82
C ILE C 46 25.17 -35.48 12.92
N PRO C 47 25.14 -36.37 13.93
CA PRO C 47 24.12 -37.40 14.11
C PRO C 47 22.66 -36.91 13.93
N LYS C 48 22.17 -36.10 14.86
CA LYS C 48 20.75 -35.70 14.84
C LYS C 48 20.49 -34.51 13.90
N VAL C 49 20.74 -34.73 12.61
CA VAL C 49 20.44 -33.73 11.61
C VAL C 49 18.95 -33.79 11.25
N GLU C 50 18.20 -32.80 11.76
CA GLU C 50 16.76 -32.80 11.60
C GLU C 50 16.31 -32.11 10.30
N MET C 51 15.59 -32.87 9.48
CA MET C 51 15.07 -32.39 8.19
C MET C 51 13.65 -31.90 8.33
N SER C 52 13.32 -30.82 7.63
CA SER C 52 11.93 -30.39 7.53
C SER C 52 11.22 -31.25 6.48
N ASP C 53 9.95 -30.94 6.22
CA ASP C 53 9.21 -31.60 5.15
C ASP C 53 9.62 -31.00 3.81
N MET C 54 9.59 -31.81 2.75
CA MET C 54 9.88 -31.31 1.42
C MET C 54 8.68 -30.56 0.87
N SER C 55 8.95 -29.41 0.27
CA SER C 55 7.92 -28.61 -0.35
C SER C 55 8.49 -28.01 -1.63
N PHE C 56 7.62 -27.45 -2.47
CA PHE C 56 8.09 -26.70 -3.63
C PHE C 56 7.54 -25.26 -3.68
N SER C 57 8.19 -24.41 -4.47
CA SER C 57 7.84 -22.99 -4.56
C SER C 57 6.75 -22.72 -5.59
N LYS C 58 6.51 -21.44 -5.90
CA LYS C 58 5.55 -21.07 -6.94
C LYS C 58 6.10 -21.40 -8.32
N ASP C 59 7.43 -21.46 -8.44
CA ASP C 59 8.09 -21.79 -9.69
C ASP C 59 8.45 -23.27 -9.75
N TRP C 60 7.73 -24.07 -8.95
CA TRP C 60 7.82 -25.54 -8.96
C TRP C 60 9.13 -26.08 -8.47
N SER C 61 10.07 -25.20 -8.13
CA SER C 61 11.38 -25.62 -7.63
C SER C 61 11.25 -26.09 -6.20
N PHE C 62 11.76 -27.30 -5.92
CA PHE C 62 11.68 -27.87 -4.58
C PHE C 62 12.60 -27.14 -3.61
N TYR C 63 12.26 -27.20 -2.32
CA TYR C 63 13.07 -26.61 -1.25
C TYR C 63 12.93 -27.37 0.06
N ILE C 64 13.99 -27.35 0.86
CA ILE C 64 14.05 -28.12 2.11
C ILE C 64 14.97 -27.46 3.14
N LEU C 65 14.71 -27.73 4.42
CA LEU C 65 15.50 -27.17 5.52
C LEU C 65 16.05 -28.22 6.49
N ALA C 66 17.37 -28.22 6.62
CA ALA C 66 18.06 -29.06 7.59
C ALA C 66 18.55 -28.19 8.74
N HIS C 67 18.35 -28.66 9.96
CA HIS C 67 18.78 -27.92 11.14
C HIS C 67 19.20 -28.82 12.25
N THR C 68 20.27 -28.45 12.93
CA THR C 68 20.74 -29.19 14.11
C THR C 68 21.44 -28.26 15.11
N GLU C 69 21.30 -28.61 16.40
CA GLU C 69 21.88 -27.81 17.49
C GLU C 69 23.40 -27.85 17.48
N PHE C 70 24.00 -26.72 17.86
CA PHE C 70 25.46 -26.60 17.94
C PHE C 70 25.88 -25.42 18.82
N THR C 71 27.08 -25.50 19.36
CA THR C 71 27.65 -24.39 20.12
C THR C 71 28.95 -23.99 19.43
N PRO C 72 28.99 -22.79 18.81
CA PRO C 72 30.15 -22.38 18.03
C PRO C 72 31.40 -22.10 18.85
N THR C 73 32.56 -22.33 18.24
CA THR C 73 33.85 -22.00 18.83
C THR C 73 34.72 -21.31 17.79
N GLU C 74 35.89 -20.82 18.20
CA GLU C 74 36.84 -20.18 17.31
C GLU C 74 37.77 -21.20 16.63
N THR C 75 37.29 -22.44 16.51
CA THR C 75 38.07 -23.53 15.92
C THR C 75 37.26 -24.45 15.02
N ASP C 76 36.04 -24.78 15.44
CA ASP C 76 35.22 -25.80 14.78
C ASP C 76 34.56 -25.32 13.49
N THR C 77 34.66 -26.13 12.44
CA THR C 77 34.13 -25.78 11.13
C THR C 77 32.89 -26.60 10.78
N TYR C 78 31.77 -25.90 10.61
CA TYR C 78 30.49 -26.51 10.30
C TYR C 78 30.13 -26.29 8.83
N ALA C 79 29.65 -27.34 8.17
CA ALA C 79 29.35 -27.28 6.75
C ALA C 79 28.14 -28.11 6.37
N CYS C 80 27.52 -27.71 5.27
CA CYS C 80 26.39 -28.42 4.71
C CYS C 80 26.78 -29.03 3.38
N ARG C 81 26.61 -30.34 3.25
CA ARG C 81 26.95 -31.05 2.02
C ARG C 81 25.71 -31.63 1.35
N VAL C 82 25.45 -31.16 0.13
CA VAL C 82 24.32 -31.63 -0.67
C VAL C 82 24.83 -32.42 -1.88
N LYS C 83 24.27 -33.62 -2.06
CA LYS C 83 24.56 -34.46 -3.23
C LYS C 83 23.29 -34.59 -4.05
N HIS C 84 23.32 -34.03 -5.26
CA HIS C 84 22.15 -34.01 -6.15
C HIS C 84 22.45 -34.52 -7.53
N ALA C 85 21.42 -35.03 -8.20
CA ALA C 85 21.51 -35.63 -9.53
C ALA C 85 22.11 -34.71 -10.61
N SER C 86 21.85 -33.41 -10.49
CA SER C 86 22.31 -32.42 -11.46
C SER C 86 23.74 -31.95 -11.18
N MET C 87 24.38 -32.58 -10.20
CA MET C 87 25.77 -32.26 -9.88
C MET C 87 26.66 -33.48 -10.04
N ALA C 88 27.79 -33.29 -10.72
CA ALA C 88 28.78 -34.34 -10.89
C ALA C 88 29.50 -34.60 -9.56
N GLU C 89 29.81 -33.52 -8.85
CA GLU C 89 30.42 -33.60 -7.53
C GLU C 89 29.46 -33.12 -6.45
N PRO C 90 29.46 -33.78 -5.27
CA PRO C 90 28.67 -33.33 -4.12
C PRO C 90 29.12 -31.94 -3.67
N LYS C 91 28.17 -31.00 -3.59
CA LYS C 91 28.47 -29.62 -3.20
C LYS C 91 28.54 -29.47 -1.69
N THR C 92 29.44 -28.61 -1.23
CA THR C 92 29.62 -28.32 0.18
C THR C 92 29.84 -26.83 0.37
N VAL C 93 29.23 -26.29 1.41
CA VAL C 93 29.43 -24.88 1.77
C VAL C 93 29.66 -24.74 3.28
N TYR C 94 30.68 -23.96 3.64
CA TYR C 94 31.07 -23.78 5.04
C TYR C 94 30.44 -22.53 5.64
N TRP C 95 29.87 -22.70 6.84
CA TRP C 95 29.22 -21.63 7.59
C TRP C 95 30.16 -20.48 7.82
N ASP C 96 29.76 -19.28 7.41
CA ASP C 96 30.70 -18.15 7.30
C ASP C 96 31.13 -17.51 8.62
N ARG C 97 30.47 -17.90 9.71
CA ARG C 97 30.80 -17.42 11.06
C ARG C 97 30.14 -16.06 11.37
N ASP C 98 29.41 -15.53 10.40
CA ASP C 98 28.65 -14.30 10.56
C ASP C 98 27.15 -14.59 10.55
N MET C 99 26.71 -15.32 9.50
CA MET C 99 25.30 -15.65 9.23
C MET C 99 24.60 -16.39 10.38
N ILE D 1 34.18 10.12 -2.82
CA ILE D 1 34.49 9.05 -3.83
C ILE D 1 33.97 9.43 -5.22
N GLN D 2 34.59 8.88 -6.26
CA GLN D 2 34.29 9.24 -7.64
C GLN D 2 33.58 8.11 -8.41
N LYS D 3 32.32 8.33 -8.76
CA LYS D 3 31.48 7.29 -9.37
C LYS D 3 31.47 7.31 -10.92
N THR D 4 31.69 6.14 -11.53
CA THR D 4 31.74 6.02 -13.01
C THR D 4 30.37 6.11 -13.66
N PRO D 5 30.30 6.52 -14.94
CA PRO D 5 29.02 6.67 -15.65
C PRO D 5 28.34 5.36 -16.05
N GLN D 6 27.03 5.43 -16.28
CA GLN D 6 26.22 4.28 -16.69
C GLN D 6 25.28 4.62 -17.84
N ILE D 7 25.59 4.12 -19.04
CA ILE D 7 24.86 4.48 -20.25
C ILE D 7 23.89 3.41 -20.71
N GLN D 8 22.64 3.80 -20.89
CA GLN D 8 21.64 2.95 -21.50
C GLN D 8 21.13 3.65 -22.76
N VAL D 9 20.91 2.89 -23.83
CA VAL D 9 20.41 3.48 -25.08
C VAL D 9 19.19 2.74 -25.60
N TYR D 10 18.11 3.51 -25.80
CA TYR D 10 16.79 2.97 -26.14
C TYR D 10 16.01 3.92 -27.03
N SER D 11 15.19 3.36 -27.91
CA SER D 11 14.33 4.14 -28.79
C SER D 11 12.99 4.43 -28.13
N ARG D 12 12.36 5.52 -28.56
CA ARG D 12 11.12 6.02 -27.97
C ARG D 12 9.91 5.17 -28.36
N HIS D 13 9.78 4.93 -29.66
CA HIS D 13 8.71 4.11 -30.21
C HIS D 13 9.34 2.83 -30.67
N PRO D 14 8.52 1.81 -30.93
CA PRO D 14 9.04 0.59 -31.52
C PRO D 14 9.77 0.93 -32.81
N PRO D 15 11.03 0.44 -32.95
CA PRO D 15 11.82 0.75 -34.13
C PRO D 15 11.53 -0.22 -35.29
N GLU D 16 10.90 0.31 -36.33
CA GLU D 16 10.74 -0.40 -37.60
C GLU D 16 11.58 0.37 -38.60
N ASN D 17 12.40 -0.35 -39.38
CA ASN D 17 13.32 0.31 -40.31
C ASN D 17 12.61 1.17 -41.32
N GLY D 18 12.91 2.47 -41.31
CA GLY D 18 12.28 3.42 -42.22
C GLY D 18 11.40 4.45 -41.54
N LYS D 19 10.65 4.02 -40.52
CA LYS D 19 9.83 4.94 -39.74
C LYS D 19 10.71 5.81 -38.82
N PRO D 20 10.49 7.14 -38.83
CA PRO D 20 11.23 8.09 -38.00
C PRO D 20 10.95 7.89 -36.53
N ASN D 21 11.99 8.09 -35.71
CA ASN D 21 11.96 7.71 -34.31
C ASN D 21 12.79 8.70 -33.49
N ILE D 22 12.77 8.58 -32.16
CA ILE D 22 13.69 9.32 -31.30
C ILE D 22 14.57 8.32 -30.55
N LEU D 23 15.89 8.54 -30.61
CA LEU D 23 16.83 7.69 -29.89
C LEU D 23 17.28 8.39 -28.62
N ASN D 24 17.02 7.76 -27.48
CA ASN D 24 17.40 8.32 -26.19
C ASN D 24 18.73 7.76 -25.70
N CYS D 25 19.60 8.63 -25.19
CA CYS D 25 20.77 8.19 -24.44
C CYS D 25 20.70 8.64 -22.98
N TYR D 26 20.59 7.68 -22.06
CA TYR D 26 20.42 7.94 -20.63
C TYR D 26 21.67 7.62 -19.83
N VAL D 27 22.30 8.66 -19.29
CA VAL D 27 23.55 8.53 -18.52
C VAL D 27 23.29 8.71 -17.01
N THR D 28 23.76 7.74 -16.23
CA THR D 28 23.36 7.58 -14.84
C THR D 28 24.58 7.40 -13.94
N GLN D 29 24.40 7.69 -12.65
CA GLN D 29 25.31 7.24 -11.58
C GLN D 29 26.74 7.76 -11.63
N PHE D 30 26.93 8.97 -12.15
CA PHE D 30 28.28 9.55 -12.25
C PHE D 30 28.47 10.74 -11.30
N HIS D 31 29.73 10.95 -10.89
CA HIS D 31 30.15 12.05 -10.02
C HIS D 31 31.63 12.25 -10.20
N PRO D 32 32.08 13.50 -10.43
CA PRO D 32 31.41 14.80 -10.45
C PRO D 32 30.56 15.01 -11.70
N PRO D 33 29.71 16.06 -11.69
CA PRO D 33 28.72 16.27 -12.74
C PRO D 33 29.29 16.67 -14.10
N HIS D 34 30.48 17.28 -14.10
CA HIS D 34 31.13 17.69 -15.35
C HIS D 34 31.35 16.51 -16.26
N ILE D 35 30.64 16.50 -17.39
CA ILE D 35 30.55 15.32 -18.24
C ILE D 35 30.46 15.70 -19.72
N GLU D 36 30.92 14.80 -20.60
CA GLU D 36 30.79 15.01 -22.05
C GLU D 36 30.09 13.86 -22.77
N ILE D 37 28.95 14.16 -23.38
CA ILE D 37 28.16 13.17 -24.10
C ILE D 37 27.92 13.61 -25.54
N GLN D 38 28.20 12.71 -26.47
CA GLN D 38 27.89 12.90 -27.89
C GLN D 38 27.25 11.63 -28.40
N MET D 39 26.24 11.78 -29.26
CA MET D 39 25.60 10.61 -29.87
C MET D 39 26.16 10.47 -31.28
N LEU D 40 26.32 9.23 -31.71
CA LEU D 40 26.97 8.96 -32.99
C LEU D 40 26.09 8.16 -33.94
N LYS D 41 26.34 8.35 -35.23
CA LYS D 41 25.74 7.56 -36.30
C LYS D 41 26.82 7.19 -37.30
N ASN D 42 27.19 5.90 -37.30
CA ASN D 42 28.31 5.38 -38.09
C ASN D 42 29.62 6.03 -37.69
N GLY D 43 29.79 6.23 -36.39
CA GLY D 43 31.03 6.76 -35.85
C GLY D 43 31.09 8.27 -35.77
N LYS D 44 30.41 8.95 -36.69
CA LYS D 44 30.42 10.42 -36.74
C LYS D 44 29.36 11.04 -35.82
N LYS D 45 29.75 12.09 -35.09
CA LYS D 45 28.89 12.77 -34.10
C LYS D 45 27.66 13.43 -34.73
N ILE D 46 26.48 13.17 -34.16
CA ILE D 46 25.22 13.72 -34.65
C ILE D 46 25.07 15.16 -34.20
N PRO D 47 24.82 16.09 -35.15
CA PRO D 47 24.90 17.53 -34.87
C PRO D 47 23.87 18.05 -33.86
N LYS D 48 22.58 17.78 -34.09
CA LYS D 48 21.53 18.36 -33.26
C LYS D 48 21.04 17.38 -32.20
N VAL D 49 21.78 17.28 -31.09
CA VAL D 49 21.39 16.40 -30.00
C VAL D 49 21.00 17.21 -28.77
N GLU D 50 19.72 17.17 -28.42
CA GLU D 50 19.20 17.92 -27.28
C GLU D 50 19.49 17.24 -25.94
N MET D 51 20.02 18.02 -25.00
CA MET D 51 20.34 17.55 -23.67
C MET D 51 19.29 18.01 -22.69
N SER D 52 19.00 17.17 -21.70
CA SER D 52 18.12 17.56 -20.60
C SER D 52 18.92 18.39 -19.59
N ASP D 53 18.26 18.87 -18.53
CA ASP D 53 18.98 19.55 -17.47
C ASP D 53 19.67 18.51 -16.62
N MET D 54 20.89 18.82 -16.20
CA MET D 54 21.61 18.00 -15.23
C MET D 54 20.78 17.93 -13.95
N SER D 55 20.66 16.72 -13.42
CA SER D 55 19.97 16.52 -12.15
C SER D 55 20.64 15.38 -11.38
N PHE D 56 20.25 15.20 -10.12
CA PHE D 56 20.80 14.09 -9.33
C PHE D 56 19.75 13.33 -8.53
N SER D 57 20.09 12.09 -8.17
CA SER D 57 19.16 11.16 -7.57
C SER D 57 19.09 11.32 -6.06
N LYS D 58 18.31 10.46 -5.41
CA LYS D 58 18.25 10.41 -3.95
C LYS D 58 19.61 10.00 -3.36
N ASP D 59 20.34 9.17 -4.12
CA ASP D 59 21.66 8.68 -3.71
C ASP D 59 22.78 9.60 -4.16
N TRP D 60 22.45 10.88 -4.34
CA TRP D 60 23.38 11.97 -4.68
C TRP D 60 24.09 11.87 -5.99
N SER D 61 23.90 10.77 -6.73
CA SER D 61 24.59 10.59 -8.01
C SER D 61 23.89 11.36 -9.12
N PHE D 62 24.65 11.97 -10.01
CA PHE D 62 24.07 12.78 -11.10
C PHE D 62 23.50 11.95 -12.24
N TYR D 63 22.66 12.57 -13.05
CA TYR D 63 22.09 11.94 -14.25
C TYR D 63 21.61 12.98 -15.26
N ILE D 64 21.46 12.55 -16.51
CA ILE D 64 21.11 13.44 -17.62
C ILE D 64 20.62 12.61 -18.81
N LEU D 65 19.78 13.22 -19.66
CA LEU D 65 19.24 12.51 -20.84
C LEU D 65 19.50 13.22 -22.18
N ALA D 66 20.26 12.54 -23.03
CA ALA D 66 20.51 12.99 -24.40
C ALA D 66 19.45 12.39 -25.31
N HIS D 67 19.05 13.12 -26.34
CA HIS D 67 18.16 12.56 -27.35
C HIS D 67 18.28 13.28 -28.68
N THR D 68 17.94 12.55 -29.73
CA THR D 68 17.97 13.07 -31.09
C THR D 68 16.96 12.30 -31.94
N GLU D 69 16.42 12.96 -32.95
CA GLU D 69 15.61 12.27 -33.95
C GLU D 69 16.50 11.33 -34.74
N PHE D 70 16.00 10.12 -35.04
CA PHE D 70 16.73 9.18 -35.90
C PHE D 70 15.79 8.27 -36.68
N THR D 71 16.26 7.80 -37.83
CA THR D 71 15.49 6.83 -38.59
C THR D 71 16.34 5.58 -38.82
N PRO D 72 16.07 4.51 -38.05
CA PRO D 72 16.81 3.25 -38.16
C PRO D 72 16.80 2.70 -39.57
N THR D 73 17.96 2.26 -40.04
CA THR D 73 18.04 1.47 -41.28
C THR D 73 18.85 0.20 -40.97
N GLU D 74 18.90 -0.74 -41.90
CA GLU D 74 19.65 -1.99 -41.64
C GLU D 74 21.16 -1.84 -41.79
N THR D 75 21.62 -0.69 -42.28
CA THR D 75 23.05 -0.49 -42.53
C THR D 75 23.72 0.49 -41.58
N ASP D 76 22.93 1.32 -40.91
CA ASP D 76 23.46 2.32 -40.00
C ASP D 76 23.56 1.77 -38.60
N THR D 77 24.63 2.14 -37.89
CA THR D 77 24.76 1.87 -36.45
C THR D 77 24.75 3.18 -35.69
N TYR D 78 24.06 3.20 -34.55
CA TYR D 78 24.08 4.36 -33.67
C TYR D 78 24.70 4.00 -32.32
N ALA D 79 25.33 4.99 -31.70
CA ALA D 79 26.02 4.77 -30.45
C ALA D 79 25.96 6.03 -29.60
N CYS D 80 26.20 5.84 -28.30
CA CYS D 80 26.35 6.95 -27.36
C CYS D 80 27.77 6.91 -26.81
N ARG D 81 28.41 8.07 -26.67
CA ARG D 81 29.81 8.13 -26.27
C ARG D 81 30.04 9.09 -25.12
N VAL D 82 30.60 8.59 -24.02
CA VAL D 82 30.78 9.41 -22.82
C VAL D 82 32.23 9.54 -22.36
N LYS D 83 32.68 10.79 -22.24
CA LYS D 83 33.96 11.15 -21.62
C LYS D 83 33.69 11.66 -20.22
N HIS D 84 34.41 11.12 -19.24
CA HIS D 84 34.22 11.48 -17.84
C HIS D 84 35.49 11.36 -17.07
N ALA D 85 35.57 12.08 -15.95
CA ALA D 85 36.76 12.13 -15.12
C ALA D 85 37.12 10.81 -14.40
N SER D 86 36.14 9.91 -14.29
CA SER D 86 36.34 8.64 -13.60
C SER D 86 36.82 7.53 -14.54
N MET D 87 36.90 7.85 -15.83
CA MET D 87 37.36 6.89 -16.83
C MET D 87 38.53 7.43 -17.62
N ALA D 88 39.61 6.65 -17.69
CA ALA D 88 40.78 7.06 -18.45
C ALA D 88 40.47 7.15 -19.95
N GLU D 89 39.50 6.35 -20.40
CA GLU D 89 39.13 6.30 -21.81
C GLU D 89 37.64 6.58 -22.01
N PRO D 90 37.25 7.14 -23.16
CA PRO D 90 35.84 7.33 -23.53
C PRO D 90 35.06 6.03 -23.63
N LYS D 91 33.84 6.05 -23.10
CA LYS D 91 32.97 4.89 -23.05
C LYS D 91 31.87 4.98 -24.11
N THR D 92 31.76 3.93 -24.92
CA THR D 92 30.79 3.87 -26.01
C THR D 92 29.89 2.66 -25.87
N VAL D 93 28.58 2.89 -25.93
CA VAL D 93 27.62 1.78 -26.07
C VAL D 93 26.81 1.92 -27.34
N TYR D 94 26.55 0.80 -28.00
CA TYR D 94 25.82 0.78 -29.25
C TYR D 94 24.35 0.54 -29.00
N TRP D 95 23.52 1.15 -29.83
CA TRP D 95 22.10 0.86 -29.83
C TRP D 95 21.94 -0.50 -30.45
N ASP D 96 21.40 -1.43 -29.67
CA ASP D 96 21.39 -2.85 -30.05
C ASP D 96 20.44 -3.17 -31.19
N ARG D 97 19.51 -2.25 -31.46
CA ARG D 97 18.49 -2.36 -32.54
C ARG D 97 17.19 -2.98 -32.05
N ASP D 98 17.12 -3.30 -30.76
CA ASP D 98 15.91 -3.81 -30.14
C ASP D 98 15.27 -2.76 -29.22
N MET D 99 16.09 -2.15 -28.37
CA MET D 99 15.68 -1.20 -27.32
C MET D 99 15.05 0.09 -27.87
N GLN E 3 -5.68 49.30 14.39
CA GLN E 3 -4.23 49.03 14.71
C GLN E 3 -3.86 47.54 14.61
N LYS E 4 -2.67 47.26 14.07
CA LYS E 4 -2.25 45.87 13.84
C LYS E 4 -1.67 45.17 15.09
N VAL E 5 -0.93 45.91 15.91
CA VAL E 5 -0.27 45.36 17.10
C VAL E 5 -0.58 46.20 18.33
N GLN E 6 -1.18 45.58 19.37
CA GLN E 6 -1.52 46.30 20.61
C GLN E 6 -0.50 46.03 21.73
N GLN E 7 0.07 47.11 22.27
CA GLN E 7 1.16 47.04 23.26
C GLN E 7 0.72 47.49 24.64
N SER E 8 1.18 46.78 25.67
CA SER E 8 0.77 47.06 27.04
C SER E 8 1.94 46.89 28.02
N PRO E 9 2.06 47.83 28.99
CA PRO E 9 1.31 49.07 29.16
C PRO E 9 1.87 50.18 28.28
N GLU E 10 1.32 51.38 28.42
CA GLU E 10 1.90 52.54 27.76
C GLU E 10 3.24 52.92 28.41
N SER E 11 3.31 52.79 29.73
CA SER E 11 4.52 53.08 30.51
C SER E 11 4.73 52.12 31.68
N LEU E 12 6.00 51.78 31.92
CA LEU E 12 6.40 50.94 33.06
C LEU E 12 7.44 51.69 33.89
N SER E 13 7.45 51.43 35.20
CA SER E 13 8.35 52.10 36.11
C SER E 13 8.99 51.10 37.06
N VAL E 14 10.26 50.78 36.80
CA VAL E 14 10.94 49.67 37.47
C VAL E 14 12.19 50.09 38.24
N PRO E 15 12.35 49.63 39.50
CA PRO E 15 13.56 49.82 40.30
C PRO E 15 14.77 49.06 39.77
N GLU E 16 15.96 49.64 39.90
CA GLU E 16 17.20 49.00 39.46
C GLU E 16 17.39 47.63 40.11
N GLY E 17 17.18 46.58 39.33
CA GLY E 17 17.26 45.20 39.82
C GLY E 17 16.00 44.39 39.57
N GLY E 18 14.85 45.03 39.75
CA GLY E 18 13.55 44.40 39.47
C GLY E 18 13.39 44.13 37.99
N MET E 19 12.27 43.50 37.60
CA MET E 19 12.05 43.19 36.20
C MET E 19 10.88 43.93 35.54
N ALA E 20 11.12 44.36 34.30
CA ALA E 20 10.13 45.07 33.52
C ALA E 20 9.43 44.09 32.61
N SER E 21 8.17 43.79 32.93
CA SER E 21 7.38 42.88 32.13
C SER E 21 6.54 43.66 31.12
N LEU E 22 6.73 43.37 29.84
CA LEU E 22 5.96 44.00 28.78
C LEU E 22 5.04 43.01 28.08
N ASN E 23 4.13 43.52 27.25
CA ASN E 23 3.22 42.67 26.48
C ASN E 23 3.02 43.19 25.07
N CYS E 24 2.45 42.34 24.22
CA CYS E 24 2.23 42.66 22.81
C CYS E 24 1.35 41.60 22.17
N THR E 25 0.30 42.04 21.49
CA THR E 25 -0.67 41.11 20.89
C THR E 25 -0.92 41.45 19.42
N SER E 26 -1.04 40.41 18.60
CA SER E 26 -1.37 40.58 17.19
C SER E 26 -2.83 40.25 16.92
N SER E 27 -3.39 40.93 15.92
CA SER E 27 -4.80 40.74 15.57
C SER E 27 -4.96 39.71 14.46
N ASP E 28 -3.93 39.59 13.61
CA ASP E 28 -4.06 38.78 12.41
C ASP E 28 -3.38 37.43 12.56
N ARG E 29 -4.13 36.38 12.20
CA ARG E 29 -3.63 35.02 12.18
C ARG E 29 -2.26 34.91 11.51
N ASN E 30 -2.05 35.71 10.47
CA ASN E 30 -0.86 35.62 9.63
C ASN E 30 0.28 36.53 10.06
N PHE E 31 0.12 37.19 11.20
CA PHE E 31 1.20 37.97 11.78
C PHE E 31 1.59 37.39 13.12
N GLN E 32 2.24 36.23 13.05
CA GLN E 32 2.53 35.42 14.22
C GLN E 32 4.00 35.44 14.64
N TYR E 33 4.79 36.27 13.97
CA TYR E 33 6.21 36.32 14.24
C TYR E 33 6.60 37.71 14.72
N PHE E 34 7.29 37.79 15.85
CA PHE E 34 7.46 39.08 16.51
C PHE E 34 8.90 39.60 16.60
N TRP E 35 9.03 40.91 16.72
CA TRP E 35 10.30 41.62 16.90
C TRP E 35 10.20 42.56 18.05
N TRP E 36 11.29 42.70 18.80
CA TRP E 36 11.37 43.75 19.81
C TRP E 36 12.50 44.67 19.48
N TYR E 37 12.22 45.96 19.42
CA TYR E 37 13.23 46.97 19.13
C TYR E 37 13.34 47.98 20.27
N ARG E 38 14.55 48.47 20.53
CA ARG E 38 14.77 49.42 21.61
C ARG E 38 15.39 50.73 21.13
N GLN E 39 14.64 51.82 21.29
CA GLN E 39 15.08 53.15 20.91
C GLN E 39 15.42 54.00 22.14
N HIS E 40 16.66 54.49 22.18
CA HIS E 40 17.05 55.49 23.16
C HIS E 40 16.78 56.85 22.60
N SER E 41 16.65 57.84 23.50
CA SER E 41 16.27 59.21 23.13
C SER E 41 17.23 59.88 22.17
N GLY E 42 16.72 60.26 21.00
CA GLY E 42 17.49 60.95 19.97
C GLY E 42 18.44 60.03 19.26
N GLU E 43 18.01 58.79 19.05
CA GLU E 43 18.85 57.75 18.50
C GLU E 43 17.98 56.77 17.71
N GLY E 44 18.59 56.08 16.74
CA GLY E 44 17.91 55.03 15.98
C GLY E 44 17.59 53.81 16.83
N PRO E 45 16.59 53.03 16.44
CA PRO E 45 16.27 51.82 17.21
C PRO E 45 17.18 50.63 16.84
N LYS E 46 17.59 49.87 17.85
CA LYS E 46 18.33 48.63 17.65
C LYS E 46 17.39 47.47 17.87
N ALA E 47 17.73 46.30 17.32
CA ALA E 47 16.91 45.11 17.47
C ALA E 47 17.24 44.39 18.79
N LEU E 48 16.24 44.21 19.64
CA LEU E 48 16.42 43.46 20.88
C LEU E 48 16.47 41.97 20.67
N MET E 49 15.42 41.42 20.05
CA MET E 49 15.35 39.98 19.72
C MET E 49 14.02 39.56 19.08
N SER E 50 14.08 38.53 18.24
CA SER E 50 12.90 37.99 17.57
C SER E 50 12.42 36.74 18.31
N ILE E 51 11.22 36.27 17.99
CA ILE E 51 10.72 35.01 18.58
C ILE E 51 10.50 33.89 17.55
N PHE E 52 9.50 34.07 16.68
CA PHE E 52 9.20 33.12 15.58
C PHE E 52 8.85 31.68 16.00
N SER E 53 9.20 31.30 17.23
CA SER E 53 8.92 29.94 17.72
C SER E 53 8.27 29.97 19.09
N ASP E 54 7.49 28.94 19.39
CA ASP E 54 6.52 28.95 20.48
C ASP E 54 7.00 28.95 21.93
N GLY E 55 8.30 28.98 22.18
CA GLY E 55 8.78 28.85 23.56
C GLY E 55 9.17 30.12 24.30
N ASP E 56 10.01 29.94 25.31
CA ASP E 56 10.80 31.03 25.90
C ASP E 56 11.98 31.27 24.97
N LYS E 57 12.71 32.36 25.18
CA LYS E 57 13.99 32.58 24.51
C LYS E 57 14.83 33.56 25.31
N LYS E 58 15.72 33.01 26.14
CA LYS E 58 16.58 33.84 26.98
C LYS E 58 17.72 34.37 26.14
N GLU E 59 18.12 35.61 26.41
CA GLU E 59 19.11 36.32 25.60
C GLU E 59 19.87 37.29 26.50
N GLY E 60 20.48 36.75 27.55
CA GLY E 60 21.18 37.58 28.52
C GLY E 60 20.23 37.97 29.63
N ARG E 61 19.94 39.25 29.76
CA ARG E 61 19.01 39.72 30.77
C ARG E 61 17.58 39.80 30.25
N PHE E 62 17.38 39.31 29.03
CA PHE E 62 16.08 39.38 28.36
C PHE E 62 15.48 38.00 28.14
N THR E 63 14.29 37.79 28.66
CA THR E 63 13.52 36.57 28.37
C THR E 63 12.26 36.96 27.63
N ALA E 64 11.98 36.28 26.53
CA ALA E 64 10.76 36.51 25.77
C ALA E 64 9.97 35.22 25.65
N HIS E 65 8.66 35.32 25.88
CA HIS E 65 7.75 34.19 25.76
C HIS E 65 6.72 34.46 24.70
N LEU E 66 6.61 33.55 23.73
CA LEU E 66 5.63 33.69 22.67
C LEU E 66 4.63 32.54 22.69
N ASN E 67 3.35 32.87 22.58
CA ASN E 67 2.29 31.88 22.41
C ASN E 67 1.54 32.12 21.10
N LYS E 68 1.97 31.47 20.02
CA LYS E 68 1.32 31.61 18.72
C LYS E 68 -0.19 31.42 18.80
N ALA E 69 -0.61 30.34 19.46
CA ALA E 69 -2.03 29.99 19.54
C ALA E 69 -2.91 31.21 19.83
N SER E 70 -2.48 32.05 20.76
CA SER E 70 -3.22 33.28 21.09
C SER E 70 -2.51 34.58 20.69
N LEU E 71 -1.64 34.49 19.68
CA LEU E 71 -0.92 35.65 19.10
C LEU E 71 -0.45 36.70 20.09
N HIS E 72 0.25 36.26 21.14
CA HIS E 72 0.67 37.13 22.22
C HIS E 72 2.12 36.91 22.55
N VAL E 73 2.85 38.01 22.73
CA VAL E 73 4.23 37.95 23.24
C VAL E 73 4.40 38.75 24.50
N SER E 74 5.28 38.27 25.37
CA SER E 74 5.71 39.03 26.53
C SER E 74 7.22 39.16 26.47
N LEU E 75 7.73 40.27 26.97
CA LEU E 75 9.17 40.48 27.06
C LEU E 75 9.50 40.70 28.52
N HIS E 76 10.70 40.29 28.91
CA HIS E 76 11.13 40.44 30.30
C HIS E 76 12.55 40.96 30.40
N ILE E 77 12.65 42.17 30.98
CA ILE E 77 13.94 42.81 31.27
C ILE E 77 14.25 42.56 32.74
N ARG E 78 14.80 41.39 33.05
CA ARG E 78 15.13 41.08 34.43
C ARG E 78 16.47 41.70 34.80
N ASP E 79 16.65 41.98 36.09
CA ASP E 79 17.82 42.69 36.62
C ASP E 79 18.06 43.97 35.84
N SER E 80 17.18 44.94 36.05
CA SER E 80 17.19 46.17 35.27
C SER E 80 18.37 47.06 35.59
N GLN E 81 18.88 47.71 34.55
CA GLN E 81 19.96 48.69 34.68
C GLN E 81 19.39 50.10 34.44
N PRO E 82 20.15 51.14 34.84
CA PRO E 82 19.82 52.47 34.38
C PRO E 82 19.74 52.52 32.84
N SER E 83 20.72 51.92 32.17
CA SER E 83 20.79 51.94 30.70
C SER E 83 19.61 51.28 30.01
N ASP E 84 18.69 50.70 30.79
CA ASP E 84 17.52 50.04 30.22
C ASP E 84 16.34 50.99 29.99
N SER E 85 16.30 52.07 30.76
CA SER E 85 15.33 53.14 30.54
C SER E 85 15.36 53.57 29.08
N ALA E 86 14.27 53.29 28.37
CA ALA E 86 14.21 53.54 26.94
C ALA E 86 12.79 53.39 26.40
N LEU E 87 12.70 53.28 25.09
CA LEU E 87 11.44 53.08 24.42
C LEU E 87 11.47 51.71 23.76
N TYR E 88 10.48 50.88 24.08
CA TYR E 88 10.44 49.48 23.60
C TYR E 88 9.33 49.21 22.60
N PHE E 89 9.72 49.03 21.35
CA PHE E 89 8.79 48.77 20.26
C PHE E 89 8.60 47.28 20.01
N CYS E 90 7.38 46.91 19.64
CA CYS E 90 7.05 45.55 19.25
C CYS E 90 6.39 45.59 17.89
N ALA E 91 6.82 44.70 17.01
CA ALA E 91 6.20 44.59 15.69
C ALA E 91 6.01 43.14 15.25
N ALA E 92 5.02 42.91 14.40
CA ALA E 92 4.68 41.57 13.91
C ALA E 92 5.04 41.43 12.44
N SER E 93 5.84 40.43 12.12
CA SER E 93 6.16 40.12 10.73
C SER E 93 5.09 39.22 10.10
N GLU E 94 4.90 39.37 8.79
CA GLU E 94 3.93 38.55 8.07
C GLU E 94 4.48 37.19 7.71
N GLN E 95 3.66 36.18 8.00
CA GLN E 95 3.84 34.83 7.55
C GLN E 95 3.90 34.86 6.02
N ASN E 96 4.91 34.20 5.45
CA ASN E 96 5.09 34.09 3.99
C ASN E 96 5.32 35.42 3.31
N ASN E 97 6.44 36.09 3.60
CA ASN E 97 6.67 37.42 3.01
C ASN E 97 7.99 37.71 2.32
N TYR E 98 9.10 37.71 3.07
CA TYR E 98 10.45 37.76 2.47
C TYR E 98 10.86 39.12 1.89
N ALA E 99 10.13 40.17 2.25
CA ALA E 99 10.43 41.56 1.85
C ALA E 99 9.41 42.42 2.58
N GLN E 100 9.86 43.11 3.62
CA GLN E 100 8.93 43.58 4.64
C GLN E 100 9.47 44.74 5.45
N GLY E 101 8.65 45.75 5.66
CA GLY E 101 9.00 46.84 6.55
C GLY E 101 8.44 46.57 7.93
N LEU E 102 9.13 47.03 8.96
CA LEU E 102 8.63 46.92 10.32
C LEU E 102 7.50 47.92 10.54
N THR E 103 6.43 47.44 11.16
CA THR E 103 5.30 48.30 11.55
C THR E 103 5.06 48.08 13.05
N PHE E 104 5.61 48.99 13.86
CA PHE E 104 5.65 48.84 15.31
C PHE E 104 4.35 49.25 15.99
N GLY E 105 4.11 48.73 17.20
CA GLY E 105 3.04 49.22 18.06
C GLY E 105 3.34 50.63 18.50
N LEU E 106 2.47 51.20 19.33
CA LEU E 106 2.68 52.57 19.84
C LEU E 106 3.95 52.63 20.69
N GLY E 107 4.32 51.49 21.27
CA GLY E 107 5.56 51.38 22.04
C GLY E 107 5.37 51.65 23.52
N THR E 108 6.16 50.96 24.35
CA THR E 108 6.12 51.12 25.81
C THR E 108 7.29 51.96 26.28
N ARG E 109 7.03 52.93 27.14
CA ARG E 109 8.11 53.68 27.79
C ARG E 109 8.47 53.03 29.12
N VAL E 110 9.74 52.66 29.24
CA VAL E 110 10.26 52.09 30.47
C VAL E 110 11.20 53.09 31.14
N SER E 111 10.90 53.41 32.40
CA SER E 111 11.79 54.21 33.24
C SER E 111 12.28 53.35 34.41
N VAL E 112 13.60 53.35 34.62
CA VAL E 112 14.20 52.57 35.69
C VAL E 112 14.82 53.50 36.70
N PHE E 113 14.34 53.43 37.95
CA PHE E 113 14.77 54.37 38.98
C PHE E 113 15.59 53.70 40.10
N PRO E 114 16.55 54.45 40.69
CA PRO E 114 17.30 53.94 41.84
C PRO E 114 16.63 54.23 43.18
N TYR E 115 16.75 53.29 44.12
CA TYR E 115 16.23 53.49 45.48
C TYR E 115 17.22 54.37 46.25
N ILE E 116 17.09 55.69 46.06
CA ILE E 116 18.00 56.67 46.65
C ILE E 116 17.98 56.66 48.18
N GLN E 117 18.87 55.87 48.76
CA GLN E 117 18.98 55.70 50.22
C GLN E 117 19.48 56.97 50.89
N ASN E 118 19.00 57.20 52.12
CA ASN E 118 19.25 58.43 52.87
C ASN E 118 18.96 59.70 52.05
N PRO E 119 17.66 60.00 51.81
CA PRO E 119 17.29 61.18 51.03
C PRO E 119 16.93 62.40 51.89
N ASP E 120 17.55 63.53 51.59
CA ASP E 120 17.30 64.79 52.29
C ASP E 120 17.01 65.92 51.31
N PRO E 121 15.72 66.22 51.05
CA PRO E 121 15.28 67.17 50.02
C PRO E 121 15.27 68.65 50.45
N ALA E 122 15.47 69.52 49.47
CA ALA E 122 15.49 70.98 49.65
C ALA E 122 15.38 71.71 48.31
N VAL E 123 14.97 72.98 48.35
CA VAL E 123 14.92 73.83 47.14
C VAL E 123 15.86 75.04 47.30
N TYR E 124 16.65 75.31 46.25
CA TYR E 124 17.65 76.37 46.29
C TYR E 124 17.33 77.54 45.34
N GLN E 125 17.39 78.76 45.88
CA GLN E 125 17.17 79.96 45.10
C GLN E 125 18.48 80.49 44.50
N LEU E 138 16.19 74.63 42.66
CA LEU E 138 16.56 73.29 42.24
C LEU E 138 16.16 72.25 43.30
N PHE E 139 15.02 71.59 43.07
CA PHE E 139 14.51 70.59 43.99
C PHE E 139 15.26 69.27 43.82
N THR E 140 16.18 69.00 44.75
CA THR E 140 17.08 67.87 44.66
C THR E 140 17.04 66.96 45.89
N ASP E 141 17.48 65.72 45.71
CA ASP E 141 17.67 64.73 46.78
C ASP E 141 16.36 64.30 47.45
N PHE E 142 15.36 63.96 46.65
CA PHE E 142 14.07 63.51 47.17
C PHE E 142 13.78 62.04 46.85
N ASP E 143 12.77 61.48 47.52
CA ASP E 143 12.37 60.08 47.32
C ASP E 143 11.65 59.87 45.98
N SER E 144 11.87 58.70 45.40
CA SER E 144 11.20 58.30 44.14
C SER E 144 9.72 58.00 44.34
N GLN E 145 9.31 57.81 45.60
CA GLN E 145 7.91 57.66 45.99
C GLN E 145 7.19 59.02 46.06
N THR E 146 7.72 60.00 45.33
CA THR E 146 7.15 61.34 45.25
C THR E 146 7.40 61.93 43.86
N ASN E 147 6.33 62.09 43.08
CA ASN E 147 6.41 62.60 41.72
C ASN E 147 6.09 64.10 41.62
N VAL E 148 6.86 64.81 40.80
CA VAL E 148 6.73 66.26 40.63
C VAL E 148 5.74 66.62 39.52
N SER E 149 4.80 67.50 39.84
CA SER E 149 3.76 67.94 38.91
C SER E 149 4.24 69.10 38.03
N GLN E 150 3.29 69.86 37.48
CA GLN E 150 3.60 71.00 36.63
C GLN E 150 2.79 72.25 37.01
N SER E 151 3.10 73.36 36.34
CA SER E 151 2.43 74.66 36.54
C SER E 151 2.40 75.13 37.99
N SER E 154 2.84 80.34 33.19
CA SER E 154 3.16 81.43 32.26
C SER E 154 4.46 82.14 32.66
N ASP E 155 4.61 82.42 33.95
CA ASP E 155 5.82 83.06 34.47
C ASP E 155 6.69 82.09 35.27
N VAL E 156 6.12 80.94 35.63
CA VAL E 156 6.84 79.94 36.42
C VAL E 156 7.32 78.79 35.53
N TYR E 157 8.48 78.22 35.87
CA TYR E 157 9.11 77.16 35.07
C TYR E 157 9.16 75.82 35.81
N ILE E 158 8.92 74.74 35.06
CA ILE E 158 8.97 73.38 35.60
C ILE E 158 9.38 72.33 34.56
N THR E 159 10.28 71.43 34.96
CA THR E 159 10.68 70.28 34.15
C THR E 159 10.60 68.99 34.96
N ASP E 160 10.60 67.85 34.27
CA ASP E 160 10.46 66.54 34.91
C ASP E 160 11.63 66.15 35.80
N LYS E 161 11.43 65.13 36.64
CA LYS E 161 12.49 64.57 37.47
C LYS E 161 13.62 64.03 36.59
N CYS E 162 14.84 64.10 37.09
CA CYS E 162 16.02 63.71 36.31
C CYS E 162 17.13 63.13 37.20
N VAL E 163 17.59 61.92 36.87
CA VAL E 163 18.61 61.24 37.66
C VAL E 163 20.02 61.69 37.27
N LEU E 164 20.69 62.36 38.20
CA LEU E 164 22.07 62.79 38.01
C LEU E 164 23.00 61.87 38.79
N ASP E 165 23.69 61.00 38.08
CA ASP E 165 24.55 59.98 38.69
C ASP E 165 26.05 60.26 38.52
N MET E 166 26.67 60.74 39.59
CA MET E 166 28.10 60.99 39.61
C MET E 166 28.87 59.68 39.65
N ARG E 167 29.68 59.45 38.62
CA ARG E 167 30.44 58.20 38.48
C ARG E 167 31.64 58.10 39.43
N SER E 168 32.42 59.18 39.50
CA SER E 168 33.67 59.21 40.28
C SER E 168 33.45 59.06 41.79
N MET E 169 32.43 59.75 42.30
CA MET E 169 32.11 59.72 43.72
C MET E 169 31.13 58.61 44.09
N ASP E 170 30.44 58.08 43.09
CA ASP E 170 29.44 57.00 43.24
C ASP E 170 28.19 57.46 44.01
N PHE E 171 27.60 58.57 43.58
CA PHE E 171 26.38 59.10 44.19
C PHE E 171 25.39 59.60 43.13
N LYS E 172 24.16 59.06 43.20
CA LYS E 172 23.10 59.40 42.26
C LYS E 172 21.95 60.17 42.94
N SER E 173 21.49 61.24 42.29
CA SER E 173 20.47 62.12 42.87
C SER E 173 19.45 62.65 41.86
N ASN E 174 18.20 62.77 42.33
CA ASN E 174 17.11 63.37 41.57
C ASN E 174 17.29 64.89 41.41
N SER E 175 16.59 65.47 40.44
CA SER E 175 16.67 66.91 40.18
C SER E 175 15.41 67.43 39.48
N ALA E 176 15.10 68.71 39.70
CA ALA E 176 13.98 69.38 39.06
C ALA E 176 14.27 70.88 38.98
N VAL E 177 14.48 71.38 37.75
CA VAL E 177 14.96 72.74 37.53
C VAL E 177 13.96 73.84 37.91
N ALA E 186 9.87 84.11 43.76
CA ALA E 186 10.79 83.52 44.72
C ALA E 186 10.64 82.00 44.80
N CYS E 187 11.68 81.33 45.30
CA CYS E 187 11.71 79.87 45.42
C CYS E 187 11.07 79.32 46.70
N ALA E 188 10.38 80.19 47.45
CA ALA E 188 9.74 79.81 48.71
C ALA E 188 8.60 78.81 48.52
N ASN E 189 7.87 78.98 47.41
CA ASN E 189 6.74 78.11 47.08
C ASN E 189 6.62 77.91 45.57
N ALA E 190 7.75 78.00 44.87
CA ALA E 190 7.80 77.90 43.41
C ALA E 190 7.36 76.54 42.90
N PHE E 191 7.89 75.48 43.48
CA PHE E 191 7.52 74.10 43.14
C PHE E 191 6.43 73.54 44.06
N ASN E 192 5.59 74.43 44.59
CA ASN E 192 4.52 74.07 45.52
C ASN E 192 3.17 73.74 44.84
N ASN E 193 3.24 73.14 43.66
CA ASN E 193 2.08 72.63 42.95
C ASN E 193 2.12 71.10 42.85
N SER E 194 2.92 70.49 43.72
CA SER E 194 3.05 69.03 43.84
C SER E 194 3.27 68.64 45.30
N ILE E 195 3.33 67.34 45.56
CA ILE E 195 3.49 66.83 46.92
C ILE E 195 4.94 66.90 47.41
N ILE E 196 5.21 67.83 48.32
CA ILE E 196 6.54 67.99 48.92
C ILE E 196 6.60 67.39 50.35
N PRO E 197 7.66 66.61 50.65
CA PRO E 197 7.80 65.88 51.93
C PRO E 197 7.80 66.75 53.19
N GLU E 198 7.61 66.11 54.34
CA GLU E 198 7.53 66.80 55.64
C GLU E 198 8.86 67.42 56.05
N ASP E 199 9.95 66.69 55.83
CA ASP E 199 11.30 67.16 56.15
C ASP E 199 11.99 67.74 54.91
N THR E 200 11.90 69.07 54.77
CA THR E 200 12.51 69.78 53.65
C THR E 200 13.13 71.11 54.12
N PHE E 201 14.40 71.32 53.76
CA PHE E 201 15.15 72.51 54.18
C PHE E 201 14.87 73.70 53.26
N PHE E 202 14.80 74.88 53.85
CA PHE E 202 14.58 76.14 53.11
C PHE E 202 15.42 77.29 53.69
N PRO E 203 16.28 77.89 52.86
CA PRO E 203 17.15 79.00 53.28
C PRO E 203 16.35 80.26 53.59
N PRO F 3 27.58 46.04 10.88
CA PRO F 3 28.03 47.45 11.08
C PRO F 3 26.88 48.45 10.92
N LYS F 4 27.14 49.71 11.28
CA LYS F 4 26.11 50.75 11.34
C LYS F 4 25.96 51.53 10.03
N VAL F 5 24.71 51.70 9.60
CA VAL F 5 24.38 52.57 8.47
C VAL F 5 24.54 54.05 8.83
N LEU F 6 25.28 54.77 7.99
CA LEU F 6 25.45 56.22 8.15
C LEU F 6 24.32 56.97 7.43
N GLN F 7 23.97 58.15 7.97
CA GLN F 7 22.92 58.99 7.43
C GLN F 7 23.29 60.45 7.68
N ILE F 8 23.31 61.24 6.61
CA ILE F 8 23.76 62.62 6.69
C ILE F 8 23.03 63.56 5.72
N PRO F 9 22.81 64.81 6.16
CA PRO F 9 22.84 65.27 7.54
C PRO F 9 21.60 66.11 7.83
N SER F 10 21.06 66.12 9.04
CA SER F 10 21.30 65.24 10.19
C SER F 10 20.36 65.97 11.12
N HIS F 11 20.48 67.29 11.06
CA HIS F 11 19.41 68.22 11.38
C HIS F 11 19.30 69.09 10.15
N GLN F 12 18.08 69.38 9.71
CA GLN F 12 17.84 70.08 8.43
C GLN F 12 16.66 71.06 8.48
N ILE F 13 16.92 72.34 8.17
CA ILE F 13 15.88 73.38 8.14
C ILE F 13 15.63 73.84 6.70
N ILE F 14 14.35 73.93 6.33
CA ILE F 14 13.96 74.24 4.95
C ILE F 14 12.65 75.04 4.87
N ASP F 15 12.64 76.06 4.02
CA ASP F 15 11.44 76.87 3.75
C ASP F 15 10.41 76.09 2.95
N MET F 16 9.14 76.23 3.33
CA MET F 16 8.02 75.56 2.64
C MET F 16 8.06 75.72 1.12
N GLY F 17 7.65 74.66 0.43
CA GLY F 17 7.51 74.70 -1.03
C GLY F 17 8.78 74.41 -1.82
N GLN F 18 9.89 74.22 -1.11
CA GLN F 18 11.18 73.94 -1.74
C GLN F 18 11.63 72.52 -1.45
N MET F 19 12.27 71.89 -2.44
CA MET F 19 12.65 70.48 -2.39
C MET F 19 13.76 70.13 -1.39
N VAL F 20 13.55 69.01 -0.68
CA VAL F 20 14.52 68.45 0.25
C VAL F 20 14.90 67.05 -0.22
N THR F 21 16.20 66.78 -0.25
CA THR F 21 16.72 65.43 -0.51
C THR F 21 17.50 64.96 0.72
N LEU F 22 17.10 63.81 1.26
CA LEU F 22 17.74 63.25 2.43
C LEU F 22 18.56 62.02 2.03
N ASN F 23 19.83 62.01 2.41
CA ASN F 23 20.77 60.99 1.96
C ASN F 23 20.99 59.87 2.94
N CYS F 24 21.07 58.66 2.41
CA CYS F 24 21.37 57.49 3.23
C CYS F 24 22.51 56.66 2.66
N ASP F 25 23.29 56.08 3.57
CA ASP F 25 24.47 55.28 3.22
C ASP F 25 24.42 53.98 4.02
N PRO F 26 23.86 52.91 3.42
CA PRO F 26 23.57 51.67 4.13
C PRO F 26 24.81 50.87 4.52
N VAL F 27 24.58 49.72 5.16
CA VAL F 27 25.65 48.79 5.48
C VAL F 27 26.08 48.08 4.19
N SER F 28 27.39 47.95 3.98
CA SER F 28 27.92 47.30 2.78
C SER F 28 27.32 45.90 2.53
N ASN F 29 27.26 45.52 1.25
CA ASN F 29 26.57 44.31 0.74
C ASN F 29 25.11 44.05 1.18
N HIS F 30 24.49 45.02 1.83
CA HIS F 30 23.05 45.03 2.06
C HIS F 30 22.36 45.48 0.81
N LEU F 31 21.22 44.88 0.50
CA LEU F 31 20.51 45.17 -0.75
C LEU F 31 19.10 45.69 -0.50
N TYR F 32 18.59 45.45 0.71
CA TYR F 32 17.24 45.86 1.08
C TYR F 32 17.27 47.16 1.89
N PHE F 33 16.58 48.19 1.41
CA PHE F 33 16.61 49.53 2.04
C PHE F 33 15.24 50.03 2.50
N TYR F 34 15.23 50.96 3.45
CA TYR F 34 14.01 51.33 4.15
C TYR F 34 13.95 52.80 4.54
N TRP F 35 12.73 53.34 4.59
CA TRP F 35 12.49 54.66 5.15
C TRP F 35 11.39 54.63 6.17
N TYR F 36 11.63 55.28 7.30
CA TYR F 36 10.64 55.39 8.38
C TYR F 36 10.49 56.84 8.84
N LYS F 37 9.31 57.18 9.32
CA LYS F 37 9.05 58.53 9.81
C LYS F 37 8.58 58.49 11.27
N GLN F 38 9.17 59.35 12.11
CA GLN F 38 8.76 59.46 13.52
C GLN F 38 8.49 60.92 13.91
N ILE F 39 7.20 61.25 14.07
CA ILE F 39 6.78 62.60 14.39
C ILE F 39 6.88 62.88 15.89
N LEU F 40 7.53 64.01 16.22
CA LEU F 40 7.73 64.50 17.59
C LEU F 40 8.25 63.45 18.58
N GLY F 41 8.82 62.37 18.06
CA GLY F 41 9.33 61.28 18.90
C GLY F 41 8.26 60.31 19.37
N GLN F 42 7.04 60.50 18.89
CA GLN F 42 5.90 59.65 19.25
C GLN F 42 6.00 58.23 18.68
N GLN F 43 5.45 58.02 17.47
CA GLN F 43 5.37 56.69 16.87
C GLN F 43 6.26 56.56 15.65
N MET F 44 6.86 55.39 15.50
CA MET F 44 7.65 55.02 14.33
C MET F 44 6.74 54.54 13.19
N GLU F 45 6.80 55.22 12.06
CA GLU F 45 5.96 54.86 10.91
C GLU F 45 6.80 54.38 9.73
N PHE F 46 6.39 53.26 9.13
CA PHE F 46 7.06 52.74 7.94
C PHE F 46 6.60 53.52 6.71
N LEU F 47 7.54 53.85 5.83
CA LEU F 47 7.26 54.65 4.63
C LEU F 47 7.39 53.89 3.31
N VAL F 48 8.56 53.29 3.08
CA VAL F 48 8.82 52.55 1.84
C VAL F 48 9.96 51.56 2.01
N ASN F 49 9.91 50.45 1.27
CA ASN F 49 11.07 49.58 1.15
C ASN F 49 11.55 49.45 -0.29
N PHE F 50 12.84 49.17 -0.46
CA PHE F 50 13.50 49.27 -1.76
C PHE F 50 14.55 48.18 -1.86
N TYR F 51 14.50 47.40 -2.93
CA TYR F 51 15.50 46.38 -3.18
C TYR F 51 16.07 46.54 -4.59
N ASN F 52 17.37 46.81 -4.65
CA ASN F 52 18.14 46.77 -5.90
C ASN F 52 17.45 47.43 -7.10
N GLY F 53 17.29 48.75 -7.04
CA GLY F 53 16.83 49.54 -8.18
C GLY F 53 15.33 49.61 -8.45
N LYS F 54 14.50 49.06 -7.57
CA LYS F 54 13.03 49.10 -7.77
C LYS F 54 12.21 49.03 -6.48
N VAL F 55 11.63 50.17 -6.10
CA VAL F 55 10.84 50.30 -4.87
C VAL F 55 9.73 49.24 -4.78
N MET F 56 9.60 48.63 -3.61
CA MET F 56 8.49 47.73 -3.31
C MET F 56 7.46 48.44 -2.44
N GLU F 57 6.77 47.68 -1.59
CA GLU F 57 5.69 48.19 -0.73
C GLU F 57 5.82 49.66 -0.31
N LYS F 58 4.84 50.46 -0.74
CA LYS F 58 4.77 51.87 -0.35
C LYS F 58 3.58 52.05 0.59
N SER F 59 3.84 52.61 1.76
CA SER F 59 2.80 52.79 2.77
C SER F 59 1.84 53.93 2.42
N LYS F 60 0.73 54.00 3.14
CA LYS F 60 -0.26 55.05 2.96
C LYS F 60 0.34 56.43 3.25
N LEU F 61 1.36 56.49 4.10
CA LEU F 61 2.01 57.76 4.45
C LEU F 61 3.01 58.24 3.38
N PHE F 62 3.26 57.39 2.38
CA PHE F 62 4.18 57.74 1.30
C PHE F 62 3.50 58.65 0.28
N LYS F 63 3.43 59.94 0.62
CA LYS F 63 2.71 60.95 -0.17
C LYS F 63 3.16 61.02 -1.64
N ASP F 64 2.26 61.47 -2.51
CA ASP F 64 2.53 61.56 -3.96
C ASP F 64 3.84 62.26 -4.30
N GLN F 65 4.21 63.26 -3.51
CA GLN F 65 5.44 64.01 -3.73
C GLN F 65 6.63 63.43 -2.96
N PHE F 66 6.61 62.13 -2.73
CA PHE F 66 7.74 61.40 -2.17
C PHE F 66 8.40 60.58 -3.27
N SER F 67 9.71 60.64 -3.36
CA SER F 67 10.45 59.86 -4.36
C SER F 67 11.66 59.17 -3.76
N VAL F 68 11.89 57.92 -4.17
CA VAL F 68 13.08 57.16 -3.78
C VAL F 68 13.76 56.50 -4.97
N GLU F 69 15.06 56.68 -5.07
CA GLU F 69 15.87 56.01 -6.09
C GLU F 69 17.22 55.60 -5.50
N ARG F 70 17.96 54.76 -6.21
CA ARG F 70 19.30 54.39 -5.79
C ARG F 70 20.21 54.26 -7.00
N PRO F 71 20.74 55.38 -7.49
CA PRO F 71 21.63 55.37 -8.65
C PRO F 71 22.99 54.79 -8.29
N ASP F 72 23.35 53.69 -8.96
CA ASP F 72 24.61 52.98 -8.70
C ASP F 72 25.79 53.94 -8.57
N GLY F 73 26.39 53.96 -7.38
CA GLY F 73 27.49 54.86 -7.06
C GLY F 73 27.15 55.80 -5.94
N SER F 74 26.07 56.56 -6.14
CA SER F 74 25.62 57.56 -5.16
C SER F 74 24.84 56.91 -3.99
N TYR F 75 24.18 57.75 -3.21
CA TYR F 75 23.46 57.32 -2.02
C TYR F 75 22.09 56.75 -2.34
N PHE F 76 21.45 56.24 -1.30
CA PHE F 76 20.05 55.90 -1.33
C PHE F 76 19.30 57.11 -0.79
N THR F 77 18.46 57.72 -1.63
CA THR F 77 17.85 59.00 -1.29
C THR F 77 16.32 59.01 -1.27
N LEU F 78 15.77 59.74 -0.30
CA LEU F 78 14.36 60.10 -0.27
C LEU F 78 14.20 61.57 -0.66
N LYS F 79 13.35 61.83 -1.65
CA LYS F 79 13.09 63.21 -2.07
C LYS F 79 11.66 63.62 -1.75
N ILE F 80 11.52 64.70 -0.99
CA ILE F 80 10.24 65.36 -0.80
C ILE F 80 10.20 66.51 -1.79
N GLN F 81 9.09 66.68 -2.50
CA GLN F 81 9.02 67.66 -3.59
C GLN F 81 7.59 68.03 -3.99
N PRO F 82 7.01 69.08 -3.35
CA PRO F 82 7.30 69.79 -2.10
C PRO F 82 6.33 69.25 -1.03
N THR F 83 6.62 69.16 0.28
CA THR F 83 7.48 69.97 1.21
C THR F 83 6.62 70.99 1.93
N ALA F 84 5.59 70.46 2.59
CA ALA F 84 4.68 71.25 3.41
C ALA F 84 5.07 71.13 4.87
N LEU F 85 4.26 71.71 5.75
CA LEU F 85 4.54 71.70 7.19
C LEU F 85 4.25 70.36 7.85
N GLU F 86 3.41 69.53 7.22
CA GLU F 86 3.09 68.20 7.74
C GLU F 86 4.28 67.25 7.71
N ASP F 87 5.39 67.73 7.14
CA ASP F 87 6.59 66.91 6.94
C ASP F 87 7.61 67.08 8.06
N SER F 88 7.53 68.20 8.76
CA SER F 88 8.42 68.48 9.89
C SER F 88 8.37 67.35 10.93
N ALA F 89 9.38 66.47 10.85
CA ALA F 89 9.51 65.30 11.71
C ALA F 89 10.92 64.69 11.57
N VAL F 90 11.14 63.54 12.21
CA VAL F 90 12.43 62.85 12.13
C VAL F 90 12.32 61.68 11.14
N TYR F 91 13.35 61.48 10.33
CA TYR F 91 13.31 60.47 9.28
C TYR F 91 14.43 59.45 9.43
N PHE F 92 14.05 58.18 9.53
CA PHE F 92 15.03 57.11 9.73
C PHE F 92 15.22 56.22 8.50
N CYS F 93 16.48 55.91 8.22
CA CYS F 93 16.87 55.04 7.13
C CYS F 93 17.20 53.66 7.68
N ALA F 94 17.16 52.63 6.84
CA ALA F 94 17.49 51.27 7.30
C ALA F 94 17.96 50.29 6.21
N SER F 95 18.93 49.45 6.56
CA SER F 95 19.41 48.34 5.71
C SER F 95 19.06 46.98 6.34
N SER F 96 19.02 45.89 5.55
CA SER F 96 18.53 44.59 6.09
C SER F 96 19.23 43.30 5.64
N PHE F 97 19.84 43.30 4.47
CA PHE F 97 20.39 42.08 3.82
C PHE F 97 19.35 41.02 3.45
N TRP F 98 18.59 40.57 4.43
CA TRP F 98 17.40 39.77 4.13
C TRP F 98 16.19 40.65 4.06
N GLY F 99 15.26 40.29 3.19
CA GLY F 99 14.02 41.06 3.02
C GLY F 99 13.12 41.03 4.24
N ALA F 100 13.16 39.91 4.96
CA ALA F 100 12.32 39.72 6.14
C ALA F 100 12.91 38.68 7.11
N TYR F 101 12.38 38.69 8.33
CA TYR F 101 12.75 37.77 9.40
C TYR F 101 14.20 37.93 9.85
N ALA F 102 14.80 39.07 9.51
CA ALA F 102 16.15 39.41 9.94
C ALA F 102 16.24 40.86 10.38
N GLU F 103 17.24 41.15 11.22
CA GLU F 103 17.43 42.47 11.80
C GLU F 103 17.56 43.56 10.75
N GLN F 104 16.81 44.64 10.93
CA GLN F 104 17.00 45.85 10.14
C GLN F 104 17.94 46.76 10.91
N PHE F 105 18.76 47.50 10.18
CA PHE F 105 19.74 48.38 10.81
C PHE F 105 19.36 49.82 10.55
N PHE F 106 19.10 50.57 11.61
CA PHE F 106 18.59 51.92 11.47
C PHE F 106 19.69 52.96 11.54
N GLY F 107 19.53 54.05 10.79
CA GLY F 107 20.47 55.16 10.85
C GLY F 107 20.25 56.00 12.08
N PRO F 108 21.07 57.06 12.27
CA PRO F 108 20.86 58.02 13.36
C PRO F 108 19.65 58.89 13.10
N GLY F 109 19.28 59.03 11.82
CA GLY F 109 18.06 59.73 11.43
C GLY F 109 18.17 61.24 11.38
N THR F 110 17.74 61.79 10.24
CA THR F 110 17.71 63.23 10.00
C THR F 110 16.49 63.86 10.65
N ARG F 111 16.65 65.08 11.17
CA ARG F 111 15.56 65.81 11.78
C ARG F 111 15.13 66.98 10.91
N LEU F 112 13.93 66.88 10.35
CA LEU F 112 13.42 67.85 9.40
C LEU F 112 12.49 68.86 10.05
N THR F 113 12.67 70.13 9.67
CA THR F 113 11.82 71.23 10.11
C THR F 113 11.52 72.13 8.91
N VAL F 114 10.49 71.76 8.14
CA VAL F 114 9.99 72.62 7.06
C VAL F 114 9.22 73.76 7.73
N LEU F 115 9.62 74.99 7.43
CA LEU F 115 9.05 76.16 8.10
C LEU F 115 8.26 77.06 7.15
N GLU F 116 7.24 77.73 7.69
CA GLU F 116 6.44 78.69 6.92
C GLU F 116 7.32 79.88 6.54
N ASP F 117 7.56 80.77 7.51
CA ASP F 117 8.47 81.91 7.32
C ASP F 117 9.82 81.62 7.97
N LEU F 118 10.90 81.76 7.20
CA LEU F 118 12.25 81.42 7.65
C LEU F 118 12.89 82.52 8.51
N ARG F 119 12.12 83.55 8.82
CA ARG F 119 12.59 84.69 9.61
C ARG F 119 12.54 84.46 11.12
N ASN F 120 12.00 83.32 11.55
CA ASN F 120 11.81 83.01 12.97
C ASN F 120 12.92 82.17 13.61
N VAL F 121 13.78 81.57 12.78
CA VAL F 121 14.88 80.72 13.25
C VAL F 121 15.90 81.49 14.10
N THR F 122 15.76 81.36 15.43
CA THR F 122 16.58 82.10 16.39
C THR F 122 17.39 81.16 17.28
N PRO F 123 18.72 81.38 17.37
CA PRO F 123 19.59 80.63 18.28
C PRO F 123 19.30 80.94 19.76
N PRO F 124 19.82 80.12 20.70
CA PRO F 124 19.60 80.39 22.11
C PRO F 124 20.79 81.07 22.82
N LYS F 125 20.48 82.06 23.64
CA LYS F 125 21.48 82.65 24.52
C LYS F 125 21.62 81.75 25.74
N VAL F 126 22.72 81.00 25.80
CA VAL F 126 22.99 80.11 26.93
C VAL F 126 23.36 80.90 28.20
N SER F 127 22.83 80.46 29.34
CA SER F 127 23.04 81.16 30.61
C SER F 127 23.45 80.20 31.73
N LEU F 128 24.75 79.94 31.83
CA LEU F 128 25.31 79.06 32.87
C LEU F 128 25.06 79.64 34.27
N PHE F 129 24.01 79.15 34.93
CA PHE F 129 23.58 79.65 36.25
C PHE F 129 24.54 79.28 37.38
N GLU F 130 24.45 80.01 38.49
CA GLU F 130 25.35 79.87 39.64
C GLU F 130 24.95 78.74 40.60
N PRO F 131 25.94 78.17 41.33
CA PRO F 131 25.66 77.20 42.40
C PRO F 131 25.18 77.87 43.68
N SER F 132 24.41 77.15 44.49
CA SER F 132 23.86 77.71 45.73
C SER F 132 24.73 77.42 46.94
N LYS F 133 24.96 78.46 47.75
CA LYS F 133 25.76 78.35 48.98
C LYS F 133 25.01 77.61 50.08
N ALA F 134 23.72 77.36 49.86
CA ALA F 134 22.89 76.62 50.81
C ALA F 134 23.00 75.11 50.62
N GLU F 135 23.70 74.71 49.56
CA GLU F 135 23.90 73.31 49.24
C GLU F 135 25.24 72.81 49.78
N ILE F 136 26.27 73.62 49.63
CA ILE F 136 27.65 73.24 49.95
C ILE F 136 27.95 73.27 51.46
N SER F 137 26.95 73.68 52.25
CA SER F 137 27.05 73.67 53.71
C SER F 137 26.00 72.76 54.35
N HIS F 138 24.82 72.72 53.75
CA HIS F 138 23.74 71.86 54.24
C HIS F 138 23.90 70.44 53.78
N THR F 139 24.58 70.26 52.66
CA THR F 139 24.78 68.92 52.09
C THR F 139 26.21 68.70 51.60
N GLN F 140 27.05 69.73 51.71
CA GLN F 140 28.45 69.69 51.25
C GLN F 140 28.63 69.18 49.81
N LYS F 141 27.54 69.18 49.05
CA LYS F 141 27.57 68.72 47.66
C LYS F 141 27.68 69.88 46.68
N VAL F 145 23.59 74.02 36.57
CA VAL F 145 22.33 74.39 35.94
C VAL F 145 22.57 75.43 34.86
N CYS F 146 22.04 75.17 33.66
CA CYS F 146 22.32 75.97 32.47
C CYS F 146 21.03 76.12 31.64
N LEU F 147 20.34 77.25 31.80
CA LEU F 147 19.05 77.47 31.13
C LEU F 147 19.20 78.25 29.81
N ALA F 148 18.67 77.67 28.73
CA ALA F 148 18.74 78.25 27.39
C ALA F 148 17.42 78.87 26.96
N THR F 149 17.47 80.13 26.53
CA THR F 149 16.26 80.91 26.21
C THR F 149 16.12 81.21 24.72
N GLY F 150 14.88 81.17 24.23
CA GLY F 150 14.54 81.62 22.87
C GLY F 150 15.07 80.80 21.71
N PHE F 151 15.29 79.50 21.95
CA PHE F 151 15.75 78.58 20.90
C PHE F 151 14.61 78.27 19.94
N TYR F 152 14.92 78.29 18.64
CA TYR F 152 13.93 77.97 17.60
C TYR F 152 14.60 77.65 16.26
N PRO F 153 14.27 76.49 15.65
CA PRO F 153 13.50 75.37 16.16
C PRO F 153 14.08 74.00 15.79
N ASP F 154 14.57 73.21 16.72
CA ASP F 154 14.97 73.59 18.06
C ASP F 154 16.21 72.73 18.24
N HIS F 155 17.07 72.77 17.21
CA HIS F 155 18.16 71.82 17.00
C HIS F 155 19.28 72.00 17.99
N VAL F 156 19.00 71.69 19.25
CA VAL F 156 19.89 72.02 20.36
C VAL F 156 20.54 70.79 21.00
N GLU F 157 21.78 70.98 21.49
CA GLU F 157 22.49 70.00 22.31
C GLU F 157 23.34 70.76 23.33
N LEU F 158 22.88 70.77 24.59
CA LEU F 158 23.65 71.37 25.68
C LEU F 158 24.63 70.35 26.25
N SER F 159 25.91 70.72 26.30
CA SER F 159 26.96 69.84 26.83
C SER F 159 27.85 70.59 27.82
N TRP F 160 28.82 69.89 28.39
CA TRP F 160 29.71 70.45 29.42
C TRP F 160 31.15 70.21 29.13
N TRP F 161 31.98 71.22 29.42
CA TRP F 161 33.41 71.16 29.18
C TRP F 161 34.18 71.68 30.36
N LYS F 165 37.67 68.86 27.00
CA LYS F 165 37.20 67.49 27.19
C LYS F 165 35.81 67.45 27.80
N GLU F 166 34.91 66.68 27.18
CA GLU F 166 33.53 66.54 27.66
C GLU F 166 33.42 65.69 28.92
N VAL F 167 32.39 66.00 29.73
CA VAL F 167 32.13 65.26 30.96
C VAL F 167 30.70 64.72 30.98
N HIS F 168 30.55 63.47 30.52
CA HIS F 168 29.25 62.80 30.46
C HIS F 168 28.90 62.05 31.72
N SER F 169 29.25 62.63 32.88
CA SER F 169 29.00 62.00 34.16
C SER F 169 28.68 63.05 35.23
N GLY F 170 27.61 62.81 35.98
CA GLY F 170 27.12 63.76 36.99
C GLY F 170 26.19 64.80 36.39
N VAL F 171 26.34 65.00 35.08
CA VAL F 171 25.54 65.96 34.33
C VAL F 171 24.26 65.32 33.82
N CYS F 172 23.13 65.95 34.17
CA CYS F 172 21.81 65.50 33.73
C CYS F 172 21.12 66.55 32.86
N THR F 173 20.45 66.09 31.79
CA THR F 173 19.78 66.99 30.84
C THR F 173 18.29 66.62 30.71
N ASP F 174 17.48 67.61 30.33
CA ASP F 174 16.04 67.44 30.10
C ASP F 174 15.74 66.54 28.89
N PRO F 175 14.65 65.74 28.98
CA PRO F 175 14.29 64.82 27.87
C PRO F 175 13.94 65.57 26.59
N GLN F 176 12.84 66.33 26.62
CA GLN F 176 12.49 67.24 25.54
C GLN F 176 12.55 68.68 26.08
N PRO F 177 12.91 69.65 25.23
CA PRO F 177 12.86 71.06 25.62
C PRO F 177 11.43 71.54 25.90
N LEU F 178 11.28 72.42 26.88
CA LEU F 178 9.98 72.98 27.24
C LEU F 178 9.65 74.18 26.38
N LYS F 179 8.53 74.12 25.66
CA LYS F 179 8.07 75.21 24.81
C LYS F 179 7.79 76.46 25.64
N GLU F 180 8.49 77.54 25.31
CA GLU F 180 8.50 78.78 26.09
C GLU F 180 7.09 79.38 26.26
N GLN F 181 6.30 79.32 25.20
CA GLN F 181 4.89 79.73 25.23
C GLN F 181 4.07 78.75 24.39
N PRO F 182 3.50 77.71 25.04
CA PRO F 182 2.81 76.58 24.37
C PRO F 182 1.63 76.96 23.48
N ALA F 183 1.04 78.13 23.70
CA ALA F 183 -0.11 78.60 22.92
C ALA F 183 0.26 78.93 21.47
N LEU F 184 1.41 79.59 21.30
CA LEU F 184 1.88 80.03 19.99
C LEU F 184 2.22 78.85 19.07
N ASN F 185 1.74 78.92 17.83
CA ASN F 185 2.00 77.89 16.82
C ASN F 185 3.50 77.77 16.50
N ASP F 186 4.12 78.91 16.19
CA ASP F 186 5.57 78.96 15.98
C ASP F 186 6.26 79.54 17.22
N SER F 187 6.31 78.72 18.27
CA SER F 187 6.81 79.14 19.57
C SER F 187 8.25 78.69 19.80
N ARG F 188 9.01 79.53 20.51
CA ARG F 188 10.39 79.23 20.87
C ARG F 188 10.46 78.25 22.05
N TYR F 189 11.62 77.62 22.21
CA TYR F 189 11.80 76.55 23.21
C TYR F 189 12.88 76.88 24.24
N SER F 190 12.68 76.38 25.46
CA SER F 190 13.63 76.56 26.56
C SER F 190 13.94 75.23 27.24
N LEU F 191 15.18 74.78 27.09
CA LEU F 191 15.64 73.51 27.68
C LEU F 191 16.50 73.75 28.92
N SER F 192 16.57 72.74 29.78
CA SER F 192 17.36 72.79 31.02
C SER F 192 18.47 71.72 31.02
N SER F 193 19.56 72.01 31.73
CA SER F 193 20.71 71.10 31.77
C SER F 193 21.60 71.38 33.00
N ARG F 194 21.78 70.36 33.85
CA ARG F 194 22.52 70.52 35.12
C ARG F 194 23.89 69.85 35.12
N LEU F 195 24.72 70.25 36.07
CA LEU F 195 26.01 69.59 36.35
C LEU F 195 26.32 69.76 37.84
N ARG F 196 26.59 68.65 38.53
CA ARG F 196 26.76 68.70 39.99
C ARG F 196 28.21 68.58 40.48
N VAL F 197 28.69 69.66 41.12
CA VAL F 197 30.05 69.73 41.64
C VAL F 197 30.07 69.55 43.17
N SER F 198 31.27 69.37 43.72
CA SER F 198 31.46 69.10 45.15
C SER F 198 32.08 70.27 45.92
N ALA F 199 32.27 70.07 47.23
CA ALA F 199 32.88 71.06 48.12
C ALA F 199 34.38 71.23 47.86
N THR F 200 34.92 70.41 46.97
CA THR F 200 36.30 70.52 46.52
C THR F 200 36.34 70.88 45.03
N PHE F 201 35.28 70.48 44.31
CA PHE F 201 35.20 70.72 42.87
C PHE F 201 34.84 72.17 42.53
N TRP F 202 33.88 72.75 43.25
CA TRP F 202 33.49 74.15 43.01
C TRP F 202 34.23 75.16 43.86
N GLN F 203 34.59 74.78 45.09
CA GLN F 203 35.30 75.68 46.01
C GLN F 203 36.74 75.96 45.58
N ASN F 204 37.04 75.68 44.31
CA ASN F 204 38.35 75.90 43.72
C ASN F 204 38.28 76.92 42.57
N PRO F 205 39.04 78.01 42.67
CA PRO F 205 39.02 79.05 41.64
C PRO F 205 39.86 78.71 40.40
N ARG F 206 40.25 77.45 40.25
CA ARG F 206 41.13 77.04 39.15
C ARG F 206 40.40 76.29 38.02
N ASN F 207 39.37 75.54 38.36
CA ASN F 207 38.63 74.74 37.37
C ASN F 207 37.92 75.57 36.32
N HIS F 208 37.77 74.98 35.12
CA HIS F 208 37.04 75.62 34.02
C HIS F 208 36.05 74.67 33.42
N PHE F 209 34.82 75.16 33.25
CA PHE F 209 33.75 74.38 32.63
C PHE F 209 32.84 75.26 31.78
N ARG F 210 32.82 74.98 30.47
CA ARG F 210 31.96 75.70 29.53
C ARG F 210 30.67 74.91 29.26
N CYS F 211 29.55 75.64 29.25
CA CYS F 211 28.25 75.05 28.91
C CYS F 211 27.94 75.29 27.43
N GLN F 212 28.51 74.43 26.58
CA GLN F 212 28.36 74.56 25.13
C GLN F 212 27.00 74.03 24.69
N VAL F 213 26.29 74.84 23.92
CA VAL F 213 25.03 74.42 23.30
C VAL F 213 25.18 74.49 21.79
N GLN F 214 25.15 73.32 21.15
CA GLN F 214 25.21 73.23 19.70
C GLN F 214 23.88 73.68 19.12
N PHE F 215 23.93 74.30 17.94
CA PHE F 215 22.71 74.73 17.26
C PHE F 215 22.82 74.60 15.74
N TYR F 216 21.97 73.75 15.16
CA TYR F 216 21.86 73.65 13.71
C TYR F 216 20.75 74.57 13.23
N GLY F 217 21.07 75.45 12.29
CA GLY F 217 20.13 76.46 11.81
C GLY F 217 20.06 76.59 10.30
N LEU F 218 20.51 77.74 9.80
CA LEU F 218 20.50 78.02 8.36
C LEU F 218 21.84 77.66 7.72
N SER F 219 21.75 77.02 6.55
CA SER F 219 22.93 76.56 5.81
C SER F 219 23.69 77.74 5.20
N GLU F 220 24.98 77.52 4.92
CA GLU F 220 25.84 78.53 4.30
C GLU F 220 25.34 78.99 2.93
N ASN F 221 24.42 78.22 2.33
CA ASN F 221 23.80 78.58 1.06
C ASN F 221 22.39 79.14 1.23
N ASP F 222 22.26 80.12 2.12
CA ASP F 222 20.97 80.78 2.40
C ASP F 222 21.11 82.30 2.53
N GLU F 223 20.02 83.01 2.23
CA GLU F 223 20.00 84.47 2.30
C GLU F 223 19.24 85.00 3.51
N TRP F 224 19.97 85.32 4.57
CA TRP F 224 19.39 85.83 5.82
C TRP F 224 19.34 87.33 5.84
N THR F 225 18.45 87.90 5.05
CA THR F 225 18.29 89.36 4.96
C THR F 225 16.91 89.79 5.46
N VAL F 232 21.36 80.89 10.99
CA VAL F 232 22.80 80.95 11.19
C VAL F 232 23.24 79.92 12.24
N THR F 233 23.70 78.76 11.79
CA THR F 233 24.14 77.67 12.67
C THR F 233 25.36 78.04 13.50
N GLN F 234 25.34 77.66 14.78
CA GLN F 234 26.39 78.08 15.74
C GLN F 234 26.56 77.19 16.99
N ILE F 235 27.55 77.54 17.79
CA ILE F 235 27.75 76.97 19.13
C ILE F 235 27.73 78.13 20.11
N VAL F 236 27.16 77.91 21.30
CA VAL F 236 27.13 78.93 22.36
C VAL F 236 27.64 78.35 23.70
N SER F 237 28.85 78.75 24.09
CA SER F 237 29.52 78.22 25.28
C SER F 237 29.41 79.14 26.50
N ALA F 238 30.46 79.18 27.32
CA ALA F 238 30.50 80.03 28.51
C ALA F 238 31.60 81.09 28.45
N LYS G 4 -36.24 -35.23 2.18
CA LYS G 4 -37.44 -35.16 1.30
C LYS G 4 -37.14 -34.39 0.01
N VAL G 5 -37.50 -34.99 -1.12
CA VAL G 5 -37.43 -34.35 -2.43
C VAL G 5 -38.75 -34.59 -3.15
N GLN G 6 -39.45 -33.51 -3.51
CA GLN G 6 -40.79 -33.61 -4.09
C GLN G 6 -40.79 -33.65 -5.62
N GLN G 7 -41.33 -34.73 -6.19
CA GLN G 7 -41.37 -34.93 -7.64
C GLN G 7 -42.74 -34.60 -8.23
N SER G 8 -42.77 -34.31 -9.52
CA SER G 8 -44.02 -34.07 -10.25
C SER G 8 -43.96 -34.72 -11.64
N PRO G 9 -45.08 -35.35 -12.07
CA PRO G 9 -46.29 -35.61 -11.30
C PRO G 9 -46.27 -37.04 -10.75
N GLU G 10 -47.44 -37.52 -10.32
CA GLU G 10 -47.58 -38.92 -9.94
C GLU G 10 -47.31 -39.80 -11.16
N SER G 11 -47.87 -39.40 -12.31
CA SER G 11 -47.64 -40.10 -13.58
C SER G 11 -47.82 -39.22 -14.80
N LEU G 12 -46.94 -39.41 -15.79
CA LEU G 12 -47.03 -38.72 -17.07
C LEU G 12 -47.38 -39.72 -18.16
N SER G 13 -48.06 -39.26 -19.22
CA SER G 13 -48.38 -40.12 -20.36
C SER G 13 -48.10 -39.43 -21.69
N VAL G 14 -47.03 -39.86 -22.37
CA VAL G 14 -46.60 -39.23 -23.63
C VAL G 14 -46.78 -40.14 -24.85
N PRO G 15 -47.21 -39.56 -26.00
CA PRO G 15 -47.28 -40.30 -27.26
C PRO G 15 -45.90 -40.49 -27.88
N GLU G 16 -45.72 -41.61 -28.58
CA GLU G 16 -44.48 -41.87 -29.32
C GLU G 16 -44.06 -40.64 -30.13
N GLY G 17 -42.90 -40.09 -29.78
CA GLY G 17 -42.36 -38.94 -30.49
C GLY G 17 -42.45 -37.64 -29.71
N GLY G 18 -43.46 -37.55 -28.84
CA GLY G 18 -43.66 -36.36 -28.00
C GLY G 18 -42.57 -36.23 -26.96
N MET G 19 -42.70 -35.27 -26.06
CA MET G 19 -41.68 -35.10 -25.02
C MET G 19 -42.20 -35.06 -23.57
N ALA G 20 -41.76 -36.04 -22.79
CA ALA G 20 -42.12 -36.11 -21.38
C ALA G 20 -41.27 -35.13 -20.58
N SER G 21 -41.91 -34.28 -19.80
CA SER G 21 -41.19 -33.35 -18.92
C SER G 21 -41.60 -33.47 -17.47
N LEU G 22 -40.60 -33.72 -16.62
CA LEU G 22 -40.80 -34.01 -15.19
C LEU G 22 -40.18 -32.92 -14.32
N ASN G 23 -40.57 -32.91 -13.04
CA ASN G 23 -40.09 -31.90 -12.11
C ASN G 23 -39.59 -32.48 -10.80
N CYS G 24 -38.82 -31.68 -10.08
CA CYS G 24 -38.13 -32.11 -8.86
C CYS G 24 -37.66 -30.90 -8.07
N THR G 25 -37.95 -30.88 -6.77
CA THR G 25 -37.63 -29.73 -5.92
C THR G 25 -37.04 -30.14 -4.58
N SER G 26 -35.94 -29.49 -4.24
CA SER G 26 -35.28 -29.69 -2.97
C SER G 26 -35.72 -28.60 -2.00
N SER G 27 -35.87 -28.96 -0.73
CA SER G 27 -36.30 -28.00 0.30
C SER G 27 -35.17 -27.53 1.22
N ASP G 28 -33.99 -28.13 1.07
CA ASP G 28 -32.82 -27.69 1.82
C ASP G 28 -31.79 -27.05 0.91
N ARG G 29 -31.35 -25.85 1.29
CA ARG G 29 -30.41 -25.05 0.50
C ARG G 29 -29.05 -25.73 0.31
N ASN G 30 -28.76 -26.75 1.12
CA ASN G 30 -27.51 -27.50 1.05
C ASN G 30 -27.62 -28.76 0.17
N PHE G 31 -28.76 -28.90 -0.51
CA PHE G 31 -29.00 -30.03 -1.41
C PHE G 31 -29.34 -29.56 -2.81
N GLN G 32 -28.42 -28.82 -3.43
CA GLN G 32 -28.64 -28.32 -4.79
C GLN G 32 -27.86 -29.08 -5.86
N TYR G 33 -27.71 -30.38 -5.65
CA TYR G 33 -26.94 -31.24 -6.57
C TYR G 33 -27.73 -32.51 -6.86
N PHE G 34 -28.33 -32.58 -8.05
CA PHE G 34 -29.39 -33.55 -8.34
C PHE G 34 -29.00 -34.70 -9.27
N TRP G 35 -29.71 -35.82 -9.11
CA TRP G 35 -29.55 -37.00 -9.95
C TRP G 35 -30.86 -37.42 -10.53
N TRP G 36 -30.83 -38.02 -11.71
CA TRP G 36 -32.00 -38.71 -12.22
C TRP G 36 -31.67 -40.15 -12.44
N TYR G 37 -32.46 -41.04 -11.85
CA TYR G 37 -32.27 -42.49 -11.99
C TYR G 37 -33.52 -43.13 -12.58
N ARG G 38 -33.34 -43.96 -13.60
CA ARG G 38 -34.46 -44.61 -14.25
C ARG G 38 -34.45 -46.10 -13.99
N GLN G 39 -35.63 -46.65 -13.71
CA GLN G 39 -35.77 -48.06 -13.40
C GLN G 39 -36.98 -48.68 -14.10
N HIS G 40 -36.73 -49.73 -14.88
CA HIS G 40 -37.81 -50.54 -15.46
C HIS G 40 -38.27 -51.54 -14.45
N SER G 41 -39.44 -52.13 -14.71
CA SER G 41 -40.08 -53.07 -13.78
C SER G 41 -39.14 -54.20 -13.36
N GLY G 42 -39.16 -54.53 -12.07
CA GLY G 42 -38.36 -55.63 -11.50
C GLY G 42 -36.92 -55.68 -11.96
N GLU G 43 -36.28 -54.52 -11.98
CA GLU G 43 -34.95 -54.36 -12.55
C GLU G 43 -34.21 -53.30 -11.73
N GLY G 44 -32.88 -53.34 -11.77
CA GLY G 44 -32.06 -52.38 -11.04
C GLY G 44 -32.04 -51.02 -11.70
N PRO G 45 -32.17 -49.95 -10.89
CA PRO G 45 -32.09 -48.58 -11.38
C PRO G 45 -30.75 -48.27 -12.04
N LYS G 46 -30.79 -47.47 -13.10
CA LYS G 46 -29.60 -46.95 -13.77
C LYS G 46 -29.64 -45.43 -13.71
N ALA G 47 -28.47 -44.83 -13.50
CA ALA G 47 -28.33 -43.37 -13.50
C ALA G 47 -28.55 -42.81 -14.89
N LEU G 48 -29.42 -41.82 -14.99
CA LEU G 48 -29.76 -41.22 -16.28
C LEU G 48 -28.82 -40.06 -16.55
N MET G 49 -28.78 -39.12 -15.62
CA MET G 49 -27.80 -38.02 -15.66
C MET G 49 -27.76 -37.20 -14.39
N SER G 50 -26.66 -36.47 -14.25
CA SER G 50 -26.47 -35.57 -13.13
C SER G 50 -26.66 -34.14 -13.62
N ILE G 51 -26.79 -33.21 -12.68
CA ILE G 51 -26.71 -31.79 -12.99
C ILE G 51 -25.64 -31.10 -12.17
N PHE G 52 -25.98 -30.67 -10.95
CA PHE G 52 -25.15 -29.75 -10.17
C PHE G 52 -24.35 -28.69 -10.97
N SER G 53 -25.09 -27.74 -11.55
CA SER G 53 -24.58 -26.59 -12.30
C SER G 53 -25.81 -25.84 -12.81
N ASP G 54 -25.74 -24.50 -12.80
CA ASP G 54 -26.94 -23.68 -13.03
C ASP G 54 -27.60 -23.74 -14.42
N GLY G 55 -26.98 -24.44 -15.37
CA GLY G 55 -27.44 -24.37 -16.76
C GLY G 55 -28.43 -25.42 -17.26
N ASP G 56 -28.40 -25.61 -18.58
CA ASP G 56 -28.99 -26.75 -19.25
C ASP G 56 -27.93 -27.85 -19.36
N LYS G 57 -28.36 -29.07 -19.68
CA LYS G 57 -27.42 -30.17 -19.91
C LYS G 57 -28.02 -31.20 -20.85
N LYS G 58 -27.64 -31.14 -22.13
CA LYS G 58 -28.14 -32.08 -23.13
C LYS G 58 -27.30 -33.35 -23.17
N GLU G 59 -27.93 -34.45 -22.78
CA GLU G 59 -27.34 -35.78 -22.81
C GLU G 59 -28.07 -36.61 -23.85
N GLY G 60 -27.77 -36.38 -25.13
CA GLY G 60 -28.45 -37.08 -26.22
C GLY G 60 -29.90 -36.69 -26.32
N ARG G 61 -30.80 -37.65 -26.13
CA ARG G 61 -32.24 -37.41 -26.21
C ARG G 61 -32.82 -36.78 -24.95
N PHE G 62 -31.95 -36.46 -23.99
CA PHE G 62 -32.38 -35.92 -22.71
C PHE G 62 -31.83 -34.53 -22.48
N THR G 63 -32.70 -33.62 -22.05
CA THR G 63 -32.27 -32.29 -21.61
C THR G 63 -32.69 -32.11 -20.17
N ALA G 64 -31.88 -31.37 -19.41
CA ALA G 64 -32.16 -31.10 -18.00
C ALA G 64 -31.82 -29.67 -17.61
N HIS G 65 -32.75 -28.98 -16.95
CA HIS G 65 -32.52 -27.62 -16.46
C HIS G 65 -32.53 -27.53 -14.95
N LEU G 66 -31.49 -26.92 -14.41
CA LEU G 66 -31.38 -26.67 -12.97
C LEU G 66 -31.32 -25.19 -12.66
N ASN G 67 -31.97 -24.80 -11.57
CA ASN G 67 -31.85 -23.47 -11.01
C ASN G 67 -31.59 -23.55 -9.50
N LYS G 68 -30.32 -23.72 -9.13
CA LYS G 68 -29.90 -23.76 -7.73
C LYS G 68 -30.53 -22.64 -6.93
N ALA G 69 -30.85 -21.54 -7.62
CA ALA G 69 -31.47 -20.36 -7.02
C ALA G 69 -32.77 -20.69 -6.30
N SER G 70 -33.62 -21.49 -6.93
CA SER G 70 -34.88 -21.89 -6.33
C SER G 70 -34.96 -23.40 -6.09
N LEU G 71 -33.81 -24.07 -6.18
CA LEU G 71 -33.71 -25.52 -5.96
C LEU G 71 -34.72 -26.32 -6.77
N HIS G 72 -34.83 -25.98 -8.06
CA HIS G 72 -35.82 -26.58 -8.95
C HIS G 72 -35.12 -27.20 -10.13
N VAL G 73 -35.51 -28.43 -10.47
CA VAL G 73 -34.93 -29.15 -11.60
C VAL G 73 -36.02 -29.62 -12.55
N SER G 74 -35.63 -30.00 -13.76
CA SER G 74 -36.55 -30.57 -14.72
C SER G 74 -35.82 -31.57 -15.59
N LEU G 75 -36.51 -32.64 -15.97
CA LEU G 75 -35.96 -33.60 -16.93
C LEU G 75 -36.87 -33.70 -18.14
N HIS G 76 -36.28 -33.57 -19.34
CA HIS G 76 -37.05 -33.51 -20.57
C HIS G 76 -36.71 -34.62 -21.52
N ILE G 77 -37.61 -35.60 -21.63
CA ILE G 77 -37.39 -36.77 -22.48
C ILE G 77 -38.03 -36.51 -23.84
N ARG G 78 -37.24 -35.93 -24.74
CA ARG G 78 -37.75 -35.57 -26.07
C ARG G 78 -37.56 -36.69 -27.09
N ASP G 79 -38.47 -36.76 -28.06
CA ASP G 79 -38.56 -37.88 -28.99
C ASP G 79 -38.68 -39.15 -28.17
N SER G 80 -39.81 -39.26 -27.47
CA SER G 80 -40.06 -40.37 -26.56
C SER G 80 -40.12 -41.69 -27.29
N GLN G 81 -39.28 -42.61 -26.86
CA GLN G 81 -39.27 -43.96 -27.39
C GLN G 81 -40.32 -44.79 -26.66
N PRO G 82 -40.78 -45.89 -27.28
CA PRO G 82 -41.59 -46.82 -26.49
C PRO G 82 -40.77 -47.35 -25.32
N SER G 83 -39.49 -47.65 -25.58
CA SER G 83 -38.56 -48.10 -24.56
C SER G 83 -38.15 -47.00 -23.57
N ASP G 84 -39.05 -46.06 -23.33
CA ASP G 84 -38.83 -45.00 -22.35
C ASP G 84 -39.76 -45.14 -21.17
N SER G 85 -40.80 -45.95 -21.33
CA SER G 85 -41.79 -46.18 -20.27
C SER G 85 -41.15 -46.84 -19.07
N ALA G 86 -40.99 -46.08 -18.00
CA ALA G 86 -40.30 -46.52 -16.81
C ALA G 86 -40.52 -45.60 -15.61
N LEU G 87 -40.05 -46.05 -14.46
CA LEU G 87 -40.11 -45.27 -13.24
C LEU G 87 -38.85 -44.40 -13.17
N TYR G 88 -39.04 -43.09 -13.18
CA TYR G 88 -37.95 -42.13 -13.11
C TYR G 88 -37.86 -41.53 -11.71
N PHE G 89 -36.72 -41.75 -11.06
CA PHE G 89 -36.47 -41.22 -9.72
C PHE G 89 -35.59 -39.98 -9.77
N CYS G 90 -35.71 -39.15 -8.74
CA CYS G 90 -34.87 -37.97 -8.61
C CYS G 90 -34.43 -37.79 -7.16
N ALA G 91 -33.15 -37.49 -6.97
CA ALA G 91 -32.59 -37.37 -5.64
C ALA G 91 -31.68 -36.15 -5.53
N ALA G 92 -31.65 -35.56 -4.34
CA ALA G 92 -30.72 -34.48 -4.06
C ALA G 92 -29.54 -34.99 -3.24
N SER G 93 -28.33 -34.63 -3.66
CA SER G 93 -27.12 -34.92 -2.90
C SER G 93 -26.72 -33.70 -2.07
N GLU G 94 -26.04 -33.93 -0.95
CA GLU G 94 -25.62 -32.84 -0.07
C GLU G 94 -24.35 -32.17 -0.53
N GLN G 95 -24.30 -30.85 -0.32
CA GLN G 95 -23.13 -30.03 -0.56
C GLN G 95 -22.09 -30.34 0.50
N ASN G 96 -20.88 -30.68 0.09
CA ASN G 96 -19.78 -30.98 1.03
C ASN G 96 -19.87 -32.30 1.81
N ASN G 97 -20.20 -33.40 1.13
CA ASN G 97 -20.31 -34.70 1.81
C ASN G 97 -19.21 -35.74 1.53
N TYR G 98 -19.14 -36.25 0.31
CA TYR G 98 -18.04 -37.13 -0.12
C TYR G 98 -18.15 -38.58 0.36
N ALA G 99 -19.34 -38.96 0.80
CA ALA G 99 -19.69 -40.34 1.18
C ALA G 99 -21.18 -40.36 1.49
N GLN G 100 -21.98 -40.92 0.57
CA GLN G 100 -23.40 -40.59 0.52
C GLN G 100 -24.29 -41.69 -0.03
N GLY G 101 -25.51 -41.75 0.50
CA GLY G 101 -26.56 -42.57 -0.08
C GLY G 101 -27.44 -41.73 -0.98
N LEU G 102 -27.74 -42.27 -2.17
CA LEU G 102 -28.74 -41.66 -3.05
C LEU G 102 -30.07 -41.85 -2.35
N THR G 103 -30.73 -40.73 -2.07
CA THR G 103 -31.99 -40.74 -1.32
C THR G 103 -33.12 -40.21 -2.22
N PHE G 104 -33.88 -41.13 -2.81
CA PHE G 104 -34.82 -40.82 -3.89
C PHE G 104 -36.17 -40.32 -3.41
N GLY G 105 -36.84 -39.57 -4.29
CA GLY G 105 -38.22 -39.17 -4.10
C GLY G 105 -39.18 -40.28 -4.51
N LEU G 106 -40.47 -39.97 -4.53
CA LEU G 106 -41.50 -40.99 -4.77
C LEU G 106 -41.48 -41.55 -6.19
N GLY G 107 -40.74 -40.89 -7.08
CA GLY G 107 -40.58 -41.35 -8.46
C GLY G 107 -41.79 -41.13 -9.34
N THR G 108 -41.55 -41.08 -10.65
CA THR G 108 -42.64 -40.91 -11.63
C THR G 108 -42.71 -42.07 -12.62
N ARG G 109 -43.91 -42.64 -12.73
CA ARG G 109 -44.20 -43.65 -13.74
C ARG G 109 -44.56 -42.96 -15.05
N VAL G 110 -43.74 -43.18 -16.07
CA VAL G 110 -44.01 -42.66 -17.40
C VAL G 110 -44.59 -43.78 -18.27
N SER G 111 -45.67 -43.45 -18.97
CA SER G 111 -46.25 -44.39 -19.94
C SER G 111 -46.26 -43.74 -21.32
N VAL G 112 -45.33 -44.19 -22.16
CA VAL G 112 -45.32 -43.82 -23.56
C VAL G 112 -46.23 -44.79 -24.29
N PHE G 113 -47.08 -44.27 -25.17
CA PHE G 113 -48.02 -45.10 -25.92
C PHE G 113 -47.86 -44.85 -27.43
N PRO G 114 -48.23 -45.85 -28.26
CA PRO G 114 -48.27 -45.61 -29.70
C PRO G 114 -49.64 -45.13 -30.16
N TYR G 115 -49.65 -44.21 -31.11
CA TYR G 115 -50.90 -43.73 -31.70
C TYR G 115 -51.45 -44.78 -32.66
N ILE G 116 -52.52 -45.44 -32.23
CA ILE G 116 -53.14 -46.50 -33.00
C ILE G 116 -53.89 -45.92 -34.19
N GLN G 117 -53.19 -45.81 -35.32
CA GLN G 117 -53.83 -45.43 -36.58
C GLN G 117 -54.56 -46.66 -37.14
N ASN G 118 -55.77 -46.43 -37.65
CA ASN G 118 -56.67 -47.50 -38.15
C ASN G 118 -56.97 -48.63 -37.13
N PRO G 119 -57.64 -48.29 -36.01
CA PRO G 119 -58.08 -49.34 -35.08
C PRO G 119 -59.58 -49.66 -35.18
N ASP G 120 -59.93 -50.92 -34.93
CA ASP G 120 -61.33 -51.32 -34.77
C ASP G 120 -61.50 -52.36 -33.66
N PRO G 121 -61.91 -51.89 -32.46
CA PRO G 121 -62.00 -52.69 -31.23
C PRO G 121 -62.98 -53.88 -31.32
N ALA G 122 -62.69 -54.93 -30.55
CA ALA G 122 -63.52 -56.14 -30.46
C ALA G 122 -63.16 -56.97 -29.23
N VAL G 123 -64.15 -57.67 -28.67
CA VAL G 123 -63.94 -58.58 -27.54
C VAL G 123 -64.23 -60.02 -27.93
N TYR G 124 -63.33 -60.94 -27.54
CA TYR G 124 -63.44 -62.35 -27.91
C TYR G 124 -63.68 -63.24 -26.69
N CYS G 137 -62.32 -63.02 -23.37
CA CYS G 137 -63.03 -61.76 -23.49
C CYS G 137 -62.06 -60.60 -23.78
N LEU G 138 -61.04 -60.90 -24.59
CA LEU G 138 -59.92 -60.00 -24.87
C LEU G 138 -60.32 -58.79 -25.73
N PHE G 139 -60.15 -57.58 -25.16
CA PHE G 139 -60.39 -56.34 -25.90
C PHE G 139 -59.09 -55.89 -26.55
N THR G 140 -59.04 -55.97 -27.88
CA THR G 140 -57.83 -55.67 -28.63
C THR G 140 -58.03 -54.67 -29.77
N ASP G 141 -56.94 -54.01 -30.16
CA ASP G 141 -56.90 -53.08 -31.31
C ASP G 141 -57.80 -51.86 -31.10
N PHE G 142 -57.55 -51.11 -30.04
CA PHE G 142 -58.40 -49.97 -29.71
C PHE G 142 -57.65 -48.66 -29.46
N ASP G 143 -58.42 -47.61 -29.17
CA ASP G 143 -57.90 -46.26 -28.95
C ASP G 143 -57.07 -46.16 -27.65
N SER G 144 -55.97 -45.43 -27.72
CA SER G 144 -55.06 -45.24 -26.58
C SER G 144 -55.55 -44.24 -25.55
N GLN G 145 -56.56 -43.45 -25.91
CA GLN G 145 -57.21 -42.51 -24.99
C GLN G 145 -58.28 -43.20 -24.15
N THR G 146 -58.84 -44.29 -24.68
CA THR G 146 -59.83 -45.10 -23.96
C THR G 146 -59.16 -45.93 -22.88
N ASN G 147 -59.50 -45.65 -21.62
CA ASN G 147 -58.91 -46.35 -20.47
C ASN G 147 -59.98 -46.94 -19.56
N SER G 154 -64.63 -60.52 -7.71
CA SER G 154 -64.67 -61.88 -7.17
C SER G 154 -64.92 -62.92 -8.25
N ASP G 155 -65.93 -62.67 -9.08
CA ASP G 155 -66.33 -63.59 -10.14
C ASP G 155 -65.75 -63.20 -11.50
N VAL G 156 -65.33 -61.94 -11.64
CA VAL G 156 -64.75 -61.42 -12.88
C VAL G 156 -63.43 -60.70 -12.60
N TYR G 157 -62.49 -60.80 -13.53
CA TYR G 157 -61.17 -60.15 -13.40
C TYR G 157 -60.57 -59.72 -14.74
N ILE G 158 -60.00 -58.51 -14.76
CA ILE G 158 -59.35 -57.97 -15.94
C ILE G 158 -58.17 -57.07 -15.57
N THR G 159 -57.00 -57.34 -16.14
CA THR G 159 -55.81 -56.49 -15.94
C THR G 159 -55.78 -55.34 -16.96
N ASP G 160 -54.87 -54.39 -16.74
CA ASP G 160 -54.77 -53.17 -17.56
C ASP G 160 -54.28 -53.42 -19.00
N LYS G 161 -54.23 -52.36 -19.80
CA LYS G 161 -53.82 -52.42 -21.20
C LYS G 161 -52.40 -52.99 -21.38
N CYS G 162 -52.17 -53.64 -22.52
CA CYS G 162 -50.83 -54.14 -22.86
C CYS G 162 -50.49 -53.86 -24.34
N VAL G 163 -49.35 -53.18 -24.55
CA VAL G 163 -48.89 -52.86 -25.90
C VAL G 163 -48.00 -53.96 -26.47
N LEU G 164 -48.62 -54.87 -27.22
CA LEU G 164 -47.90 -55.94 -27.92
C LEU G 164 -47.46 -55.46 -29.30
N ASP G 165 -46.14 -55.42 -29.53
CA ASP G 165 -45.59 -54.89 -30.77
C ASP G 165 -44.84 -55.94 -31.61
N MET G 166 -45.53 -56.46 -32.62
CA MET G 166 -44.95 -57.43 -33.54
C MET G 166 -43.94 -56.76 -34.47
N ARG G 167 -42.67 -56.87 -34.10
CA ARG G 167 -41.58 -56.25 -34.85
C ARG G 167 -41.41 -56.84 -36.26
N SER G 168 -41.76 -58.12 -36.41
CA SER G 168 -41.65 -58.82 -37.69
C SER G 168 -42.66 -58.32 -38.73
N MET G 169 -43.89 -58.06 -38.27
CA MET G 169 -44.95 -57.57 -39.14
C MET G 169 -45.07 -56.04 -39.09
N ASP G 170 -44.33 -55.44 -38.17
CA ASP G 170 -44.37 -53.99 -37.90
C ASP G 170 -45.78 -53.52 -37.49
N PHE G 171 -46.38 -54.23 -36.55
CA PHE G 171 -47.72 -53.92 -36.05
C PHE G 171 -47.78 -53.99 -34.52
N LYS G 172 -48.21 -52.88 -33.88
CA LYS G 172 -48.34 -52.81 -32.43
C LYS G 172 -49.80 -52.67 -32.01
N SER G 173 -50.23 -53.50 -31.06
CA SER G 173 -51.65 -53.59 -30.68
C SER G 173 -51.91 -53.60 -29.17
N ASN G 174 -52.98 -52.89 -28.78
CA ASN G 174 -53.47 -52.90 -27.41
C ASN G 174 -54.11 -54.25 -27.05
N SER G 175 -54.18 -54.54 -25.75
CA SER G 175 -54.85 -55.74 -25.27
C SER G 175 -55.22 -55.62 -23.79
N ALA G 176 -56.10 -56.51 -23.33
CA ALA G 176 -56.53 -56.52 -21.92
C ALA G 176 -57.03 -57.91 -21.49
N CYS G 187 -69.26 -63.96 -21.03
CA CYS G 187 -68.27 -63.23 -21.81
C CYS G 187 -68.92 -62.19 -22.74
N ALA G 188 -70.24 -62.03 -22.61
CA ALA G 188 -71.00 -61.09 -23.42
C ALA G 188 -70.75 -59.62 -23.00
N ASN G 189 -71.08 -59.32 -21.76
CA ASN G 189 -70.89 -57.97 -21.22
C ASN G 189 -69.97 -57.97 -19.99
N ALA G 190 -68.96 -58.84 -20.01
CA ALA G 190 -68.01 -58.96 -18.92
C ALA G 190 -67.03 -57.77 -18.88
N PHE G 191 -66.44 -57.45 -20.03
CA PHE G 191 -65.55 -56.29 -20.14
C PHE G 191 -66.35 -54.98 -20.19
N ASN G 192 -67.68 -55.09 -20.24
CA ASN G 192 -68.56 -53.92 -20.29
C ASN G 192 -68.82 -53.30 -18.92
N ASN G 193 -67.73 -52.94 -18.23
CA ASN G 193 -67.81 -52.24 -16.95
C ASN G 193 -67.31 -50.81 -17.09
N SER G 194 -66.23 -50.63 -17.86
CA SER G 194 -65.72 -49.31 -18.20
C SER G 194 -66.41 -48.78 -19.46
N ILE G 195 -65.70 -47.97 -20.25
CA ILE G 195 -66.26 -47.39 -21.47
C ILE G 195 -65.79 -48.12 -22.74
N ILE G 196 -66.74 -48.66 -23.49
CA ILE G 196 -66.46 -49.30 -24.77
C ILE G 196 -66.83 -48.37 -25.92
N PRO G 197 -66.01 -48.34 -26.99
CA PRO G 197 -66.29 -47.53 -28.18
C PRO G 197 -67.56 -47.95 -28.93
N GLU G 198 -68.01 -47.09 -29.86
CA GLU G 198 -69.23 -47.32 -30.63
C GLU G 198 -68.98 -48.01 -31.98
N ASP G 199 -67.78 -48.57 -32.13
CA ASP G 199 -67.42 -49.35 -33.33
C ASP G 199 -66.75 -50.67 -32.91
N THR G 200 -67.50 -51.49 -32.17
CA THR G 200 -66.98 -52.71 -31.58
C THR G 200 -67.69 -53.96 -32.12
N PHE G 201 -66.90 -54.94 -32.55
CA PHE G 201 -67.43 -56.22 -33.01
C PHE G 201 -67.49 -57.24 -31.86
N PHE G 202 -68.39 -58.21 -31.98
CA PHE G 202 -68.56 -59.24 -30.95
C PHE G 202 -68.73 -60.63 -31.56
N LYS H 4 -20.33 -54.01 -14.44
CA LYS H 4 -21.52 -54.81 -14.02
C LYS H 4 -21.40 -55.32 -12.59
N VAL H 5 -22.34 -54.93 -11.74
CA VAL H 5 -22.40 -55.40 -10.35
C VAL H 5 -23.38 -56.58 -10.20
N LEU H 6 -22.86 -57.71 -9.78
CA LEU H 6 -23.60 -58.97 -9.77
C LEU H 6 -24.21 -59.32 -8.41
N GLN H 7 -25.43 -59.85 -8.44
CA GLN H 7 -26.10 -60.40 -7.25
C GLN H 7 -26.59 -61.80 -7.58
N ILE H 8 -26.33 -62.76 -6.68
CA ILE H 8 -26.79 -64.13 -6.89
C ILE H 8 -26.93 -64.88 -5.57
N PRO H 9 -28.09 -65.52 -5.34
CA PRO H 9 -29.38 -65.40 -6.04
C PRO H 9 -30.38 -64.63 -5.18
N SER H 10 -31.44 -63.97 -5.71
CA SER H 10 -31.93 -63.83 -7.10
C SER H 10 -33.44 -64.01 -6.98
N HIS H 11 -33.82 -65.05 -6.25
CA HIS H 11 -35.18 -65.34 -5.81
C HIS H 11 -35.06 -66.29 -4.65
N GLN H 12 -35.12 -65.77 -3.41
CA GLN H 12 -34.92 -66.62 -2.21
C GLN H 12 -36.07 -66.60 -1.21
N ILE H 13 -36.61 -67.78 -0.92
CA ILE H 13 -37.71 -67.94 0.03
C ILE H 13 -37.23 -68.54 1.37
N ILE H 14 -37.44 -67.81 2.46
CA ILE H 14 -36.95 -68.21 3.79
C ILE H 14 -38.08 -68.28 4.83
N ASP H 15 -38.02 -69.27 5.71
CA ASP H 15 -38.98 -69.43 6.81
C ASP H 15 -38.56 -68.61 8.03
N MET H 16 -39.55 -68.01 8.72
CA MET H 16 -39.29 -67.10 9.84
C MET H 16 -38.40 -67.71 10.92
N GLY H 17 -37.54 -66.87 11.51
CA GLY H 17 -36.67 -67.29 12.61
C GLY H 17 -35.29 -67.79 12.20
N GLN H 18 -35.10 -68.08 10.92
CA GLN H 18 -33.82 -68.56 10.41
C GLN H 18 -33.13 -67.51 9.54
N MET H 19 -31.84 -67.29 9.78
CA MET H 19 -31.09 -66.20 9.16
C MET H 19 -30.89 -66.35 7.65
N VAL H 20 -30.91 -65.21 6.95
CA VAL H 20 -30.70 -65.18 5.48
C VAL H 20 -29.42 -64.41 5.16
N THR H 21 -28.65 -64.95 4.23
CA THR H 21 -27.45 -64.29 3.73
C THR H 21 -27.71 -63.80 2.29
N LEU H 22 -27.54 -62.50 2.07
CA LEU H 22 -27.68 -61.92 0.73
C LEU H 22 -26.31 -61.53 0.18
N ASN H 23 -25.82 -62.34 -0.76
CA ASN H 23 -24.51 -62.14 -1.36
C ASN H 23 -24.53 -61.08 -2.44
N CYS H 24 -23.47 -60.28 -2.45
CA CYS H 24 -23.25 -59.28 -3.50
C CYS H 24 -21.80 -59.32 -3.96
N ASP H 25 -21.60 -59.26 -5.28
CA ASP H 25 -20.27 -59.22 -5.88
C ASP H 25 -20.08 -57.94 -6.71
N PRO H 26 -19.65 -56.84 -6.04
CA PRO H 26 -19.52 -55.52 -6.66
C PRO H 26 -18.46 -55.46 -7.76
N VAL H 27 -18.47 -54.36 -8.51
CA VAL H 27 -17.47 -54.09 -9.55
C VAL H 27 -16.09 -53.82 -8.95
N SER H 28 -15.07 -54.49 -9.51
CA SER H 28 -13.68 -54.31 -9.09
C SER H 28 -13.23 -52.86 -9.24
N ASN H 29 -12.32 -52.44 -8.36
CA ASN H 29 -11.85 -51.05 -8.26
C ASN H 29 -12.74 -50.13 -7.40
N HIS H 30 -13.99 -50.54 -7.19
CA HIS H 30 -14.91 -49.82 -6.31
C HIS H 30 -14.70 -50.19 -4.88
N LEU H 31 -14.84 -49.21 -3.99
CA LEU H 31 -14.67 -49.44 -2.56
C LEU H 31 -15.76 -48.76 -1.70
N TYR H 32 -16.86 -48.36 -2.34
CA TYR H 32 -18.00 -47.77 -1.66
C TYR H 32 -19.27 -48.58 -1.92
N PHE H 33 -19.75 -49.31 -0.91
CA PHE H 33 -20.87 -50.24 -1.10
C PHE H 33 -22.18 -49.75 -0.46
N TYR H 34 -23.31 -50.26 -0.95
CA TYR H 34 -24.63 -49.80 -0.51
C TYR H 34 -25.68 -50.90 -0.56
N TRP H 35 -26.64 -50.84 0.37
CA TRP H 35 -27.82 -51.72 0.34
C TRP H 35 -29.10 -50.94 0.24
N TYR H 36 -29.97 -51.37 -0.66
CA TYR H 36 -31.22 -50.66 -0.94
C TYR H 36 -32.43 -51.59 -0.91
N LYS H 37 -33.50 -51.17 -0.23
CA LYS H 37 -34.69 -52.01 -0.09
C LYS H 37 -35.88 -51.43 -0.83
N GLN H 38 -36.55 -52.28 -1.61
CA GLN H 38 -37.78 -51.91 -2.30
C GLN H 38 -38.86 -52.99 -2.16
N ILE H 39 -39.91 -52.67 -1.40
CA ILE H 39 -41.02 -53.58 -1.12
C ILE H 39 -42.18 -53.36 -2.09
N LEU H 40 -42.80 -54.48 -2.50
CA LEU H 40 -43.89 -54.49 -3.50
C LEU H 40 -43.56 -53.69 -4.78
N GLY H 41 -42.32 -53.25 -4.89
CA GLY H 41 -41.82 -52.54 -6.08
C GLY H 41 -42.11 -51.05 -6.14
N GLN H 42 -42.42 -50.45 -4.99
CA GLN H 42 -42.81 -49.04 -4.94
C GLN H 42 -41.64 -48.08 -4.74
N GLN H 43 -41.16 -47.98 -3.50
CA GLN H 43 -40.17 -46.98 -3.11
C GLN H 43 -38.80 -47.61 -2.89
N MET H 44 -37.78 -46.99 -3.49
CA MET H 44 -36.39 -47.39 -3.29
C MET H 44 -35.87 -46.78 -1.99
N GLU H 45 -35.34 -47.63 -1.12
CA GLU H 45 -34.89 -47.16 0.20
C GLU H 45 -33.44 -47.49 0.55
N PHE H 46 -32.73 -46.46 1.03
CA PHE H 46 -31.34 -46.61 1.48
C PHE H 46 -31.29 -47.25 2.85
N LEU H 47 -30.37 -48.20 3.01
CA LEU H 47 -30.16 -48.86 4.29
C LEU H 47 -28.77 -48.55 4.86
N VAL H 48 -27.74 -49.07 4.19
CA VAL H 48 -26.38 -48.94 4.70
C VAL H 48 -25.37 -48.58 3.60
N ASN H 49 -24.31 -47.90 3.99
CA ASN H 49 -23.13 -47.78 3.15
C ASN H 49 -21.83 -48.20 3.84
N PHE H 50 -21.02 -48.96 3.12
CA PHE H 50 -19.81 -49.58 3.63
C PHE H 50 -18.63 -49.00 2.88
N TYR H 51 -17.49 -48.87 3.56
CA TYR H 51 -16.26 -48.44 2.88
C TYR H 51 -15.03 -49.10 3.49
N ASN H 52 -14.30 -49.83 2.64
CA ASN H 52 -13.01 -50.44 2.99
C ASN H 52 -13.05 -51.54 4.06
N GLY H 53 -13.48 -51.18 5.27
CA GLY H 53 -13.50 -52.12 6.40
C GLY H 53 -14.61 -51.95 7.42
N LYS H 54 -15.26 -50.80 7.42
CA LYS H 54 -16.31 -50.50 8.39
C LYS H 54 -17.52 -49.82 7.74
N VAL H 55 -18.68 -49.94 8.38
CA VAL H 55 -19.89 -49.24 7.95
C VAL H 55 -19.76 -47.71 8.17
N MET H 56 -20.60 -46.95 7.50
CA MET H 56 -20.69 -45.51 7.74
C MET H 56 -22.12 -45.15 8.16
N GLU H 57 -22.89 -44.56 7.25
CA GLU H 57 -24.28 -44.19 7.52
C GLU H 57 -25.21 -45.42 7.53
N LYS H 58 -25.75 -45.72 8.71
CA LYS H 58 -26.82 -46.72 8.83
C LYS H 58 -28.13 -45.97 9.03
N SER H 59 -29.07 -46.16 8.10
CA SER H 59 -30.36 -45.47 8.16
C SER H 59 -31.30 -46.05 9.23
N LYS H 60 -32.42 -45.37 9.44
CA LYS H 60 -33.43 -45.81 10.40
C LYS H 60 -34.00 -47.17 10.02
N LEU H 61 -34.07 -47.45 8.73
CA LEU H 61 -34.61 -48.72 8.23
C LEU H 61 -33.67 -49.91 8.48
N PHE H 62 -32.39 -49.64 8.73
CA PHE H 62 -31.42 -50.69 9.06
C PHE H 62 -31.73 -51.22 10.46
N LYS H 63 -32.43 -52.35 10.51
CA LYS H 63 -32.88 -52.97 11.76
C LYS H 63 -31.72 -53.31 12.71
N ASP H 64 -32.05 -53.49 13.99
CA ASP H 64 -31.04 -53.89 14.97
C ASP H 64 -30.55 -55.32 14.73
N GLN H 65 -31.33 -56.09 13.97
CA GLN H 65 -31.04 -57.50 13.70
C GLN H 65 -30.19 -57.72 12.44
N PHE H 66 -29.76 -56.62 11.82
CA PHE H 66 -28.99 -56.66 10.57
C PHE H 66 -27.48 -56.55 10.83
N SER H 67 -26.69 -57.04 9.88
CA SER H 67 -25.23 -57.01 9.96
C SER H 67 -24.61 -57.09 8.56
N VAL H 68 -23.71 -56.16 8.25
CA VAL H 68 -23.06 -56.11 6.94
C VAL H 68 -21.55 -56.27 6.99
N GLU H 69 -21.06 -57.42 6.55
CA GLU H 69 -19.63 -57.72 6.59
C GLU H 69 -19.01 -57.74 5.19
N ARG H 70 -17.69 -57.53 5.13
CA ARG H 70 -16.94 -57.73 3.90
C ARG H 70 -15.52 -58.21 4.20
N PRO H 71 -15.36 -59.51 4.48
CA PRO H 71 -14.01 -60.06 4.63
C PRO H 71 -13.26 -60.03 3.31
N ASP H 72 -11.92 -60.05 3.38
CA ASP H 72 -11.07 -60.02 2.20
C ASP H 72 -11.14 -61.34 1.43
N GLY H 73 -11.47 -61.25 0.14
CA GLY H 73 -11.57 -62.41 -0.73
C GLY H 73 -13.00 -62.85 -1.01
N SER H 74 -13.86 -62.69 -0.01
CA SER H 74 -15.26 -63.09 -0.10
C SER H 74 -16.18 -61.99 -0.65
N TYR H 75 -17.49 -62.22 -0.55
CA TYR H 75 -18.51 -61.29 -1.04
C TYR H 75 -18.73 -60.11 -0.09
N PHE H 76 -19.68 -59.27 -0.47
CA PHE H 76 -20.21 -58.23 0.40
C PHE H 76 -21.62 -58.69 0.79
N THR H 77 -21.80 -58.99 2.07
CA THR H 77 -23.02 -59.65 2.52
C THR H 77 -23.83 -58.91 3.59
N LEU H 78 -25.09 -58.61 3.27
CA LEU H 78 -26.08 -58.21 4.28
C LEU H 78 -26.64 -59.49 4.88
N LYS H 79 -26.75 -59.53 6.20
CA LYS H 79 -27.29 -60.71 6.90
C LYS H 79 -28.45 -60.36 7.83
N ILE H 80 -29.64 -60.80 7.44
CA ILE H 80 -30.83 -60.66 8.28
C ILE H 80 -30.82 -61.84 9.23
N GLN H 81 -30.74 -61.56 10.53
CA GLN H 81 -30.63 -62.61 11.54
C GLN H 81 -31.28 -62.27 12.89
N PRO H 82 -32.54 -62.69 13.10
CA PRO H 82 -33.60 -63.15 12.20
C PRO H 82 -34.97 -62.58 12.62
N THR H 83 -36.01 -62.52 11.79
CA THR H 83 -36.11 -62.53 10.31
C THR H 83 -37.60 -62.31 10.10
N ALA H 84 -38.04 -61.06 10.28
CA ALA H 84 -39.47 -60.72 10.31
C ALA H 84 -40.19 -60.96 8.99
N LEU H 85 -41.50 -61.21 9.07
CA LEU H 85 -42.36 -61.33 7.88
C LEU H 85 -42.48 -59.99 7.16
N GLU H 86 -41.94 -58.95 7.79
CA GLU H 86 -41.86 -57.61 7.23
C GLU H 86 -40.64 -57.43 6.31
N ASP H 87 -39.74 -58.41 6.35
CA ASP H 87 -38.51 -58.38 5.55
C ASP H 87 -38.72 -58.75 4.08
N SER H 88 -39.80 -59.50 3.80
CA SER H 88 -40.16 -59.94 2.46
C SER H 88 -40.24 -58.78 1.47
N ALA H 89 -39.17 -58.58 0.70
CA ALA H 89 -39.05 -57.47 -0.24
C ALA H 89 -37.94 -57.73 -1.28
N VAL H 90 -37.54 -56.68 -2.01
CA VAL H 90 -36.39 -56.76 -2.92
C VAL H 90 -35.27 -55.85 -2.43
N TYR H 91 -34.08 -56.43 -2.31
CA TYR H 91 -32.91 -55.70 -1.85
C TYR H 91 -31.90 -55.51 -2.99
N PHE H 92 -31.38 -54.30 -3.12
CA PHE H 92 -30.40 -54.00 -4.17
C PHE H 92 -29.05 -53.64 -3.60
N CYS H 93 -28.01 -54.27 -4.13
CA CYS H 93 -26.63 -53.95 -3.83
C CYS H 93 -26.17 -52.88 -4.80
N ALA H 94 -25.16 -52.08 -4.40
CA ALA H 94 -24.66 -51.00 -5.25
C ALA H 94 -23.18 -50.67 -5.07
N SER H 95 -22.52 -50.24 -6.15
CA SER H 95 -21.11 -49.81 -6.10
C SER H 95 -20.99 -48.35 -6.55
N SER H 96 -19.91 -47.67 -6.13
CA SER H 96 -19.80 -46.24 -6.38
C SER H 96 -18.46 -45.73 -6.89
N PHE H 97 -17.38 -46.31 -6.38
CA PHE H 97 -16.00 -45.80 -6.59
C PHE H 97 -15.71 -44.44 -5.95
N TRP H 98 -16.51 -43.44 -6.30
CA TRP H 98 -16.48 -42.19 -5.56
C TRP H 98 -17.53 -42.19 -4.48
N GLY H 99 -17.20 -41.59 -3.34
CA GLY H 99 -18.11 -41.52 -2.19
C GLY H 99 -19.41 -40.77 -2.45
N ALA H 100 -19.33 -39.75 -3.29
CA ALA H 100 -20.49 -38.96 -3.67
C ALA H 100 -20.30 -38.30 -5.04
N TYR H 101 -21.38 -37.76 -5.58
CA TYR H 101 -21.36 -36.98 -6.82
C TYR H 101 -21.04 -37.79 -8.07
N ALA H 102 -21.08 -39.12 -7.95
CA ALA H 102 -20.76 -40.02 -9.06
C ALA H 102 -21.71 -41.21 -9.12
N GLU H 103 -21.89 -41.76 -10.32
CA GLU H 103 -22.82 -42.87 -10.54
C GLU H 103 -22.68 -43.98 -9.50
N GLN H 104 -23.82 -44.42 -8.97
CA GLN H 104 -23.92 -45.64 -8.20
C GLN H 104 -24.46 -46.74 -9.11
N PHE H 105 -23.81 -47.90 -9.08
CA PHE H 105 -24.22 -49.03 -9.92
C PHE H 105 -25.02 -50.02 -9.10
N PHE H 106 -26.26 -50.28 -9.51
CA PHE H 106 -27.20 -51.15 -8.79
C PHE H 106 -27.24 -52.56 -9.36
N GLY H 107 -27.37 -53.55 -8.47
CA GLY H 107 -27.47 -54.94 -8.88
C GLY H 107 -28.86 -55.29 -9.40
N PRO H 108 -29.05 -56.54 -9.88
CA PRO H 108 -30.38 -56.97 -10.36
C PRO H 108 -31.36 -57.20 -9.22
N GLY H 109 -30.85 -57.17 -7.98
CA GLY H 109 -31.67 -57.34 -6.78
C GLY H 109 -31.98 -58.78 -6.45
N THR H 110 -32.20 -59.06 -5.17
CA THR H 110 -32.66 -60.36 -4.70
C THR H 110 -34.06 -60.26 -4.11
N ARG H 111 -34.96 -61.08 -4.65
CA ARG H 111 -36.34 -61.11 -4.21
C ARG H 111 -36.48 -62.00 -2.98
N LEU H 112 -36.64 -61.37 -1.82
CA LEU H 112 -36.82 -62.11 -0.56
C LEU H 112 -38.30 -62.29 -0.24
N THR H 113 -38.63 -63.45 0.31
CA THR H 113 -40.00 -63.78 0.68
C THR H 113 -40.02 -64.55 2.00
N VAL H 114 -40.15 -63.83 3.10
CA VAL H 114 -40.28 -64.45 4.42
C VAL H 114 -41.74 -64.84 4.65
N LEU H 115 -41.96 -66.09 5.06
CA LEU H 115 -43.30 -66.66 5.16
C LEU H 115 -43.53 -67.42 6.46
N GLU H 116 -44.77 -67.39 6.95
CA GLU H 116 -45.17 -68.10 8.16
C GLU H 116 -45.12 -69.61 7.95
N ASP H 117 -45.95 -70.12 7.05
CA ASP H 117 -45.99 -71.53 6.71
C ASP H 117 -45.50 -71.74 5.28
N LEU H 118 -44.35 -72.41 5.14
CA LEU H 118 -43.75 -72.69 3.83
C LEU H 118 -44.50 -73.80 3.07
N ARG H 119 -45.49 -74.39 3.74
CA ARG H 119 -46.32 -75.46 3.16
C ARG H 119 -47.30 -74.93 2.10
N ASN H 120 -47.44 -73.60 2.02
CA ASN H 120 -48.29 -72.95 1.04
C ASN H 120 -47.60 -72.75 -0.31
N VAL H 121 -46.29 -73.03 -0.37
CA VAL H 121 -45.49 -72.86 -1.59
C VAL H 121 -45.85 -73.90 -2.65
N THR H 122 -46.57 -73.45 -3.68
CA THR H 122 -47.01 -74.33 -4.77
C THR H 122 -46.75 -73.70 -6.14
N PRO H 123 -46.07 -74.45 -7.03
CA PRO H 123 -45.77 -74.03 -8.40
C PRO H 123 -47.04 -73.74 -9.21
N PRO H 124 -46.90 -72.99 -10.32
CA PRO H 124 -48.04 -72.69 -11.19
C PRO H 124 -48.16 -73.60 -12.41
N LYS H 125 -49.38 -73.75 -12.92
CA LYS H 125 -49.65 -74.55 -14.11
C LYS H 125 -49.83 -73.66 -15.35
N VAL H 126 -48.93 -73.81 -16.32
CA VAL H 126 -49.01 -73.11 -17.59
C VAL H 126 -50.18 -73.63 -18.43
N SER H 127 -50.79 -72.77 -19.24
CA SER H 127 -51.96 -73.13 -20.05
C SER H 127 -52.02 -72.38 -21.38
N LEU H 128 -51.23 -72.83 -22.35
CA LEU H 128 -51.16 -72.20 -23.67
C LEU H 128 -52.43 -72.47 -24.50
N GLU H 130 -55.95 -71.02 -26.86
CA GLU H 130 -56.30 -71.33 -28.24
C GLU H 130 -56.53 -70.05 -29.05
N PRO H 131 -55.95 -69.97 -30.26
CA PRO H 131 -56.16 -68.83 -31.15
C PRO H 131 -57.63 -68.71 -31.56
N SER H 132 -58.15 -67.49 -31.52
CA SER H 132 -59.55 -67.22 -31.83
C SER H 132 -59.83 -67.29 -33.32
N LYS H 133 -60.76 -68.17 -33.70
CA LYS H 133 -61.17 -68.34 -35.10
C LYS H 133 -61.85 -67.08 -35.63
N ALA H 134 -62.47 -66.31 -34.73
CA ALA H 134 -63.14 -65.06 -35.08
C ALA H 134 -62.15 -63.92 -35.35
N GLU H 135 -60.96 -64.03 -34.78
CA GLU H 135 -59.92 -63.01 -34.91
C GLU H 135 -59.28 -63.03 -36.29
N ILE H 136 -58.90 -64.22 -36.76
CA ILE H 136 -58.17 -64.37 -38.03
C ILE H 136 -59.07 -64.16 -39.24
N SER H 137 -60.34 -64.53 -39.12
CA SER H 137 -61.33 -64.35 -40.18
C SER H 137 -61.77 -62.89 -40.30
N HIS H 138 -61.49 -62.11 -39.26
CA HIS H 138 -61.90 -60.71 -39.23
C HIS H 138 -60.76 -59.76 -39.42
N THR H 139 -59.56 -60.15 -38.99
CA THR H 139 -58.37 -59.29 -39.08
C THR H 139 -57.11 -59.98 -39.58
N GLN H 140 -57.21 -61.29 -39.83
CA GLN H 140 -56.06 -62.11 -40.26
C GLN H 140 -54.89 -62.07 -39.26
N LYS H 141 -55.22 -61.82 -37.99
CA LYS H 141 -54.24 -61.80 -36.90
C LYS H 141 -54.82 -62.54 -35.69
N ALA H 142 -54.03 -63.46 -35.12
CA ALA H 142 -54.51 -64.37 -34.08
C ALA H 142 -53.70 -64.30 -32.79
N THR H 143 -54.35 -63.82 -31.72
CA THR H 143 -53.71 -63.75 -30.40
C THR H 143 -53.79 -65.11 -29.70
N LEU H 144 -52.68 -65.51 -29.11
CA LEU H 144 -52.61 -66.73 -28.29
C LEU H 144 -52.22 -66.36 -26.86
N VAL H 145 -53.10 -66.65 -25.92
CA VAL H 145 -52.96 -66.21 -24.53
C VAL H 145 -52.56 -67.35 -23.59
N CYS H 146 -51.61 -67.07 -22.70
CA CYS H 146 -51.15 -68.03 -21.70
C CYS H 146 -51.54 -67.50 -20.32
N LEU H 147 -52.43 -68.22 -19.64
CA LEU H 147 -52.90 -67.79 -18.32
C LEU H 147 -52.88 -68.93 -17.32
N THR H 149 -52.27 -68.68 -12.32
CA THR H 149 -52.97 -69.92 -11.98
C THR H 149 -52.33 -70.64 -10.79
N GLY H 150 -52.54 -70.09 -9.60
CA GLY H 150 -52.13 -70.74 -8.34
C GLY H 150 -50.67 -70.61 -7.94
N PHE H 151 -49.99 -69.57 -8.43
CA PHE H 151 -48.58 -69.32 -8.10
C PHE H 151 -48.42 -68.76 -6.70
N TYR H 152 -47.30 -69.10 -6.06
CA TYR H 152 -46.98 -68.61 -4.72
C TYR H 152 -45.48 -68.79 -4.39
N PRO H 153 -44.78 -67.71 -3.99
CA PRO H 153 -45.10 -66.28 -4.00
C PRO H 153 -43.92 -65.35 -4.36
N ASP H 154 -43.79 -64.85 -5.59
CA ASP H 154 -44.59 -65.17 -6.76
C ASP H 154 -43.57 -65.23 -7.89
N HIS H 155 -42.65 -66.18 -7.77
CA HIS H 155 -41.36 -66.16 -8.45
C HIS H 155 -41.37 -66.50 -9.93
N VAL H 156 -42.57 -66.62 -10.51
CA VAL H 156 -42.73 -67.03 -11.91
C VAL H 156 -42.21 -66.01 -12.94
N GLU H 157 -41.92 -66.49 -14.15
CA GLU H 157 -41.47 -65.66 -15.26
C GLU H 157 -41.83 -66.32 -16.61
N LEU H 158 -43.09 -66.17 -17.04
CA LEU H 158 -43.63 -66.86 -18.22
C LEU H 158 -43.07 -66.34 -19.53
N SER H 159 -42.56 -67.25 -20.37
CA SER H 159 -41.92 -66.87 -21.63
C SER H 159 -42.26 -67.86 -22.75
N TRP H 160 -41.80 -67.52 -23.96
CA TRP H 160 -42.17 -68.25 -25.18
C TRP H 160 -40.96 -68.78 -25.90
N TRP H 161 -41.08 -69.98 -26.45
CA TRP H 161 -39.98 -70.63 -27.15
C TRP H 161 -40.43 -71.25 -28.43
N GLU H 166 -36.07 -68.45 -27.96
CA GLU H 166 -36.85 -67.38 -27.34
C GLU H 166 -37.42 -66.44 -28.40
N VAL H 167 -38.65 -65.98 -28.17
CA VAL H 167 -39.33 -65.06 -29.07
C VAL H 167 -39.73 -63.77 -28.35
N HIS H 168 -38.74 -62.89 -28.16
CA HIS H 168 -38.95 -61.60 -27.50
C HIS H 168 -39.56 -60.58 -28.43
N SER H 169 -40.42 -61.05 -29.34
CA SER H 169 -41.07 -60.20 -30.33
C SER H 169 -42.54 -60.57 -30.49
N GLY H 170 -43.40 -59.56 -30.36
CA GLY H 170 -44.86 -59.75 -30.52
C GLY H 170 -45.57 -60.06 -29.21
N VAL H 171 -44.85 -60.71 -28.31
CA VAL H 171 -45.41 -61.13 -27.02
C VAL H 171 -45.29 -60.05 -25.97
N CYS H 172 -46.35 -59.89 -25.17
CA CYS H 172 -46.31 -59.00 -24.02
C CYS H 172 -46.85 -59.71 -22.76
N THR H 173 -46.51 -59.16 -21.60
CA THR H 173 -46.87 -59.75 -20.31
C THR H 173 -47.37 -58.66 -19.35
N ASP H 174 -48.20 -59.05 -18.40
CA ASP H 174 -48.70 -58.13 -17.37
C ASP H 174 -47.55 -57.54 -16.52
N PRO H 175 -47.73 -56.29 -16.05
CA PRO H 175 -46.71 -55.57 -15.26
C PRO H 175 -46.42 -56.16 -13.86
N GLN H 176 -47.39 -56.88 -13.30
CA GLN H 176 -47.27 -57.54 -12.00
C GLN H 176 -48.43 -58.54 -11.84
N PRO H 177 -48.16 -59.71 -11.23
CA PRO H 177 -49.21 -60.72 -11.05
C PRO H 177 -50.41 -60.22 -10.23
N LEU H 178 -51.56 -60.83 -10.44
CA LEU H 178 -52.79 -60.47 -9.72
C LEU H 178 -53.13 -61.51 -8.67
N LYS H 179 -53.20 -61.07 -7.41
CA LYS H 179 -53.54 -61.94 -6.28
C LYS H 179 -54.97 -62.46 -6.42
N GLU H 180 -55.08 -63.78 -6.63
CA GLU H 180 -56.36 -64.46 -6.89
C GLU H 180 -57.40 -64.20 -5.80
N GLN H 181 -56.97 -64.31 -4.55
CA GLN H 181 -57.84 -64.05 -3.40
C GLN H 181 -57.26 -62.90 -2.56
N PRO H 182 -57.55 -61.63 -2.96
CA PRO H 182 -56.93 -60.46 -2.34
C PRO H 182 -57.25 -60.28 -0.86
N ALA H 183 -58.42 -60.77 -0.43
CA ALA H 183 -58.89 -60.62 0.95
C ALA H 183 -58.08 -61.44 1.97
N LEU H 184 -57.27 -62.38 1.48
CA LEU H 184 -56.45 -63.24 2.34
C LEU H 184 -54.98 -62.83 2.34
N ASN H 185 -54.28 -63.13 3.43
CA ASN H 185 -52.86 -62.82 3.59
C ASN H 185 -51.95 -63.72 2.76
N ASP H 186 -52.21 -65.02 2.82
CA ASP H 186 -51.44 -66.01 2.06
C ASP H 186 -52.20 -66.42 0.79
N SER H 187 -52.26 -65.49 -0.17
CA SER H 187 -53.03 -65.67 -1.39
C SER H 187 -52.18 -66.13 -2.58
N ARG H 188 -52.79 -66.91 -3.46
CA ARG H 188 -52.16 -67.31 -4.72
C ARG H 188 -52.27 -66.18 -5.74
N TYR H 189 -51.32 -66.15 -6.70
CA TYR H 189 -51.25 -65.08 -7.71
C TYR H 189 -51.48 -65.59 -9.14
N SER H 190 -52.07 -64.74 -9.99
CA SER H 190 -52.31 -65.08 -11.40
C SER H 190 -51.86 -63.97 -12.35
N LEU H 191 -50.98 -64.32 -13.30
CA LEU H 191 -50.47 -63.38 -14.30
C LEU H 191 -50.83 -63.79 -15.72
N SER H 192 -50.99 -62.80 -16.60
CA SER H 192 -51.40 -63.02 -18.00
C SER H 192 -50.29 -62.64 -18.98
N SER H 193 -50.22 -63.36 -20.11
CA SER H 193 -49.22 -63.10 -21.14
C SER H 193 -49.71 -63.57 -22.50
N ARG H 194 -49.83 -62.64 -23.45
CA ARG H 194 -50.31 -62.98 -24.79
C ARG H 194 -49.24 -62.78 -25.86
N LEU H 195 -49.30 -63.64 -26.88
CA LEU H 195 -48.48 -63.49 -28.08
C LEU H 195 -49.40 -63.31 -29.30
N ARG H 196 -49.03 -62.41 -30.21
CA ARG H 196 -49.82 -62.17 -31.43
C ARG H 196 -49.20 -62.90 -32.61
N VAL H 197 -50.03 -63.67 -33.32
CA VAL H 197 -49.59 -64.48 -34.47
C VAL H 197 -50.34 -64.12 -35.75
N SER H 198 -49.68 -64.32 -36.89
CA SER H 198 -50.27 -63.99 -38.19
C SER H 198 -51.24 -65.06 -38.67
N ALA H 199 -51.85 -64.82 -39.83
CA ALA H 199 -52.72 -65.80 -40.49
C ALA H 199 -51.88 -66.95 -41.07
N THR H 200 -50.62 -66.65 -41.38
CA THR H 200 -49.68 -67.64 -41.90
C THR H 200 -48.93 -68.35 -40.77
N PHE H 201 -48.96 -67.78 -39.57
CA PHE H 201 -48.34 -68.38 -38.39
C PHE H 201 -49.31 -69.23 -37.58
N TRP H 202 -50.58 -68.80 -37.54
CA TRP H 202 -51.62 -69.49 -36.80
C TRP H 202 -52.10 -70.74 -37.48
N GLN H 203 -52.18 -70.70 -38.81
CA GLN H 203 -52.76 -71.81 -39.61
C GLN H 203 -51.78 -72.95 -39.93
N ASN H 204 -50.49 -72.74 -39.63
CA ASN H 204 -49.43 -73.71 -39.90
C ASN H 204 -49.40 -74.87 -38.90
N PRO H 205 -49.54 -76.11 -39.40
CA PRO H 205 -49.44 -77.31 -38.55
C PRO H 205 -48.05 -77.51 -37.93
N ARG H 206 -47.02 -77.03 -38.62
CA ARG H 206 -45.65 -77.11 -38.13
C ARG H 206 -45.26 -75.86 -37.36
N ARG H 210 -43.86 -73.47 -27.00
CA ARG H 210 -43.81 -73.74 -25.57
C ARG H 210 -43.92 -72.46 -24.74
N CYS H 211 -44.90 -72.45 -23.83
CA CYS H 211 -45.07 -71.38 -22.86
C CYS H 211 -44.57 -71.88 -21.51
N GLN H 212 -43.30 -71.62 -21.21
CA GLN H 212 -42.74 -72.04 -19.92
C GLN H 212 -42.62 -70.86 -18.97
N VAL H 213 -42.94 -71.12 -17.70
CA VAL H 213 -42.83 -70.11 -16.65
C VAL H 213 -41.75 -70.51 -15.66
N GLN H 214 -40.66 -69.76 -15.64
CA GLN H 214 -39.55 -69.99 -14.71
C GLN H 214 -39.98 -69.64 -13.29
N PHE H 215 -40.12 -70.67 -12.46
CA PHE H 215 -40.61 -70.53 -11.09
C PHE H 215 -39.52 -70.88 -10.09
N TYR H 216 -39.52 -70.20 -8.94
CA TYR H 216 -38.57 -70.45 -7.86
C TYR H 216 -39.31 -70.82 -6.57
N GLY H 217 -39.21 -72.09 -6.16
CA GLY H 217 -39.92 -72.60 -4.99
C GLY H 217 -39.01 -72.86 -3.80
N LEU H 218 -38.99 -74.10 -3.34
CA LEU H 218 -38.13 -74.50 -2.22
C LEU H 218 -36.73 -74.89 -2.69
N SER H 219 -35.73 -74.66 -1.84
CA SER H 219 -34.33 -74.93 -2.19
C SER H 219 -33.99 -76.41 -2.11
N GLU H 220 -32.83 -76.77 -2.67
CA GLU H 220 -32.36 -78.16 -2.69
C GLU H 220 -31.91 -78.69 -1.33
N ASN H 221 -31.84 -77.81 -0.33
CA ASN H 221 -31.46 -78.20 1.04
C ASN H 221 -32.59 -78.05 2.06
N ASP H 222 -33.81 -78.40 1.65
CA ASP H 222 -35.00 -78.30 2.49
C ASP H 222 -35.76 -79.62 2.62
N GLU H 223 -36.26 -79.88 3.83
CA GLU H 223 -37.00 -81.10 4.12
C GLU H 223 -38.46 -81.01 3.63
C1 NAG I . -17.69 -24.48 -10.17
C2 NAG I . -19.06 -24.93 -10.71
C3 NAG I . -19.07 -24.81 -12.23
C4 NAG I . -18.62 -23.43 -12.71
C5 NAG I . -17.33 -23.00 -11.99
C6 NAG I . -16.91 -21.57 -12.31
C7 NAG I . -20.30 -26.61 -9.46
C8 NAG I . -20.44 -28.07 -9.13
N2 NAG I . -19.32 -26.29 -10.30
O3 NAG I . -20.38 -25.10 -12.69
O4 NAG I . -18.35 -23.49 -14.09
O5 NAG I . -17.45 -23.15 -10.58
O6 NAG I . -17.66 -20.62 -11.58
O7 NAG I . -21.07 -25.81 -8.94
C1 NAG I . -19.31 -22.77 -14.90
C2 NAG I . -18.87 -22.89 -16.37
C3 NAG I . -19.81 -22.12 -17.30
C4 NAG I . -21.30 -22.46 -17.03
C5 NAG I . -21.66 -22.76 -15.57
C6 NAG I . -22.79 -23.79 -15.55
C7 NAG I . -16.89 -21.34 -16.35
C8 NAG I . -15.43 -21.28 -16.66
N2 NAG I . -17.47 -22.53 -16.57
O3 NAG I . -19.50 -22.44 -18.64
O4 NAG I . -22.10 -21.39 -17.50
O5 NAG I . -20.62 -23.29 -14.77
O6 NAG I . -24.05 -23.18 -15.58
O7 NAG I . -17.48 -20.35 -15.91
C1 NAG J . 9.76 25.16 12.32
C2 NAG J . 9.65 26.05 13.55
C3 NAG J . 10.48 25.51 14.71
C4 NAG J . 10.18 24.02 14.96
C5 NAG J . 10.23 23.27 13.63
C6 NAG J . 9.91 21.78 13.71
C7 NAG J . 9.18 28.38 13.09
C8 NAG J . 9.76 29.73 12.75
N2 NAG J . 10.07 27.40 13.22
O3 NAG J . 10.23 26.28 15.86
O4 NAG J . 11.19 23.53 15.81
O5 NAG J . 9.35 23.86 12.68
O6 NAG J . 9.67 21.31 12.39
O7 NAG J . 7.97 28.24 13.23
C1 NAG J . 10.77 23.23 17.16
C2 NAG J . 11.99 22.61 17.83
C3 NAG J . 11.83 22.32 19.34
C4 NAG J . 10.74 23.13 20.07
C5 NAG J . 9.83 24.01 19.19
C6 NAG J . 9.56 25.33 19.90
C7 NAG J . 11.83 20.33 16.72
C8 NAG J . 10.40 20.05 17.12
N2 NAG J . 12.47 21.45 17.07
O3 NAG J . 13.06 22.59 19.97
O4 NAG J . 10.00 22.21 20.84
O5 NAG J . 10.37 24.34 17.93
O6 NAG J . 8.18 25.62 19.81
O7 NAG J . 12.42 19.49 16.05
C1 BMA J . 9.74 22.72 22.17
C2 BMA J . 8.92 21.78 23.04
C3 BMA J . 8.45 22.52 24.31
C4 BMA J . 9.49 23.46 24.94
C5 BMA J . 10.47 24.09 23.93
C6 BMA J . 11.70 24.67 24.63
O2 BMA J . 9.69 20.63 23.41
O3 BMA J . 8.02 21.57 25.29
O4 BMA J . 8.79 24.51 25.62
O5 BMA J . 10.89 23.15 22.93
O6 BMA J . 11.61 26.10 24.65
C1 FUC J . 10.70 20.41 11.90
C2 FUC J . 10.13 19.55 10.76
C3 FUC J . 10.04 20.35 9.46
C4 FUC J . 11.39 20.98 9.12
C5 FUC J . 11.81 21.85 10.32
C6 FUC J . 13.07 22.68 10.07
O2 FUC J . 8.86 19.05 11.09
O3 FUC J . 9.56 19.55 8.41
O4 FUC J . 12.36 19.98 8.85
O5 FUC J . 11.92 21.04 11.49
C1 NAG K . 13.17 -48.70 -9.93
C2 NAG K . 13.93 -50.03 -9.99
C3 NAG K . 14.72 -50.31 -8.69
C4 NAG K . 15.47 -49.10 -8.17
C5 NAG K . 14.57 -47.87 -8.16
C6 NAG K . 15.35 -46.63 -7.73
C7 NAG K . 13.04 -51.93 -11.31
C8 NAG K . 11.96 -52.97 -11.36
N2 NAG K . 12.99 -51.11 -10.25
O3 NAG K . 15.66 -51.33 -8.94
O5 NAG K . 14.02 -47.66 -9.45
O6 NAG K . 15.78 -46.78 -6.40
O7 NAG K . 13.89 -51.86 -12.19
C1 NAG L . 4.35 -46.12 -1.69
C2 NAG L . 5.42 -47.21 -1.74
C3 NAG L . 4.94 -48.51 -2.40
C4 NAG L . 3.60 -48.98 -1.84
C5 NAG L . 2.62 -47.80 -1.91
C6 NAG L . 1.27 -48.16 -1.31
C7 NAG L . 7.65 -46.21 -1.83
C8 NAG L . 8.79 -45.77 -2.71
N2 NAG L . 6.60 -46.74 -2.44
O3 NAG L . 5.87 -49.55 -2.23
O4 NAG L . 3.13 -50.11 -2.54
O5 NAG L . 3.14 -46.67 -1.21
O6 NAG L . 1.40 -48.48 0.06
O7 NAG L . 7.73 -46.06 -0.61
C17 SGF M . 2.90 -38.56 -18.65
C16 SGF M . 1.66 -37.66 -18.67
C15 SGF M . 1.58 -36.79 -17.41
C14 SGF M . 0.70 -35.55 -17.66
C13 SGF M . 0.35 -34.85 -16.35
C12 SGF M . -1.15 -34.63 -16.20
C11 SGF M . -1.66 -35.22 -14.89
C10 SGF M . -3.16 -35.51 -14.98
C9 SGF M . -3.93 -34.73 -13.91
C8 SGF M . -5.12 -35.53 -13.41
C7 SGF M . -4.93 -35.94 -11.95
C6 SGF M . -6.24 -36.43 -11.33
C5 SGF M . -6.24 -37.95 -11.14
C4 SGF M . -7.48 -38.48 -11.42
C3 SGF M . -7.58 -39.79 -11.87
C2 SGF M . -8.97 -40.37 -12.18
O1 SGF M . -8.93 -41.07 -13.43
C1 SGF M . -9.42 -41.34 -11.08
C SGF M . -10.95 -41.44 -11.02
O SGF M . -11.53 -41.93 -12.24
C43 SGF M . -11.96 -43.27 -12.00
C44 SGF M . -13.33 -43.56 -12.64
O3 SGF M . -14.32 -42.68 -12.11
O6 SGF M . -10.96 -44.19 -12.51
C47 SGF M . -11.25 -45.54 -12.08
C48 SGF M . -10.08 -46.47 -12.45
O7 SGF M . -8.97 -46.20 -11.58
C46 SGF M . -12.58 -45.99 -12.71
O5 SGF M . -12.43 -46.06 -14.14
C45 SGF M . -13.71 -45.01 -12.35
O4 SGF M . -14.90 -45.35 -13.07
S SGF M . -15.99 -45.68 -12.19
O10 SGF M . -17.17 -46.13 -13.02
O9 SGF M . -15.59 -46.82 -11.30
O8 SGF M . -16.38 -44.49 -11.37
N SGF M . -8.93 -40.88 -9.76
C1 PLM N . -6.85 -32.11 -5.52
O1 PLM N . -5.70 -32.11 -5.02
O2 PLM N . -7.31 -33.11 -6.14
C2 PLM N . -7.71 -30.86 -5.39
C3 PLM N . -8.16 -30.62 -3.96
C4 PLM N . -8.06 -29.14 -3.57
C5 PLM N . -9.10 -28.74 -2.53
C6 PLM N . -8.51 -28.62 -1.13
C7 PLM N . -9.59 -28.76 -0.06
C8 PLM N . -9.36 -30.03 0.77
C9 PLM N . -9.04 -29.70 2.24
CA PLM N . -8.43 -30.89 2.97
CB PLM N . -6.91 -30.76 3.12
CC PLM N . -6.20 -32.11 3.11
CD PLM N . -4.96 -32.10 2.22
CE PLM N . -5.03 -33.20 1.15
CF PLM N . -4.16 -32.87 -0.05
CG PLM N . -3.96 -34.06 -0.97
C1 NAG O . 39.79 27.35 -13.27
C2 NAG O . 40.85 27.74 -14.29
C3 NAG O . 40.31 27.66 -15.71
C4 NAG O . 39.58 26.34 -15.94
C5 NAG O . 38.60 26.06 -14.81
C6 NAG O . 37.92 24.71 -15.00
C7 NAG O . 42.57 29.45 -14.35
C8 NAG O . 42.95 30.86 -14.02
N2 NAG O . 41.34 29.08 -14.02
O3 NAG O . 41.38 27.77 -16.62
O4 NAG O . 38.88 26.41 -17.16
O5 NAG O . 39.28 26.07 -13.58
O6 NAG O . 36.66 24.72 -14.36
O7 NAG O . 43.37 28.71 -14.91
C1 NAG P . 28.40 32.09 -12.98
C2 NAG P . 29.70 32.36 -13.72
C3 NAG P . 30.51 33.53 -13.16
C4 NAG P . 29.67 34.74 -12.75
C5 NAG P . 28.41 34.28 -12.00
C6 NAG P . 27.44 35.44 -11.79
C7 NAG P . 30.60 30.33 -14.73
C8 NAG P . 31.40 29.08 -14.51
N2 NAG P . 30.45 31.12 -13.67
O3 NAG P . 31.44 33.97 -14.12
O4 NAG P . 30.44 35.65 -11.98
O5 NAG P . 27.72 33.32 -12.77
O6 NAG P . 26.46 35.44 -12.81
O7 NAG P . 30.13 30.57 -15.84
C17 SGF Q . 34.80 23.65 2.13
C16 SGF Q . 33.43 23.08 1.73
C15 SGF Q . 32.51 22.92 2.94
C14 SGF Q . 31.34 21.98 2.62
C13 SGF Q . 30.32 21.98 3.75
C12 SGF Q . 28.89 22.16 3.22
C11 SGF Q . 28.38 23.58 3.50
C10 SGF Q . 26.99 23.55 4.14
C9 SGF Q . 26.52 24.96 4.50
C8 SGF Q . 25.31 25.37 3.66
C7 SGF Q . 25.41 26.84 3.25
C6 SGF Q . 24.09 27.58 3.47
C5 SGF Q . 24.09 28.90 2.71
C4 SGF Q . 23.97 29.99 3.58
C3 SGF Q . 24.80 31.09 3.42
C2 SGF Q . 24.66 32.30 4.37
O1 SGF Q . 25.96 32.72 4.80
C1 SGF Q . 23.97 33.46 3.66
C SGF Q . 23.39 34.46 4.67
O SGF Q . 24.30 34.89 5.68
C43 SGF Q . 24.44 36.30 5.54
C44 SGF Q . 24.07 37.04 6.84
O3 SGF Q . 22.67 36.96 7.06
O6 SGF Q . 25.81 36.53 5.12
C47 SGF Q . 26.02 37.94 4.86
C48 SGF Q . 27.36 38.15 4.15
O7 SGF Q . 27.20 37.82 2.77
C46 SGF Q . 25.90 38.66 6.20
O5 SGF Q . 26.85 38.10 7.14
C45 SGF Q . 24.49 38.51 6.76
O4 SGF Q . 24.39 39.11 8.06
S SGF Q . 23.68 40.37 8.07
O10 SGF Q . 22.22 40.13 7.75
O9 SGF Q . 23.79 40.99 9.43
O8 SGF Q . 24.28 41.34 7.09
N SGF Q . 22.88 32.98 2.79
C1 PLM R . 18.63 27.68 1.00
O1 PLM R . 18.44 28.83 1.45
O2 PLM R . 19.67 27.03 1.28
C2 PLM R . 17.59 27.05 0.08
C3 PLM R . 18.23 26.37 -1.15
C4 PLM R . 17.19 26.06 -2.24
C5 PLM R . 17.79 26.01 -3.66
C6 PLM R . 17.25 27.12 -4.58
C7 PLM R . 16.11 26.66 -5.47
C8 PLM R . 15.03 27.74 -5.72
C9 PLM R . 13.84 27.17 -6.47
CA PLM R . 12.59 28.06 -6.43
CB PLM R . 11.30 27.28 -6.18
CC PLM R . 10.41 27.96 -5.13
CD PLM R . 10.04 27.02 -3.98
CE PLM R . 10.38 27.58 -2.59
CF PLM R . 10.47 26.48 -1.52
CG PLM R . 11.89 26.25 -1.04
#